data_3RPN
#
_entry.id   3RPN
#
_cell.length_a   66.364
_cell.length_b   199.821
_cell.length_c   66.714
_cell.angle_alpha   90.00
_cell.angle_beta   116.12
_cell.angle_gamma   90.00
#
_symmetry.space_group_name_H-M   'P 1 21 1'
#
loop_
_entity.id
_entity.type
_entity.pdbx_description
1 polymer 'Glutathione S-transferase kappa 1'
2 non-polymer S-HEXYLGLUTATHIONE
3 water water
#
_entity_poly.entity_id   1
_entity_poly.type   'polypeptide(L)'
_entity_poly.pdbx_seq_one_letter_code
;MGPLPRTVELFYDVLSPYSWLGFEILCRYQNIWNINLQLRPSLITGIMKDSGNKPPGLLPRKGLYMANDLKLLRHHLQIP
IHFPKDFLSVMLEKGSLSAMRFLTAVNLEHPEMLEKASRELWMRVWSRNEDITEPQSILAAAEKAGMSAEQAQGLLEKIA
TPKVKNQLKETTEAACRYGAFGLPITVAHVDGQTHMLFGSDRMELLAHLLGEKWMGPIPPAVNARLLEHHHHHH
;
_entity_poly.pdbx_strand_id   A,B,C,D,E,F
#
# COMPACT_ATOMS: atom_id res chain seq x y z
N GLY A 2 45.52 -42.86 -22.06
CA GLY A 2 45.00 -42.73 -20.70
C GLY A 2 46.06 -42.98 -19.66
N PRO A 3 46.31 -41.97 -18.80
CA PRO A 3 47.27 -42.05 -17.70
C PRO A 3 46.59 -42.38 -16.37
N LEU A 4 47.35 -42.34 -15.29
CA LEU A 4 46.80 -42.59 -13.96
C LEU A 4 45.86 -41.46 -13.57
N PRO A 5 44.88 -41.74 -12.70
CA PRO A 5 43.94 -40.71 -12.23
C PRO A 5 44.63 -39.56 -11.48
N ARG A 6 44.06 -38.36 -11.59
CA ARG A 6 44.55 -37.20 -10.86
C ARG A 6 43.79 -37.09 -9.53
N THR A 7 44.50 -36.95 -8.43
CA THR A 7 43.84 -36.71 -7.13
C THR A 7 43.26 -35.29 -7.04
N VAL A 8 42.00 -35.22 -6.64
CA VAL A 8 41.32 -33.94 -6.43
C VAL A 8 40.73 -33.96 -5.02
N GLU A 9 41.15 -33.02 -4.18
CA GLU A 9 40.62 -32.97 -2.82
C GLU A 9 39.53 -31.92 -2.74
N LEU A 10 38.39 -32.27 -2.14
CA LEU A 10 37.33 -31.31 -1.90
C LEU A 10 37.15 -31.08 -0.40
N PHE A 11 37.46 -29.88 0.07
CA PHE A 11 37.24 -29.53 1.48
C PHE A 11 35.89 -28.85 1.61
N TYR A 12 35.05 -29.34 2.52
CA TYR A 12 33.67 -28.87 2.58
C TYR A 12 33.14 -28.91 4.01
N ASP A 13 32.02 -28.20 4.23
CA ASP A 13 31.31 -28.16 5.51
C ASP A 13 29.83 -28.15 5.14
N VAL A 14 29.02 -28.97 5.82
CA VAL A 14 27.61 -29.07 5.44
C VAL A 14 26.85 -27.81 5.81
N LEU A 15 27.48 -26.93 6.58
CA LEU A 15 26.91 -25.61 6.86
C LEU A 15 26.88 -24.73 5.62
N SER A 16 27.75 -25.03 4.67
CA SER A 16 27.98 -24.18 3.51
C SER A 16 27.12 -24.62 2.33
N PRO A 17 26.25 -23.71 1.82
CA PRO A 17 25.41 -24.11 0.69
C PRO A 17 26.22 -24.29 -0.56
N TYR A 18 27.20 -23.42 -0.82
CA TYR A 18 28.01 -23.56 -2.03
C TYR A 18 28.88 -24.81 -1.99
N SER A 19 29.24 -25.28 -0.80
CA SER A 19 29.98 -26.54 -0.68
C SER A 19 29.15 -27.71 -1.22
N TRP A 20 27.85 -27.69 -0.96
CA TRP A 20 26.99 -28.74 -1.45
C TRP A 20 26.99 -28.74 -2.98
N LEU A 21 26.86 -27.56 -3.58
CA LEU A 21 26.86 -27.48 -5.06
C LEU A 21 28.16 -28.01 -5.66
N GLY A 22 29.30 -27.63 -5.10
CA GLY A 22 30.58 -28.12 -5.58
C GLY A 22 30.71 -29.63 -5.38
N PHE A 23 30.27 -30.09 -4.24
CA PHE A 23 30.32 -31.51 -3.88
C PHE A 23 29.55 -32.32 -4.92
N GLU A 24 28.35 -31.88 -5.27
CA GLU A 24 27.52 -32.66 -6.20
C GLU A 24 28.10 -32.68 -7.60
N ILE A 25 28.64 -31.55 -8.07
CA ILE A 25 29.27 -31.53 -9.38
C ILE A 25 30.45 -32.49 -9.45
N LEU A 26 31.31 -32.49 -8.43
CA LEU A 26 32.45 -33.39 -8.46
C LEU A 26 32.02 -34.84 -8.34
N CYS A 27 31.00 -35.12 -7.53
CA CYS A 27 30.52 -36.49 -7.40
C CYS A 27 29.98 -36.97 -8.74
N ARG A 28 29.33 -36.08 -9.48
CA ARG A 28 28.80 -36.45 -10.77
C ARG A 28 29.89 -36.71 -11.79
N TYR A 29 31.08 -36.14 -11.60
CA TYR A 29 32.17 -36.33 -12.56
C TYR A 29 33.19 -37.38 -12.13
N GLN A 30 33.04 -37.91 -10.92
CA GLN A 30 34.13 -38.69 -10.31
C GLN A 30 34.39 -40.02 -11.03
N ASN A 31 33.42 -40.52 -11.77
CA ASN A 31 33.61 -41.73 -12.55
C ASN A 31 33.50 -41.45 -14.05
N ILE A 32 33.56 -40.18 -14.41
CA ILE A 32 33.57 -39.77 -15.81
C ILE A 32 34.97 -39.25 -16.13
N TRP A 33 35.41 -38.25 -15.39
CA TRP A 33 36.79 -37.81 -15.50
C TRP A 33 37.73 -38.83 -14.89
N ASN A 34 38.99 -38.73 -15.25
CA ASN A 34 40.04 -39.60 -14.73
C ASN A 34 40.60 -38.98 -13.45
N ILE A 35 39.82 -39.03 -12.37
CA ILE A 35 40.27 -38.41 -11.12
C ILE A 35 40.08 -39.32 -9.92
N ASN A 36 40.82 -39.04 -8.86
CA ASN A 36 40.63 -39.71 -7.59
C ASN A 36 40.09 -38.68 -6.62
N LEU A 37 38.77 -38.69 -6.43
CA LEU A 37 38.12 -37.67 -5.61
C LEU A 37 38.26 -38.02 -4.13
N GLN A 38 38.93 -37.14 -3.38
CA GLN A 38 39.05 -37.30 -1.94
C GLN A 38 38.23 -36.25 -1.21
N LEU A 39 37.18 -36.71 -0.53
CA LEU A 39 36.35 -35.81 0.27
C LEU A 39 37.02 -35.48 1.62
N ARG A 40 37.05 -34.19 1.97
CA ARG A 40 37.76 -33.70 3.16
C ARG A 40 36.84 -32.87 4.05
N PRO A 41 36.11 -33.55 4.96
CA PRO A 41 35.21 -32.84 5.87
C PRO A 41 35.97 -31.83 6.73
N SER A 42 35.56 -30.56 6.67
CA SER A 42 36.26 -29.48 7.34
C SER A 42 35.32 -28.56 8.11
N LEU A 43 35.88 -27.68 8.93
CA LEU A 43 35.10 -26.70 9.68
C LEU A 43 35.27 -25.27 9.16
N ILE A 44 34.21 -24.69 8.58
CA ILE A 44 34.32 -23.32 8.11
C ILE A 44 34.70 -22.38 9.26
N THR A 45 34.19 -22.69 10.44
CA THR A 45 34.54 -21.94 11.64
C THR A 45 36.05 -21.83 11.86
N GLY A 46 36.75 -22.95 11.81
CA GLY A 46 38.20 -22.95 11.93
C GLY A 46 38.88 -22.15 10.84
N ILE A 47 38.39 -22.26 9.61
CA ILE A 47 39.00 -21.56 8.47
C ILE A 47 38.83 -20.03 8.60
N MET A 48 37.65 -19.61 9.03
CA MET A 48 37.39 -18.19 9.23
C MET A 48 38.32 -17.61 10.30
N LYS A 49 38.43 -18.32 11.41
CA LYS A 49 39.30 -17.91 12.52
C LYS A 49 40.75 -17.80 12.08
N ASP A 50 41.24 -18.81 11.37
CA ASP A 50 42.62 -18.85 10.94
C ASP A 50 42.95 -17.72 9.94
N SER A 51 42.01 -17.43 9.04
CA SER A 51 42.27 -16.50 7.96
C SER A 51 41.94 -15.06 8.35
N GLY A 52 41.18 -14.89 9.43
CA GLY A 52 40.69 -13.58 9.81
C GLY A 52 39.53 -13.12 8.94
N ASN A 53 38.91 -14.06 8.24
CA ASN A 53 37.77 -13.75 7.38
C ASN A 53 36.46 -13.86 8.16
N LYS A 54 35.36 -13.41 7.56
CA LYS A 54 34.05 -13.56 8.18
C LYS A 54 33.04 -14.04 7.13
N PRO A 55 32.00 -14.76 7.57
CA PRO A 55 30.94 -15.29 6.69
C PRO A 55 30.34 -14.20 5.80
N PRO A 56 30.38 -14.39 4.48
CA PRO A 56 29.96 -13.31 3.59
C PRO A 56 28.50 -12.97 3.79
N GLY A 57 27.70 -13.99 4.07
CA GLY A 57 26.27 -13.86 4.22
C GLY A 57 25.85 -12.91 5.31
N LEU A 58 26.77 -12.57 6.21
CA LEU A 58 26.47 -11.62 7.28
C LEU A 58 26.29 -10.19 6.77
N LEU A 59 27.00 -9.83 5.70
CA LEU A 59 26.78 -8.54 5.05
C LEU A 59 25.44 -8.64 4.32
N PRO A 60 24.47 -7.79 4.69
CA PRO A 60 23.11 -7.92 4.15
C PRO A 60 23.03 -7.91 2.63
N ARG A 61 23.79 -7.06 1.95
CA ARG A 61 23.79 -7.09 0.49
C ARG A 61 24.21 -8.46 -0.03
N LYS A 62 25.18 -9.08 0.61
CA LYS A 62 25.63 -10.40 0.18
C LYS A 62 24.63 -11.50 0.51
N GLY A 63 24.03 -11.41 1.69
CA GLY A 63 23.04 -12.40 2.09
C GLY A 63 21.83 -12.40 1.18
N LEU A 64 21.34 -11.21 0.83
CA LEU A 64 20.24 -11.10 -0.11
C LEU A 64 20.59 -11.71 -1.46
N TYR A 65 21.80 -11.44 -1.94
CA TYR A 65 22.22 -11.96 -3.23
C TYR A 65 22.31 -13.48 -3.20
N MET A 66 22.87 -14.03 -2.13
CA MET A 66 23.01 -15.48 -2.01
C MET A 66 21.64 -16.16 -2.14
N ALA A 67 20.61 -15.60 -1.52
CA ALA A 67 19.28 -16.20 -1.62
C ALA A 67 18.80 -16.21 -3.07
N ASN A 68 19.00 -15.10 -3.78
CA ASN A 68 18.69 -15.05 -5.21
C ASN A 68 19.49 -16.08 -6.03
N ASP A 69 20.80 -16.13 -5.77
CA ASP A 69 21.72 -16.95 -6.54
C ASP A 69 21.37 -18.43 -6.38
N LEU A 70 21.17 -18.87 -5.14
CA LEU A 70 20.87 -20.29 -4.88
C LEU A 70 19.54 -20.72 -5.47
N LYS A 71 18.57 -19.80 -5.49
CA LYS A 71 17.26 -20.09 -6.08
C LYS A 71 17.37 -20.41 -7.57
N LEU A 72 18.23 -19.68 -8.26
CA LEU A 72 18.55 -19.97 -9.65
C LEU A 72 19.41 -21.22 -9.82
N LEU A 73 20.42 -21.38 -8.96
CA LEU A 73 21.32 -22.51 -9.07
C LEU A 73 20.59 -23.83 -8.79
N ARG A 74 19.56 -23.77 -7.96
CA ARG A 74 18.75 -24.96 -7.67
C ARG A 74 18.31 -25.60 -8.97
N HIS A 75 17.81 -24.77 -9.88
CA HIS A 75 17.22 -25.25 -11.12
C HIS A 75 18.30 -25.59 -12.14
N HIS A 76 19.35 -24.78 -12.20
CA HIS A 76 20.44 -25.02 -13.14
C HIS A 76 21.19 -26.32 -12.85
N LEU A 77 21.40 -26.61 -11.57
CA LEU A 77 22.24 -27.74 -11.19
C LEU A 77 21.40 -28.94 -10.77
N GLN A 78 20.08 -28.74 -10.66
CA GLN A 78 19.17 -29.79 -10.18
C GLN A 78 19.58 -30.37 -8.83
N ILE A 79 19.74 -29.48 -7.86
CA ILE A 79 20.03 -29.84 -6.49
C ILE A 79 18.96 -29.13 -5.68
N PRO A 80 18.24 -29.86 -4.83
CA PRO A 80 17.08 -29.25 -4.16
C PRO A 80 17.46 -28.37 -2.99
N ILE A 81 18.25 -27.33 -3.28
CA ILE A 81 18.70 -26.42 -2.25
C ILE A 81 17.63 -25.35 -2.02
N HIS A 82 17.31 -25.08 -0.76
CA HIS A 82 16.26 -24.11 -0.41
C HIS A 82 16.81 -23.19 0.67
N PHE A 83 16.70 -21.88 0.47
CA PHE A 83 17.18 -20.92 1.44
C PHE A 83 16.26 -21.06 2.66
N PRO A 84 16.83 -20.93 3.87
CA PRO A 84 16.04 -21.14 5.09
C PRO A 84 14.94 -20.09 5.28
N LYS A 85 13.83 -20.49 5.89
CA LYS A 85 12.75 -19.57 6.21
C LYS A 85 13.22 -18.51 7.20
N ASP A 86 13.87 -18.97 8.28
CA ASP A 86 14.41 -18.07 9.29
C ASP A 86 15.69 -17.44 8.76
N PHE A 87 16.19 -16.43 9.46
CA PHE A 87 17.39 -15.74 9.01
C PHE A 87 18.62 -16.66 9.03
N LEU A 88 19.60 -16.35 8.18
CA LEU A 88 20.82 -17.14 8.04
C LEU A 88 21.59 -17.16 9.34
N SER A 89 21.62 -16.00 10.00
CA SER A 89 22.33 -15.86 11.27
C SER A 89 21.92 -16.93 12.26
N VAL A 90 20.68 -17.37 12.20
CA VAL A 90 20.20 -18.38 13.15
C VAL A 90 20.89 -19.72 12.85
N MET A 91 20.88 -20.12 11.58
CA MET A 91 21.50 -21.38 11.18
C MET A 91 23.00 -21.33 11.42
N LEU A 92 23.60 -20.20 11.05
CA LEU A 92 25.03 -19.97 11.28
C LEU A 92 25.39 -20.08 12.76
N GLU A 93 24.58 -19.45 13.62
CA GLU A 93 24.81 -19.49 15.06
C GLU A 93 24.71 -20.90 15.65
N LYS A 94 23.78 -21.70 15.15
CA LYS A 94 23.66 -23.09 15.57
C LYS A 94 24.88 -23.89 15.09
N GLY A 95 25.30 -23.64 13.86
CA GLY A 95 26.54 -24.22 13.35
C GLY A 95 26.44 -25.69 12.99
N SER A 96 27.60 -26.32 12.81
CA SER A 96 27.64 -27.67 12.27
C SER A 96 28.73 -28.51 12.90
N LEU A 97 29.18 -28.11 14.08
CA LEU A 97 30.28 -28.82 14.73
C LEU A 97 30.01 -30.33 14.89
N SER A 98 28.88 -30.69 15.48
CA SER A 98 28.59 -32.10 15.67
C SER A 98 28.49 -32.88 14.36
N ALA A 99 27.82 -32.29 13.37
CA ALA A 99 27.67 -32.93 12.07
C ALA A 99 29.04 -33.20 11.43
N MET A 100 29.92 -32.21 11.46
CA MET A 100 31.22 -32.34 10.80
C MET A 100 32.12 -33.31 11.59
N ARG A 101 31.92 -33.39 12.90
CA ARG A 101 32.66 -34.39 13.71
C ARG A 101 32.18 -35.78 13.35
N PHE A 102 30.87 -35.92 13.15
CA PHE A 102 30.28 -37.20 12.75
C PHE A 102 30.77 -37.65 11.38
N LEU A 103 30.85 -36.72 10.44
CA LEU A 103 31.38 -37.05 9.11
C LEU A 103 32.85 -37.44 9.18
N THR A 104 33.57 -36.86 10.14
CA THR A 104 34.97 -37.21 10.36
C THR A 104 35.08 -38.65 10.85
N ALA A 105 34.21 -39.04 11.77
CA ALA A 105 34.23 -40.40 12.32
C ALA A 105 33.92 -41.40 11.21
N VAL A 106 32.99 -41.03 10.35
CA VAL A 106 32.68 -41.83 9.17
C VAL A 106 33.90 -42.01 8.28
N ASN A 107 34.61 -40.92 8.01
CA ASN A 107 35.78 -40.98 7.15
C ASN A 107 36.86 -41.89 7.76
N LEU A 108 36.92 -41.90 9.09
CA LEU A 108 37.93 -42.71 9.80
C LEU A 108 37.63 -44.21 9.77
N GLU A 109 36.34 -44.56 9.71
CA GLU A 109 35.94 -45.97 9.85
C GLU A 109 35.21 -46.58 8.64
N HIS A 110 34.37 -45.78 7.98
CA HIS A 110 33.62 -46.26 6.80
C HIS A 110 33.58 -45.19 5.72
N PRO A 111 34.74 -44.84 5.16
CA PRO A 111 34.83 -43.76 4.18
C PRO A 111 33.95 -44.02 2.96
N GLU A 112 33.56 -45.27 2.72
CA GLU A 112 32.73 -45.57 1.56
C GLU A 112 31.31 -45.04 1.76
N MET A 113 30.98 -44.70 3.00
CA MET A 113 29.68 -44.14 3.35
C MET A 113 29.69 -42.61 3.40
N LEU A 114 30.85 -42.00 3.19
CA LEU A 114 30.99 -40.56 3.46
C LEU A 114 30.18 -39.70 2.48
N GLU A 115 30.18 -40.06 1.21
CA GLU A 115 29.42 -39.28 0.22
C GLU A 115 27.94 -39.22 0.60
N LYS A 116 27.35 -40.38 0.84
CA LYS A 116 25.93 -40.41 1.21
C LYS A 116 25.61 -39.74 2.56
N ALA A 117 26.45 -39.97 3.57
CA ALA A 117 26.21 -39.33 4.86
C ALA A 117 26.26 -37.80 4.73
N SER A 118 27.21 -37.30 3.94
CA SER A 118 27.34 -35.86 3.73
C SER A 118 26.09 -35.32 3.02
N ARG A 119 25.66 -36.00 1.96
CA ARG A 119 24.50 -35.56 1.19
C ARG A 119 23.24 -35.50 2.06
N GLU A 120 23.04 -36.52 2.89
CA GLU A 120 21.87 -36.55 3.75
C GLU A 120 21.87 -35.42 4.79
N LEU A 121 23.04 -35.05 5.30
CA LEU A 121 23.11 -33.92 6.22
C LEU A 121 22.75 -32.60 5.52
N TRP A 122 23.29 -32.39 4.34
CA TRP A 122 22.92 -31.21 3.55
C TRP A 122 21.41 -31.20 3.28
N MET A 123 20.85 -32.39 3.05
CA MET A 123 19.41 -32.48 2.74
C MET A 123 18.58 -31.95 3.90
N ARG A 124 19.07 -32.19 5.12
CA ARG A 124 18.45 -31.62 6.32
C ARG A 124 18.58 -30.11 6.38
N VAL A 125 19.80 -29.63 6.51
CA VAL A 125 20.01 -28.21 6.76
C VAL A 125 19.70 -27.31 5.56
N TRP A 126 20.04 -27.77 4.36
CA TRP A 126 19.95 -26.90 3.18
C TRP A 126 18.84 -27.26 2.17
N SER A 127 18.05 -28.28 2.47
CA SER A 127 16.93 -28.62 1.58
C SER A 127 15.61 -28.51 2.32
N ARG A 128 15.48 -29.26 3.40
CA ARG A 128 14.23 -29.34 4.15
C ARG A 128 14.24 -28.41 5.34
N ASN A 129 15.33 -27.67 5.49
CA ASN A 129 15.46 -26.73 6.60
C ASN A 129 15.23 -27.39 7.96
N GLU A 130 15.97 -28.48 8.20
CA GLU A 130 15.91 -29.20 9.48
C GLU A 130 17.18 -29.02 10.30
N ASP A 131 17.08 -29.27 11.59
CA ASP A 131 18.21 -29.17 12.51
C ASP A 131 19.28 -30.22 12.20
N ILE A 132 20.55 -29.84 12.36
CA ILE A 132 21.64 -30.79 12.24
C ILE A 132 22.53 -30.82 13.48
N THR A 133 22.05 -30.21 14.56
CA THR A 133 22.84 -30.11 15.78
C THR A 133 22.49 -31.15 16.84
N GLU A 134 21.27 -31.67 16.81
CA GLU A 134 20.85 -32.65 17.80
C GLU A 134 21.22 -34.07 17.39
N PRO A 135 21.54 -34.92 18.37
CA PRO A 135 21.92 -36.32 18.14
C PRO A 135 20.94 -37.03 17.23
N GLN A 136 19.65 -36.88 17.52
CA GLN A 136 18.59 -37.52 16.74
C GLN A 136 18.59 -37.04 15.29
N SER A 137 18.94 -35.77 15.07
CA SER A 137 18.97 -35.24 13.70
C SER A 137 20.07 -35.91 12.87
N ILE A 138 21.23 -36.08 13.49
CA ILE A 138 22.37 -36.72 12.84
C ILE A 138 22.10 -38.21 12.57
N LEU A 139 21.55 -38.90 13.56
CA LEU A 139 21.20 -40.31 13.39
C LEU A 139 20.21 -40.48 12.24
N ALA A 140 19.26 -39.55 12.14
CA ALA A 140 18.25 -39.59 11.09
C ALA A 140 18.88 -39.49 9.71
N ALA A 141 19.83 -38.57 9.56
CA ALA A 141 20.53 -38.43 8.28
C ALA A 141 21.32 -39.69 7.96
N ALA A 142 22.00 -40.23 8.97
CA ALA A 142 22.83 -41.44 8.80
C ALA A 142 22.02 -42.66 8.39
N GLU A 143 20.88 -42.89 9.03
CA GLU A 143 19.99 -43.98 8.62
C GLU A 143 19.46 -43.76 7.20
N LYS A 144 19.21 -42.51 6.84
CA LYS A 144 18.81 -42.17 5.47
C LYS A 144 19.90 -42.56 4.47
N ALA A 145 21.15 -42.41 4.89
CA ALA A 145 22.28 -42.71 4.03
C ALA A 145 22.44 -44.22 3.80
N GLY A 146 21.73 -45.02 4.59
CA GLY A 146 21.82 -46.46 4.46
C GLY A 146 22.61 -47.12 5.57
N MET A 147 22.91 -46.34 6.61
CA MET A 147 23.67 -46.82 7.76
C MET A 147 22.74 -47.49 8.76
N SER A 148 23.11 -48.67 9.25
CA SER A 148 22.30 -49.33 10.27
C SER A 148 22.26 -48.45 11.52
N ALA A 149 21.22 -48.63 12.34
CA ALA A 149 21.10 -47.84 13.56
C ALA A 149 22.30 -48.06 14.46
N GLU A 150 22.65 -49.32 14.69
CA GLU A 150 23.81 -49.68 15.50
C GLU A 150 25.06 -48.94 15.01
N GLN A 151 25.32 -49.06 13.72
CA GLN A 151 26.46 -48.44 13.09
C GLN A 151 26.49 -46.93 13.34
N ALA A 152 25.35 -46.28 13.14
CA ALA A 152 25.25 -44.82 13.30
C ALA A 152 25.44 -44.39 14.75
N GLN A 153 24.82 -45.12 15.67
CA GLN A 153 24.95 -44.85 17.09
C GLN A 153 26.41 -44.86 17.53
N GLY A 154 27.13 -45.92 17.14
CA GLY A 154 28.52 -46.10 17.51
C GLY A 154 29.42 -44.95 17.07
N LEU A 155 29.24 -44.50 15.84
CA LEU A 155 30.02 -43.38 15.31
C LEU A 155 29.70 -42.10 16.07
N LEU A 156 28.42 -41.86 16.32
CA LEU A 156 27.99 -40.68 17.04
C LEU A 156 28.68 -40.61 18.40
N GLU A 157 28.82 -41.77 19.03
CA GLU A 157 29.48 -41.85 20.34
C GLU A 157 30.93 -41.38 20.32
N LYS A 158 31.53 -41.33 19.13
CA LYS A 158 32.94 -40.95 19.02
C LYS A 158 33.17 -39.48 18.67
N ILE A 159 32.09 -38.71 18.64
CA ILE A 159 32.16 -37.31 18.22
C ILE A 159 33.11 -36.47 19.05
N ALA A 160 33.22 -36.78 20.34
CA ALA A 160 34.03 -35.97 21.25
C ALA A 160 35.36 -36.61 21.59
N THR A 161 35.68 -37.73 20.95
CA THR A 161 36.94 -38.41 21.18
C THR A 161 38.09 -37.64 20.52
N PRO A 162 39.29 -37.68 21.13
CA PRO A 162 40.50 -37.00 20.65
C PRO A 162 40.77 -37.33 19.18
N LYS A 163 40.61 -38.60 18.85
CA LYS A 163 40.87 -39.09 17.50
C LYS A 163 40.05 -38.30 16.49
N VAL A 164 38.77 -38.17 16.76
CA VAL A 164 37.86 -37.49 15.83
C VAL A 164 38.09 -35.99 15.86
N LYS A 165 38.22 -35.43 17.06
CA LYS A 165 38.41 -33.99 17.20
C LYS A 165 39.69 -33.54 16.51
N ASN A 166 40.76 -34.30 16.70
CA ASN A 166 42.04 -33.99 16.09
C ASN A 166 42.02 -34.13 14.56
N GLN A 167 41.35 -35.15 14.06
CA GLN A 167 41.27 -35.36 12.61
C GLN A 167 40.55 -34.19 11.92
N LEU A 168 39.48 -33.71 12.53
CA LEU A 168 38.74 -32.59 11.95
C LEU A 168 39.61 -31.32 11.98
N LYS A 169 40.33 -31.12 13.08
CA LYS A 169 41.23 -29.98 13.19
C LYS A 169 42.33 -30.04 12.15
N GLU A 170 42.92 -31.22 11.97
CA GLU A 170 44.00 -31.39 11.02
C GLU A 170 43.55 -31.23 9.56
N THR A 171 42.37 -31.75 9.23
CA THR A 171 41.83 -31.55 7.89
C THR A 171 41.59 -30.05 7.64
N THR A 172 41.02 -29.37 8.64
CA THR A 172 40.70 -27.96 8.52
C THR A 172 41.98 -27.12 8.36
N GLU A 173 43.03 -27.48 9.09
CA GLU A 173 44.31 -26.78 8.91
C GLU A 173 45.00 -27.08 7.57
N ALA A 174 44.82 -28.28 7.03
CA ALA A 174 45.33 -28.57 5.69
C ALA A 174 44.72 -27.60 4.66
N ALA A 175 43.42 -27.38 4.78
CA ALA A 175 42.74 -26.39 3.92
C ALA A 175 43.37 -25.01 4.07
N CYS A 176 43.68 -24.64 5.32
CA CYS A 176 44.29 -23.34 5.57
C CYS A 176 45.67 -23.25 4.95
N ARG A 177 46.43 -24.34 5.05
CA ARG A 177 47.76 -24.41 4.47
C ARG A 177 47.69 -24.32 2.94
N TYR A 178 46.58 -24.78 2.37
CA TYR A 178 46.39 -24.67 0.93
C TYR A 178 45.93 -23.26 0.55
N GLY A 179 45.63 -22.43 1.55
CA GLY A 179 45.29 -21.04 1.32
C GLY A 179 43.82 -20.70 1.43
N ALA A 180 43.04 -21.57 2.05
CA ALA A 180 41.61 -21.33 2.23
C ALA A 180 41.30 -20.10 3.08
N PHE A 181 40.29 -19.35 2.65
CA PHE A 181 39.72 -18.28 3.46
C PHE A 181 38.22 -18.55 3.64
N GLY A 182 37.76 -19.66 3.07
CA GLY A 182 36.35 -20.03 3.11
C GLY A 182 36.22 -21.38 2.41
N LEU A 183 34.99 -21.85 2.23
CA LEU A 183 34.75 -23.14 1.59
C LEU A 183 33.66 -22.99 0.52
N PRO A 184 33.58 -23.94 -0.43
CA PRO A 184 34.47 -25.09 -0.59
C PRO A 184 35.81 -24.70 -1.22
N ILE A 185 36.85 -25.50 -1.00
CA ILE A 185 38.02 -25.43 -1.88
C ILE A 185 38.27 -26.76 -2.52
N THR A 186 38.73 -26.72 -3.77
CA THR A 186 39.08 -27.91 -4.53
C THR A 186 40.56 -27.84 -4.83
N VAL A 187 41.30 -28.89 -4.48
CA VAL A 187 42.74 -28.88 -4.70
C VAL A 187 43.07 -29.98 -5.70
N ALA A 188 43.53 -29.58 -6.88
CA ALA A 188 43.86 -30.54 -7.93
C ALA A 188 45.36 -30.73 -7.99
N HIS A 189 45.80 -31.98 -7.99
CA HIS A 189 47.21 -32.29 -8.12
C HIS A 189 47.38 -32.85 -9.52
N VAL A 190 47.97 -32.05 -10.40
CA VAL A 190 47.99 -32.45 -11.81
C VAL A 190 49.27 -31.98 -12.48
N ASP A 191 49.83 -32.86 -13.31
CA ASP A 191 51.06 -32.55 -14.03
C ASP A 191 52.10 -31.89 -13.12
N GLY A 192 52.30 -32.48 -11.94
CA GLY A 192 53.35 -32.07 -11.04
C GLY A 192 53.14 -30.76 -10.32
N GLN A 193 51.97 -30.15 -10.50
CA GLN A 193 51.65 -28.91 -9.80
C GLN A 193 50.38 -29.08 -8.96
N THR A 194 50.19 -28.18 -8.01
CA THR A 194 49.01 -28.18 -7.15
C THR A 194 48.24 -26.87 -7.30
N HIS A 195 46.94 -26.99 -7.58
CA HIS A 195 46.09 -25.81 -7.79
C HIS A 195 44.93 -25.83 -6.82
N MET A 196 44.75 -24.75 -6.07
CA MET A 196 43.60 -24.64 -5.20
C MET A 196 42.55 -23.71 -5.84
N LEU A 197 41.32 -24.20 -5.96
CA LEU A 197 40.21 -23.44 -6.53
C LEU A 197 39.12 -23.23 -5.47
N PHE A 198 38.63 -22.00 -5.34
CA PHE A 198 37.58 -21.67 -4.38
C PHE A 198 36.21 -21.59 -5.03
N GLY A 199 35.21 -22.18 -4.36
CA GLY A 199 33.84 -22.03 -4.79
C GLY A 199 33.34 -23.17 -5.66
N SER A 200 32.07 -23.08 -6.02
CA SER A 200 31.41 -24.09 -6.83
C SER A 200 31.43 -23.72 -8.31
N ASP A 201 32.01 -22.56 -8.60
CA ASP A 201 31.97 -22.01 -9.95
C ASP A 201 33.36 -22.03 -10.62
N ARG A 202 34.18 -23.02 -10.28
CA ARG A 202 35.47 -23.18 -10.93
C ARG A 202 35.64 -24.60 -11.47
N MET A 203 34.53 -25.32 -11.60
CA MET A 203 34.59 -26.69 -12.10
C MET A 203 34.91 -26.77 -13.60
N GLU A 204 34.46 -25.80 -14.39
CA GLU A 204 34.83 -25.76 -15.81
C GLU A 204 36.33 -25.45 -15.93
N LEU A 205 36.83 -24.58 -15.07
CA LEU A 205 38.26 -24.30 -15.05
C LEU A 205 39.05 -25.55 -14.63
N LEU A 206 38.53 -26.26 -13.62
CA LEU A 206 39.12 -27.55 -13.25
C LEU A 206 39.19 -28.52 -14.43
N ALA A 207 38.12 -28.64 -15.20
CA ALA A 207 38.11 -29.53 -16.35
C ALA A 207 39.25 -29.17 -17.30
N HIS A 208 39.42 -27.87 -17.53
CA HIS A 208 40.52 -27.31 -18.34
C HIS A 208 41.89 -27.74 -17.80
N LEU A 209 42.13 -27.55 -16.51
CA LEU A 209 43.42 -27.92 -15.89
C LEU A 209 43.72 -29.41 -16.00
N LEU A 210 42.66 -30.22 -15.95
CA LEU A 210 42.78 -31.67 -16.02
C LEU A 210 42.81 -32.18 -17.45
N GLY A 211 42.53 -31.29 -18.40
CA GLY A 211 42.43 -31.68 -19.80
C GLY A 211 41.21 -32.54 -20.06
N GLU A 212 40.18 -32.39 -19.24
CA GLU A 212 38.95 -33.17 -19.39
C GLU A 212 37.89 -32.33 -20.06
N LYS A 213 36.81 -32.96 -20.50
CA LYS A 213 35.72 -32.24 -21.16
C LYS A 213 34.64 -31.79 -20.19
N TRP A 214 34.37 -30.50 -20.18
CA TRP A 214 33.28 -29.98 -19.36
C TRP A 214 31.98 -30.17 -20.10
N MET A 215 31.01 -30.86 -19.48
CA MET A 215 29.72 -31.08 -20.10
C MET A 215 28.57 -30.44 -19.30
N GLY A 216 28.87 -29.34 -18.61
CA GLY A 216 27.86 -28.71 -17.78
C GLY A 216 27.80 -29.37 -16.42
N PRO A 217 27.01 -28.81 -15.51
CA PRO A 217 26.93 -29.31 -14.14
C PRO A 217 26.15 -30.62 -14.02
N ILE A 218 25.49 -31.02 -15.09
CA ILE A 218 24.76 -32.29 -15.10
C ILE A 218 25.24 -33.12 -16.27
N PRO A 219 26.41 -33.76 -16.13
CA PRO A 219 26.94 -34.53 -17.26
C PRO A 219 26.07 -35.74 -17.58
N PRO A 220 26.02 -36.15 -18.86
CA PRO A 220 25.19 -37.30 -19.23
C PRO A 220 25.84 -38.61 -18.78
N ALA A 221 25.03 -39.54 -18.29
CA ALA A 221 25.54 -40.84 -17.85
C ALA A 221 25.39 -41.90 -18.94
N GLY B 2 6.35 -30.64 -17.14
CA GLY B 2 7.44 -30.03 -16.39
C GLY B 2 7.29 -30.21 -14.90
N PRO B 3 7.82 -29.26 -14.10
CA PRO B 3 7.64 -29.32 -12.64
C PRO B 3 6.16 -29.52 -12.32
N LEU B 4 5.87 -30.27 -11.27
CA LEU B 4 4.48 -30.51 -10.90
C LEU B 4 3.84 -29.21 -10.40
N PRO B 5 2.55 -29.02 -10.70
CA PRO B 5 1.85 -27.81 -10.26
C PRO B 5 1.90 -27.64 -8.76
N ARG B 6 2.01 -26.39 -8.33
CA ARG B 6 2.02 -26.04 -6.93
C ARG B 6 0.58 -25.93 -6.42
N THR B 7 0.26 -26.68 -5.38
CA THR B 7 -1.03 -26.49 -4.75
C THR B 7 -1.12 -25.13 -4.06
N VAL B 8 -2.15 -24.37 -4.42
CA VAL B 8 -2.43 -23.11 -3.76
C VAL B 8 -3.84 -23.16 -3.22
N GLU B 9 -3.99 -23.12 -1.90
CA GLU B 9 -5.31 -23.14 -1.28
C GLU B 9 -5.76 -21.73 -0.95
N LEU B 10 -6.98 -21.40 -1.36
CA LEU B 10 -7.56 -20.10 -1.00
C LEU B 10 -8.70 -20.30 -0.02
N PHE B 11 -8.54 -19.90 1.24
CA PHE B 11 -9.63 -19.98 2.20
C PHE B 11 -10.40 -18.65 2.16
N TYR B 12 -11.72 -18.73 2.01
CA TYR B 12 -12.56 -17.55 1.80
C TYR B 12 -13.93 -17.68 2.43
N ASP B 13 -14.58 -16.54 2.66
CA ASP B 13 -15.95 -16.49 3.13
C ASP B 13 -16.62 -15.43 2.27
N VAL B 14 -17.82 -15.72 1.79
CA VAL B 14 -18.55 -14.78 0.92
C VAL B 14 -18.95 -13.50 1.65
N LEU B 15 -18.89 -13.54 2.99
CA LEU B 15 -19.18 -12.35 3.78
C LEU B 15 -18.03 -11.33 3.70
N SER B 16 -16.84 -11.78 3.29
CA SER B 16 -15.65 -10.95 3.28
C SER B 16 -15.42 -10.31 1.91
N PRO B 17 -15.39 -8.96 1.86
CA PRO B 17 -15.19 -8.33 0.54
C PRO B 17 -13.79 -8.57 0.00
N TYR B 18 -12.78 -8.55 0.86
CA TYR B 18 -11.41 -8.76 0.39
C TYR B 18 -11.19 -10.21 -0.07
N SER B 19 -11.92 -11.15 0.52
CA SER B 19 -11.87 -12.53 0.06
C SER B 19 -12.27 -12.61 -1.39
N TRP B 20 -13.28 -11.81 -1.77
CA TRP B 20 -13.74 -11.79 -3.16
C TRP B 20 -12.63 -11.29 -4.09
N LEU B 21 -11.95 -10.23 -3.68
CA LEU B 21 -10.85 -9.69 -4.48
C LEU B 21 -9.75 -10.73 -4.68
N GLY B 22 -9.34 -11.38 -3.60
CA GLY B 22 -8.29 -12.38 -3.69
C GLY B 22 -8.72 -13.56 -4.54
N PHE B 23 -9.98 -13.96 -4.39
CA PHE B 23 -10.58 -15.05 -5.16
C PHE B 23 -10.51 -14.77 -6.66
N GLU B 24 -10.96 -13.59 -7.11
CA GLU B 24 -10.93 -13.28 -8.55
C GLU B 24 -9.50 -13.22 -9.11
N ILE B 25 -8.56 -12.67 -8.34
CA ILE B 25 -7.18 -12.63 -8.83
C ILE B 25 -6.62 -14.03 -9.04
N LEU B 26 -6.80 -14.91 -8.07
CA LEU B 26 -6.33 -16.29 -8.26
C LEU B 26 -7.07 -17.01 -9.39
N CYS B 27 -8.38 -16.78 -9.52
CA CYS B 27 -9.13 -17.39 -10.61
C CYS B 27 -8.61 -16.93 -11.98
N ARG B 28 -8.22 -15.66 -12.08
CA ARG B 28 -7.64 -15.15 -13.31
C ARG B 28 -6.27 -15.77 -13.66
N TYR B 29 -5.52 -16.20 -12.64
CA TYR B 29 -4.21 -16.81 -12.86
C TYR B 29 -4.18 -18.34 -12.82
N GLN B 30 -5.31 -18.96 -12.52
CA GLN B 30 -5.34 -20.40 -12.29
C GLN B 30 -4.86 -21.22 -13.49
N ASN B 31 -5.07 -20.71 -14.69
CA ASN B 31 -4.61 -21.41 -15.90
C ASN B 31 -3.36 -20.81 -16.51
N ILE B 32 -2.90 -19.68 -15.96
CA ILE B 32 -1.68 -19.04 -16.41
C ILE B 32 -0.46 -19.56 -15.65
N TRP B 33 -0.53 -19.49 -14.32
CA TRP B 33 0.54 -19.99 -13.47
C TRP B 33 0.48 -21.51 -13.37
N ASN B 34 1.59 -22.12 -12.93
CA ASN B 34 1.64 -23.57 -12.78
C ASN B 34 1.19 -23.94 -11.38
N ILE B 35 -0.11 -23.77 -11.14
CA ILE B 35 -0.69 -24.04 -9.82
C ILE B 35 -1.89 -25.00 -9.92
N ASN B 36 -2.20 -25.59 -8.79
CA ASN B 36 -3.43 -26.37 -8.62
C ASN B 36 -4.24 -25.56 -7.62
N LEU B 37 -5.13 -24.70 -8.12
CA LEU B 37 -5.86 -23.81 -7.26
C LEU B 37 -6.98 -24.58 -6.56
N GLN B 38 -6.98 -24.53 -5.24
CA GLN B 38 -8.01 -25.23 -4.48
C GLN B 38 -8.80 -24.23 -3.65
N LEU B 39 -10.07 -24.04 -4.00
CA LEU B 39 -10.93 -23.11 -3.26
C LEU B 39 -11.50 -23.75 -2.00
N ARG B 40 -11.33 -23.09 -0.86
CA ARG B 40 -11.71 -23.65 0.45
C ARG B 40 -12.77 -22.81 1.14
N PRO B 41 -14.05 -23.16 0.94
CA PRO B 41 -15.12 -22.42 1.60
C PRO B 41 -14.97 -22.49 3.12
N SER B 42 -14.94 -21.33 3.76
CA SER B 42 -14.62 -21.27 5.18
C SER B 42 -15.55 -20.32 5.90
N LEU B 43 -15.48 -20.32 7.23
CA LEU B 43 -16.33 -19.45 8.04
C LEU B 43 -15.49 -18.47 8.84
N ILE B 44 -15.65 -17.18 8.52
CA ILE B 44 -14.88 -16.13 9.18
C ILE B 44 -15.18 -16.09 10.69
N THR B 45 -16.43 -16.34 11.08
CA THR B 45 -16.78 -16.30 12.50
C THR B 45 -16.00 -17.34 13.31
N GLY B 46 -15.78 -18.50 12.71
CA GLY B 46 -15.01 -19.56 13.33
C GLY B 46 -13.55 -19.19 13.50
N ILE B 47 -12.99 -18.53 12.48
CA ILE B 47 -11.62 -18.03 12.52
C ILE B 47 -11.47 -16.97 13.62
N MET B 48 -12.39 -16.03 13.64
CA MET B 48 -12.38 -14.99 14.64
C MET B 48 -12.42 -15.59 16.04
N LYS B 49 -13.35 -16.51 16.25
CA LYS B 49 -13.51 -17.12 17.57
C LYS B 49 -12.26 -17.88 18.00
N ASP B 50 -11.65 -18.60 17.06
CA ASP B 50 -10.48 -19.41 17.42
C ASP B 50 -9.25 -18.57 17.71
N SER B 51 -9.04 -17.52 16.91
CA SER B 51 -7.84 -16.70 17.03
C SER B 51 -7.95 -15.67 18.14
N GLY B 52 -9.19 -15.37 18.55
CA GLY B 52 -9.44 -14.32 19.52
C GLY B 52 -9.52 -12.94 18.89
N ASN B 53 -9.51 -12.91 17.55
CA ASN B 53 -9.57 -11.67 16.80
C ASN B 53 -10.99 -11.15 16.66
N LYS B 54 -11.13 -9.86 16.32
CA LYS B 54 -12.42 -9.23 16.04
C LYS B 54 -12.40 -8.60 14.65
N PRO B 55 -13.57 -8.49 13.99
CA PRO B 55 -13.64 -7.93 12.63
C PRO B 55 -13.09 -6.51 12.62
N PRO B 56 -12.23 -6.19 11.65
CA PRO B 56 -11.56 -4.88 11.59
C PRO B 56 -12.54 -3.73 11.51
N GLY B 57 -13.57 -3.88 10.69
CA GLY B 57 -14.54 -2.83 10.46
C GLY B 57 -15.37 -2.48 11.67
N LEU B 58 -15.09 -3.13 12.80
CA LEU B 58 -15.71 -2.74 14.06
C LEU B 58 -15.09 -1.46 14.58
N LEU B 59 -13.82 -1.23 14.27
CA LEU B 59 -13.17 0.01 14.64
C LEU B 59 -13.60 1.07 13.63
N PRO B 60 -14.16 2.17 14.12
CA PRO B 60 -14.65 3.29 13.28
C PRO B 60 -13.68 3.70 12.18
N ARG B 61 -12.43 3.97 12.57
CA ARG B 61 -11.40 4.39 11.63
C ARG B 61 -11.13 3.36 10.53
N LYS B 62 -11.12 2.08 10.91
CA LYS B 62 -10.92 1.01 9.92
C LYS B 62 -12.13 0.78 9.00
N GLY B 63 -13.33 0.86 9.57
CA GLY B 63 -14.54 0.74 8.78
C GLY B 63 -14.62 1.83 7.71
N LEU B 64 -14.31 3.07 8.11
CA LEU B 64 -14.33 4.18 7.16
C LEU B 64 -13.27 3.96 6.09
N TYR B 65 -12.09 3.53 6.52
CA TYR B 65 -11.01 3.30 5.56
C TYR B 65 -11.37 2.20 4.57
N MET B 66 -11.97 1.13 5.08
CA MET B 66 -12.32 -0.01 4.24
C MET B 66 -13.23 0.42 3.11
N ALA B 67 -14.17 1.29 3.41
CA ALA B 67 -15.07 1.75 2.37
C ALA B 67 -14.33 2.52 1.29
N ASN B 68 -13.39 3.41 1.67
CA ASN B 68 -12.59 4.13 0.68
C ASN B 68 -11.75 3.16 -0.16
N ASP B 69 -11.16 2.19 0.53
CA ASP B 69 -10.21 1.26 -0.07
C ASP B 69 -10.92 0.42 -1.13
N LEU B 70 -12.05 -0.18 -0.77
CA LEU B 70 -12.80 -1.02 -1.69
C LEU B 70 -13.29 -0.24 -2.89
N LYS B 71 -13.69 1.02 -2.68
CA LYS B 71 -14.14 1.84 -3.80
C LYS B 71 -13.02 2.07 -4.82
N LEU B 72 -11.78 2.21 -4.34
CA LEU B 72 -10.65 2.32 -5.26
C LEU B 72 -10.33 0.97 -5.91
N LEU B 73 -10.33 -0.09 -5.10
CA LEU B 73 -9.97 -1.41 -5.61
C LEU B 73 -10.94 -1.93 -6.66
N ARG B 74 -12.21 -1.56 -6.52
CA ARG B 74 -13.23 -1.89 -7.50
C ARG B 74 -12.74 -1.58 -8.90
N HIS B 75 -12.15 -0.40 -9.08
CA HIS B 75 -11.71 0.02 -10.41
C HIS B 75 -10.40 -0.60 -10.83
N HIS B 76 -9.46 -0.71 -9.89
CA HIS B 76 -8.17 -1.32 -10.16
C HIS B 76 -8.30 -2.78 -10.58
N LEU B 77 -9.14 -3.53 -9.85
CA LEU B 77 -9.30 -4.96 -10.08
C LEU B 77 -10.44 -5.27 -11.06
N GLN B 78 -11.22 -4.27 -11.44
CA GLN B 78 -12.42 -4.51 -12.25
C GLN B 78 -13.32 -5.60 -11.66
N ILE B 79 -13.70 -5.39 -10.42
CA ILE B 79 -14.68 -6.25 -9.74
C ILE B 79 -15.75 -5.31 -9.23
N PRO B 80 -17.03 -5.62 -9.52
CA PRO B 80 -18.15 -4.70 -9.27
C PRO B 80 -18.58 -4.67 -7.80
N ILE B 81 -17.61 -4.41 -6.92
CA ILE B 81 -17.85 -4.44 -5.49
C ILE B 81 -18.39 -3.08 -5.02
N HIS B 82 -19.45 -3.11 -4.23
CA HIS B 82 -20.10 -1.87 -3.79
C HIS B 82 -20.32 -1.93 -2.29
N PHE B 83 -19.75 -0.98 -1.56
CA PHE B 83 -19.97 -0.90 -0.12
C PHE B 83 -21.47 -0.70 0.10
N PRO B 84 -22.04 -1.38 1.11
CA PRO B 84 -23.50 -1.41 1.28
C PRO B 84 -24.10 -0.11 1.80
N LYS B 85 -25.33 0.18 1.39
CA LYS B 85 -26.06 1.37 1.78
C LYS B 85 -26.26 1.44 3.29
N ASP B 86 -26.71 0.33 3.86
CA ASP B 86 -26.88 0.24 5.32
C ASP B 86 -25.53 0.01 5.96
N PHE B 87 -25.47 0.09 7.29
CA PHE B 87 -24.19 -0.07 7.97
C PHE B 87 -23.65 -1.50 7.85
N LEU B 88 -22.33 -1.61 7.81
CA LEU B 88 -21.64 -2.90 7.75
C LEU B 88 -22.16 -3.84 8.84
N SER B 89 -22.41 -3.28 10.02
CA SER B 89 -22.89 -4.04 11.17
C SER B 89 -24.07 -4.92 10.85
N VAL B 90 -25.01 -4.39 10.07
CA VAL B 90 -26.23 -5.13 9.73
C VAL B 90 -25.90 -6.38 8.92
N MET B 91 -25.09 -6.22 7.87
CA MET B 91 -24.67 -7.33 7.03
C MET B 91 -23.94 -8.37 7.88
N LEU B 92 -23.04 -7.88 8.72
CA LEU B 92 -22.20 -8.75 9.53
C LEU B 92 -23.03 -9.56 10.52
N GLU B 93 -24.06 -8.92 11.08
CA GLU B 93 -24.92 -9.59 12.05
C GLU B 93 -25.76 -10.67 11.39
N LYS B 94 -26.15 -10.44 10.13
CA LYS B 94 -26.93 -11.43 9.38
C LYS B 94 -26.10 -12.65 9.01
N GLY B 95 -24.84 -12.41 8.66
CA GLY B 95 -23.90 -13.51 8.49
C GLY B 95 -23.98 -14.23 7.16
N SER B 96 -23.25 -15.34 7.06
CA SER B 96 -23.10 -16.05 5.79
C SER B 96 -23.17 -17.55 6.03
N LEU B 97 -23.72 -17.96 7.17
CA LEU B 97 -23.68 -19.37 7.56
C LEU B 97 -24.29 -20.30 6.50
N SER B 98 -25.51 -20.00 6.09
CA SER B 98 -26.22 -20.88 5.16
C SER B 98 -25.55 -20.89 3.78
N ALA B 99 -24.98 -19.75 3.41
CA ALA B 99 -24.32 -19.63 2.11
C ALA B 99 -23.05 -20.45 2.08
N MET B 100 -22.28 -20.40 3.16
CA MET B 100 -21.02 -21.15 3.21
C MET B 100 -21.26 -22.65 3.35
N ARG B 101 -22.34 -23.02 4.04
CA ARG B 101 -22.77 -24.42 4.11
C ARG B 101 -23.14 -24.90 2.71
N PHE B 102 -23.86 -24.06 1.97
CA PHE B 102 -24.26 -24.38 0.61
C PHE B 102 -23.06 -24.55 -0.34
N LEU B 103 -22.10 -23.63 -0.28
CA LEU B 103 -20.90 -23.77 -1.09
C LEU B 103 -20.13 -25.02 -0.70
N THR B 104 -20.18 -25.38 0.58
CA THR B 104 -19.51 -26.59 1.03
C THR B 104 -20.14 -27.82 0.39
N ALA B 105 -21.47 -27.83 0.31
CA ALA B 105 -22.16 -28.97 -0.32
C ALA B 105 -21.81 -29.03 -1.80
N VAL B 106 -21.68 -27.86 -2.42
CA VAL B 106 -21.28 -27.80 -3.82
C VAL B 106 -19.89 -28.39 -4.03
N ASN B 107 -18.96 -28.05 -3.14
CA ASN B 107 -17.60 -28.56 -3.20
C ASN B 107 -17.58 -30.09 -3.08
N LEU B 108 -18.42 -30.63 -2.20
CA LEU B 108 -18.44 -32.08 -1.95
C LEU B 108 -18.98 -32.92 -3.12
N GLU B 109 -19.97 -32.38 -3.84
CA GLU B 109 -20.64 -33.15 -4.90
C GLU B 109 -20.37 -32.65 -6.32
N HIS B 110 -20.29 -31.33 -6.51
CA HIS B 110 -20.05 -30.74 -7.83
C HIS B 110 -19.03 -29.58 -7.76
N PRO B 111 -17.76 -29.91 -7.47
CA PRO B 111 -16.70 -28.91 -7.30
C PRO B 111 -16.54 -28.01 -8.52
N GLU B 112 -16.88 -28.53 -9.69
CA GLU B 112 -16.72 -27.79 -10.93
C GLU B 112 -17.60 -26.54 -10.95
N MET B 113 -18.63 -26.51 -10.09
CA MET B 113 -19.56 -25.39 -10.04
C MET B 113 -19.23 -24.38 -8.94
N LEU B 114 -18.25 -24.71 -8.11
CA LEU B 114 -17.96 -23.91 -6.92
C LEU B 114 -17.54 -22.47 -7.27
N GLU B 115 -16.71 -22.33 -8.30
CA GLU B 115 -16.21 -20.99 -8.62
C GLU B 115 -17.38 -20.06 -8.96
N LYS B 116 -18.23 -20.48 -9.89
CA LYS B 116 -19.36 -19.64 -10.30
C LYS B 116 -20.37 -19.44 -9.17
N ALA B 117 -20.62 -20.49 -8.41
CA ALA B 117 -21.57 -20.42 -7.30
C ALA B 117 -21.11 -19.41 -6.27
N SER B 118 -19.82 -19.43 -5.96
CA SER B 118 -19.26 -18.47 -5.00
C SER B 118 -19.37 -17.05 -5.54
N ARG B 119 -19.01 -16.88 -6.81
CA ARG B 119 -19.08 -15.56 -7.43
C ARG B 119 -20.51 -15.01 -7.35
N GLU B 120 -21.49 -15.85 -7.67
CA GLU B 120 -22.87 -15.37 -7.67
C GLU B 120 -23.36 -14.97 -6.28
N LEU B 121 -22.85 -15.62 -5.24
CA LEU B 121 -23.19 -15.20 -3.88
C LEU B 121 -22.52 -13.86 -3.54
N TRP B 122 -21.27 -13.69 -3.92
CA TRP B 122 -20.63 -12.38 -3.75
C TRP B 122 -21.40 -11.29 -4.47
N MET B 123 -21.82 -11.57 -5.70
CA MET B 123 -22.61 -10.60 -6.47
C MET B 123 -23.84 -10.14 -5.70
N ARG B 124 -24.45 -11.05 -4.92
CA ARG B 124 -25.58 -10.68 -4.09
C ARG B 124 -25.19 -9.73 -2.96
N VAL B 125 -24.38 -10.22 -2.02
CA VAL B 125 -24.11 -9.48 -0.80
C VAL B 125 -23.19 -8.26 -1.00
N TRP B 126 -22.25 -8.36 -1.93
CA TRP B 126 -21.23 -7.32 -2.08
C TRP B 126 -21.25 -6.53 -3.39
N SER B 127 -22.18 -6.84 -4.27
CA SER B 127 -22.35 -6.04 -5.47
C SER B 127 -23.71 -5.35 -5.46
N ARG B 128 -24.78 -6.12 -5.29
CA ARG B 128 -26.14 -5.58 -5.32
C ARG B 128 -26.79 -5.34 -3.96
N ASN B 129 -26.04 -5.54 -2.89
CA ASN B 129 -26.59 -5.36 -1.56
C ASN B 129 -27.86 -6.19 -1.39
N GLU B 130 -27.79 -7.48 -1.76
CA GLU B 130 -28.93 -8.38 -1.62
C GLU B 130 -28.70 -9.39 -0.51
N ASP B 131 -29.80 -9.96 -0.02
CA ASP B 131 -29.74 -10.95 1.04
C ASP B 131 -29.10 -12.27 0.58
N ILE B 132 -28.31 -12.88 1.45
CA ILE B 132 -27.85 -14.24 1.20
C ILE B 132 -28.07 -15.16 2.39
N THR B 133 -29.06 -14.85 3.22
CA THR B 133 -29.39 -15.72 4.36
C THR B 133 -30.67 -16.51 4.12
N GLU B 134 -31.53 -16.01 3.24
CA GLU B 134 -32.79 -16.69 2.94
C GLU B 134 -32.61 -17.72 1.84
N PRO B 135 -33.36 -18.83 1.93
CA PRO B 135 -33.23 -19.98 1.02
C PRO B 135 -33.43 -19.60 -0.44
N GLN B 136 -34.36 -18.68 -0.69
CA GLN B 136 -34.61 -18.27 -2.07
C GLN B 136 -33.48 -17.39 -2.58
N SER B 137 -32.79 -16.71 -1.67
CA SER B 137 -31.65 -15.88 -2.03
C SER B 137 -30.51 -16.78 -2.50
N ILE B 138 -30.28 -17.86 -1.76
CA ILE B 138 -29.23 -18.79 -2.14
C ILE B 138 -29.59 -19.51 -3.44
N LEU B 139 -30.85 -19.89 -3.59
CA LEU B 139 -31.30 -20.59 -4.79
C LEU B 139 -31.16 -19.72 -6.05
N ALA B 140 -31.42 -18.42 -5.91
CA ALA B 140 -31.28 -17.49 -7.01
C ALA B 140 -29.82 -17.44 -7.45
N ALA B 141 -28.92 -17.26 -6.48
CA ALA B 141 -27.50 -17.26 -6.77
C ALA B 141 -27.08 -18.55 -7.48
N ALA B 142 -27.56 -19.68 -6.97
CA ALA B 142 -27.19 -20.98 -7.53
C ALA B 142 -27.63 -21.12 -8.99
N GLU B 143 -28.80 -20.58 -9.30
CA GLU B 143 -29.33 -20.67 -10.66
C GLU B 143 -28.60 -19.75 -11.63
N LYS B 144 -28.22 -18.56 -11.17
CA LYS B 144 -27.39 -17.68 -12.00
C LYS B 144 -26.08 -18.37 -12.32
N ALA B 145 -25.59 -19.19 -11.39
CA ALA B 145 -24.33 -19.90 -11.59
C ALA B 145 -24.46 -21.00 -12.63
N GLY B 146 -25.69 -21.37 -12.96
CA GLY B 146 -25.90 -22.38 -13.99
C GLY B 146 -26.33 -23.74 -13.49
N MET B 147 -26.72 -23.82 -12.22
CA MET B 147 -27.27 -25.06 -11.69
C MET B 147 -28.75 -25.15 -12.03
N SER B 148 -29.27 -26.37 -12.08
CA SER B 148 -30.70 -26.57 -12.24
C SER B 148 -31.39 -26.28 -10.90
N ALA B 149 -32.66 -25.92 -10.97
CA ALA B 149 -33.44 -25.71 -9.75
C ALA B 149 -33.38 -26.95 -8.87
N GLU B 150 -33.42 -28.11 -9.49
CA GLU B 150 -33.40 -29.39 -8.79
C GLU B 150 -32.04 -29.69 -8.16
N GLN B 151 -30.97 -29.42 -8.90
CA GLN B 151 -29.63 -29.62 -8.38
C GLN B 151 -29.41 -28.67 -7.19
N ALA B 152 -29.84 -27.43 -7.35
CA ALA B 152 -29.69 -26.41 -6.32
C ALA B 152 -30.52 -26.74 -5.09
N GLN B 153 -31.77 -27.13 -5.32
CA GLN B 153 -32.67 -27.52 -4.23
C GLN B 153 -32.05 -28.65 -3.42
N GLY B 154 -31.67 -29.71 -4.13
CA GLY B 154 -31.01 -30.85 -3.52
C GLY B 154 -29.84 -30.46 -2.63
N LEU B 155 -29.02 -29.53 -3.09
CA LEU B 155 -27.85 -29.10 -2.35
C LEU B 155 -28.21 -28.30 -1.10
N LEU B 156 -29.14 -27.36 -1.25
CA LEU B 156 -29.60 -26.53 -0.14
C LEU B 156 -30.19 -27.35 1.01
N GLU B 157 -30.86 -28.43 0.66
CA GLU B 157 -31.43 -29.31 1.67
C GLU B 157 -30.35 -29.99 2.51
N LYS B 158 -29.09 -29.92 2.04
CA LYS B 158 -28.00 -30.61 2.71
C LYS B 158 -27.25 -29.70 3.66
N ILE B 159 -27.69 -28.44 3.72
CA ILE B 159 -27.05 -27.38 4.48
C ILE B 159 -26.87 -27.68 5.97
N ALA B 160 -27.79 -28.46 6.52
CA ALA B 160 -27.78 -28.75 7.95
C ALA B 160 -27.47 -30.22 8.25
N THR B 161 -27.03 -30.95 7.23
CA THR B 161 -26.61 -32.33 7.43
C THR B 161 -25.25 -32.40 8.12
N PRO B 162 -25.04 -33.45 8.93
CA PRO B 162 -23.75 -33.65 9.61
C PRO B 162 -22.55 -33.62 8.65
N LYS B 163 -22.69 -34.22 7.47
CA LYS B 163 -21.60 -34.28 6.50
C LYS B 163 -21.13 -32.89 6.07
N VAL B 164 -22.08 -32.03 5.76
CA VAL B 164 -21.77 -30.65 5.35
C VAL B 164 -21.30 -29.79 6.52
N LYS B 165 -22.02 -29.88 7.63
CA LYS B 165 -21.65 -29.13 8.83
C LYS B 165 -20.21 -29.46 9.25
N ASN B 166 -19.87 -30.74 9.29
CA ASN B 166 -18.50 -31.15 9.63
C ASN B 166 -17.46 -30.72 8.60
N GLN B 167 -17.81 -30.70 7.33
CA GLN B 167 -16.83 -30.34 6.30
C GLN B 167 -16.42 -28.87 6.39
N LEU B 168 -17.41 -28.00 6.57
CA LEU B 168 -17.17 -26.57 6.73
C LEU B 168 -16.36 -26.32 7.99
N LYS B 169 -16.76 -26.97 9.07
CA LYS B 169 -16.01 -26.90 10.32
C LYS B 169 -14.54 -27.32 10.11
N GLU B 170 -14.32 -28.46 9.47
CA GLU B 170 -12.97 -28.96 9.26
C GLU B 170 -12.15 -28.03 8.37
N THR B 171 -12.77 -27.49 7.34
CA THR B 171 -12.07 -26.58 6.44
C THR B 171 -11.66 -25.32 7.19
N THR B 172 -12.60 -24.78 7.99
CA THR B 172 -12.32 -23.61 8.80
C THR B 172 -11.20 -23.89 9.80
N GLU B 173 -11.24 -25.08 10.41
CA GLU B 173 -10.19 -25.51 11.32
C GLU B 173 -8.82 -25.57 10.66
N ALA B 174 -8.76 -26.07 9.44
CA ALA B 174 -7.51 -26.14 8.70
C ALA B 174 -6.91 -24.75 8.55
N ALA B 175 -7.77 -23.78 8.23
CA ALA B 175 -7.34 -22.38 8.12
C ALA B 175 -6.65 -21.94 9.42
N CYS B 176 -7.30 -22.23 10.55
CA CYS B 176 -6.76 -21.89 11.87
C CYS B 176 -5.42 -22.54 12.16
N ARG B 177 -5.31 -23.81 11.79
CA ARG B 177 -4.09 -24.57 12.00
C ARG B 177 -2.95 -23.93 11.18
N TYR B 178 -3.30 -23.39 10.02
CA TYR B 178 -2.33 -22.68 9.20
C TYR B 178 -1.99 -21.30 9.78
N GLY B 179 -2.71 -20.88 10.82
CA GLY B 179 -2.42 -19.62 11.48
C GLY B 179 -3.34 -18.45 11.14
N ALA B 180 -4.52 -18.75 10.59
CA ALA B 180 -5.48 -17.71 10.24
C ALA B 180 -6.02 -16.93 11.43
N PHE B 181 -6.10 -15.61 11.27
CA PHE B 181 -6.76 -14.74 12.24
C PHE B 181 -7.87 -13.97 11.54
N GLY B 182 -8.03 -14.23 10.25
CA GLY B 182 -9.01 -13.55 9.42
C GLY B 182 -8.94 -14.11 8.00
N LEU B 183 -9.75 -13.61 7.09
CA LEU B 183 -9.76 -14.08 5.70
C LEU B 183 -9.64 -12.90 4.74
N PRO B 184 -9.18 -13.15 3.51
CA PRO B 184 -8.78 -14.49 3.02
C PRO B 184 -7.38 -14.90 3.47
N ILE B 185 -7.12 -16.19 3.45
CA ILE B 185 -5.73 -16.64 3.48
C ILE B 185 -5.45 -17.53 2.28
N THR B 186 -4.25 -17.39 1.74
CA THR B 186 -3.77 -18.20 0.65
C THR B 186 -2.62 -19.04 1.18
N VAL B 187 -2.65 -20.33 0.90
CA VAL B 187 -1.60 -21.22 1.38
C VAL B 187 -0.94 -21.87 0.19
N ALA B 188 0.34 -21.55 -0.01
CA ALA B 188 1.09 -22.04 -1.14
C ALA B 188 2.01 -23.18 -0.68
N HIS B 189 1.93 -24.30 -1.39
CA HIS B 189 2.78 -25.47 -1.12
C HIS B 189 3.86 -25.52 -2.21
N VAL B 190 5.06 -25.08 -1.86
CA VAL B 190 6.10 -24.90 -2.86
C VAL B 190 7.47 -25.30 -2.30
N ASP B 191 8.16 -26.16 -3.04
CA ASP B 191 9.49 -26.64 -2.65
C ASP B 191 9.54 -27.27 -1.26
N GLY B 192 8.47 -27.97 -0.88
CA GLY B 192 8.44 -28.67 0.39
C GLY B 192 8.19 -27.75 1.58
N GLN B 193 7.87 -26.49 1.28
CA GLN B 193 7.55 -25.52 2.32
C GLN B 193 6.11 -25.08 2.15
N THR B 194 5.52 -24.62 3.25
CA THR B 194 4.18 -24.08 3.26
C THR B 194 4.24 -22.60 3.63
N HIS B 195 3.61 -21.75 2.81
CA HIS B 195 3.58 -20.32 3.10
C HIS B 195 2.15 -19.86 3.19
N MET B 196 1.77 -19.27 4.32
CA MET B 196 0.45 -18.72 4.48
C MET B 196 0.49 -17.19 4.28
N LEU B 197 -0.34 -16.70 3.36
CA LEU B 197 -0.39 -15.28 3.04
C LEU B 197 -1.79 -14.76 3.35
N PHE B 198 -1.88 -13.65 4.09
CA PHE B 198 -3.17 -13.09 4.47
C PHE B 198 -3.52 -11.92 3.57
N GLY B 199 -4.78 -11.86 3.15
CA GLY B 199 -5.24 -10.68 2.40
C GLY B 199 -5.18 -10.87 0.90
N SER B 200 -5.75 -9.90 0.18
CA SER B 200 -5.84 -9.95 -1.27
C SER B 200 -4.67 -9.17 -1.87
N ASP B 201 -3.85 -8.60 -0.99
CA ASP B 201 -2.71 -7.79 -1.41
C ASP B 201 -1.35 -8.51 -1.24
N ARG B 202 -1.36 -9.84 -1.27
CA ARG B 202 -0.11 -10.57 -1.26
C ARG B 202 0.06 -11.44 -2.52
N MET B 203 -0.71 -11.15 -3.57
CA MET B 203 -0.65 -11.97 -4.78
C MET B 203 0.62 -11.75 -5.61
N GLU B 204 1.19 -10.54 -5.57
CA GLU B 204 2.47 -10.33 -6.23
C GLU B 204 3.57 -11.05 -5.44
N LEU B 205 3.47 -11.08 -4.12
CA LEU B 205 4.43 -11.83 -3.30
C LEU B 205 4.31 -13.33 -3.62
N LEU B 206 3.07 -13.77 -3.78
CA LEU B 206 2.81 -15.18 -4.15
C LEU B 206 3.49 -15.52 -5.47
N ALA B 207 3.34 -14.65 -6.45
CA ALA B 207 4.03 -14.81 -7.73
C ALA B 207 5.54 -15.00 -7.52
N HIS B 208 6.14 -14.15 -6.68
CA HIS B 208 7.55 -14.23 -6.33
C HIS B 208 7.91 -15.60 -5.72
N LEU B 209 7.13 -16.03 -4.74
CA LEU B 209 7.34 -17.34 -4.12
C LEU B 209 7.27 -18.46 -5.13
N LEU B 210 6.43 -18.31 -6.16
CA LEU B 210 6.21 -19.37 -7.16
C LEU B 210 7.16 -19.29 -8.33
N GLY B 211 7.95 -18.23 -8.40
CA GLY B 211 8.79 -17.99 -9.55
C GLY B 211 7.94 -17.71 -10.77
N GLU B 212 6.75 -17.17 -10.57
CA GLU B 212 5.88 -16.85 -11.71
C GLU B 212 5.92 -15.36 -12.04
N LYS B 213 5.37 -14.99 -13.19
CA LYS B 213 5.32 -13.59 -13.59
C LYS B 213 4.03 -12.90 -13.14
N TRP B 214 4.18 -11.81 -12.38
CA TRP B 214 3.03 -11.01 -11.97
C TRP B 214 2.68 -10.00 -13.05
N MET B 215 1.45 -10.07 -13.53
CA MET B 215 1.02 -9.15 -14.59
C MET B 215 -0.12 -8.24 -14.13
N GLY B 216 -0.12 -7.92 -12.85
CA GLY B 216 -1.19 -7.13 -12.29
C GLY B 216 -2.39 -8.00 -11.96
N PRO B 217 -3.44 -7.36 -11.42
CA PRO B 217 -4.67 -8.03 -11.00
C PRO B 217 -5.53 -8.46 -12.20
N ILE B 218 -5.24 -7.96 -13.39
CA ILE B 218 -5.97 -8.34 -14.58
C ILE B 218 -5.01 -8.83 -15.65
N PRO B 219 -4.49 -10.06 -15.49
CA PRO B 219 -3.52 -10.53 -16.48
C PRO B 219 -4.17 -10.68 -17.85
N PRO B 220 -3.36 -10.53 -18.90
CA PRO B 220 -3.81 -10.67 -20.29
C PRO B 220 -4.08 -12.13 -20.60
N ALA B 221 -5.17 -12.41 -21.30
CA ALA B 221 -5.52 -13.77 -21.66
C ALA B 221 -4.96 -14.15 -23.03
N GLY C 2 -14.36 5.10 -21.36
CA GLY C 2 -15.13 6.01 -20.52
C GLY C 2 -16.47 5.44 -20.10
N PRO C 3 -16.67 5.28 -18.78
CA PRO C 3 -17.95 4.77 -18.30
C PRO C 3 -19.08 5.65 -18.83
N LEU C 4 -20.28 5.10 -18.90
CA LEU C 4 -21.40 5.82 -19.46
C LEU C 4 -21.81 6.97 -18.57
N PRO C 5 -22.35 8.05 -19.17
CA PRO C 5 -22.81 9.17 -18.33
C PRO C 5 -23.80 8.71 -17.27
N ARG C 6 -23.72 9.29 -16.08
CA ARG C 6 -24.64 8.98 -15.00
C ARG C 6 -25.87 9.86 -15.15
N THR C 7 -27.05 9.24 -15.17
CA THR C 7 -28.29 10.01 -15.21
C THR C 7 -28.49 10.74 -13.88
N VAL C 8 -28.71 12.05 -13.96
CA VAL C 8 -29.02 12.83 -12.76
C VAL C 8 -30.34 13.60 -12.99
N GLU C 9 -31.37 13.23 -12.23
CA GLU C 9 -32.69 13.86 -12.35
C GLU C 9 -32.88 14.96 -11.31
N LEU C 10 -33.24 16.15 -11.78
CA LEU C 10 -33.53 17.24 -10.88
C LEU C 10 -35.01 17.54 -10.93
N PHE C 11 -35.69 17.33 -9.81
CA PHE C 11 -37.09 17.69 -9.71
C PHE C 11 -37.20 19.07 -9.11
N TYR C 12 -37.96 19.93 -9.77
CA TYR C 12 -38.02 21.34 -9.40
C TYR C 12 -39.37 21.95 -9.68
N ASP C 13 -39.65 23.04 -8.98
CA ASP C 13 -40.85 23.85 -9.18
C ASP C 13 -40.38 25.30 -9.18
N VAL C 14 -40.89 26.09 -10.11
CA VAL C 14 -40.49 27.49 -10.23
C VAL C 14 -40.89 28.33 -9.01
N LEU C 15 -41.82 27.81 -8.21
CA LEU C 15 -42.23 28.47 -6.96
C LEU C 15 -41.16 28.36 -5.88
N SER C 16 -40.27 27.40 -6.02
CA SER C 16 -39.22 27.16 -5.03
C SER C 16 -37.93 27.92 -5.32
N PRO C 17 -37.52 28.79 -4.38
CA PRO C 17 -36.26 29.52 -4.55
C PRO C 17 -35.06 28.56 -4.52
N TYR C 18 -35.07 27.60 -3.59
CA TYR C 18 -33.95 26.68 -3.52
C TYR C 18 -33.84 25.77 -4.76
N SER C 19 -34.97 25.51 -5.42
CA SER C 19 -34.95 24.74 -6.66
C SER C 19 -34.14 25.48 -7.71
N TRP C 20 -34.32 26.80 -7.78
CA TRP C 20 -33.59 27.62 -8.73
C TRP C 20 -32.10 27.47 -8.48
N LEU C 21 -31.68 27.57 -7.22
CA LEU C 21 -30.27 27.48 -6.89
C LEU C 21 -29.69 26.12 -7.31
N GLY C 22 -30.42 25.04 -7.01
CA GLY C 22 -29.94 23.71 -7.36
C GLY C 22 -29.89 23.53 -8.87
N PHE C 23 -30.91 24.06 -9.54
CA PHE C 23 -31.01 24.04 -11.01
C PHE C 23 -29.79 24.70 -11.66
N GLU C 24 -29.44 25.91 -11.22
CA GLU C 24 -28.32 26.62 -11.85
C GLU C 24 -27.00 25.87 -11.62
N ILE C 25 -26.79 25.35 -10.42
CA ILE C 25 -25.56 24.62 -10.15
C ILE C 25 -25.40 23.38 -11.04
N LEU C 26 -26.46 22.58 -11.15
CA LEU C 26 -26.38 21.40 -11.99
C LEU C 26 -26.21 21.79 -13.47
N CYS C 27 -26.90 22.83 -13.92
CA CYS C 27 -26.74 23.33 -15.28
C CYS C 27 -25.30 23.77 -15.59
N ARG C 28 -24.66 24.39 -14.61
CA ARG C 28 -23.26 24.78 -14.74
C ARG C 28 -22.32 23.59 -14.85
N TYR C 29 -22.73 22.45 -14.31
CA TYR C 29 -21.89 21.26 -14.33
C TYR C 29 -22.25 20.22 -15.40
N GLN C 30 -23.31 20.49 -16.15
CA GLN C 30 -23.86 19.42 -16.98
C GLN C 30 -22.94 18.96 -18.09
N ASN C 31 -22.03 19.85 -18.52
CA ASN C 31 -21.07 19.51 -19.57
C ASN C 31 -19.66 19.38 -19.02
N ILE C 32 -19.53 19.44 -17.70
CA ILE C 32 -18.24 19.26 -17.06
C ILE C 32 -18.15 17.86 -16.49
N TRP C 33 -19.14 17.49 -15.70
CA TRP C 33 -19.20 16.15 -15.13
C TRP C 33 -19.75 15.19 -16.17
N ASN C 34 -19.52 13.90 -15.95
CA ASN C 34 -20.00 12.85 -16.84
C ASN C 34 -21.40 12.43 -16.45
N ILE C 35 -22.35 13.35 -16.67
CA ILE C 35 -23.74 13.13 -16.30
C ILE C 35 -24.69 13.40 -17.46
N ASN C 36 -25.85 12.78 -17.37
CA ASN C 36 -26.97 13.03 -18.26
C ASN C 36 -28.02 13.77 -17.42
N LEU C 37 -27.97 15.10 -17.45
CA LEU C 37 -28.85 15.90 -16.59
C LEU C 37 -30.29 15.90 -17.15
N GLN C 38 -31.24 15.46 -16.34
CA GLN C 38 -32.63 15.40 -16.75
C GLN C 38 -33.47 16.31 -15.87
N LEU C 39 -34.00 17.38 -16.45
CA LEU C 39 -34.81 18.34 -15.70
C LEU C 39 -36.27 17.90 -15.60
N ARG C 40 -36.77 17.76 -14.37
CA ARG C 40 -38.10 17.19 -14.12
C ARG C 40 -39.08 18.19 -13.50
N PRO C 41 -39.83 18.89 -14.34
CA PRO C 41 -40.79 19.89 -13.82
C PRO C 41 -41.86 19.22 -12.98
N SER C 42 -42.00 19.69 -11.74
CA SER C 42 -42.84 19.06 -10.74
C SER C 42 -43.65 20.11 -10.00
N LEU C 43 -44.59 19.67 -9.16
CA LEU C 43 -45.39 20.60 -8.34
C LEU C 43 -45.14 20.39 -6.86
N ILE C 44 -44.59 21.40 -6.18
CA ILE C 44 -44.32 21.22 -4.75
C ILE C 44 -45.60 21.02 -3.94
N THR C 45 -46.70 21.61 -4.36
CA THR C 45 -47.96 21.42 -3.63
C THR C 45 -48.42 19.97 -3.66
N GLY C 46 -48.14 19.29 -4.77
CA GLY C 46 -48.49 17.89 -4.91
C GLY C 46 -47.64 17.04 -3.98
N ILE C 47 -46.37 17.41 -3.87
CA ILE C 47 -45.45 16.71 -2.98
C ILE C 47 -45.78 16.98 -1.50
N MET C 48 -46.18 18.22 -1.19
CA MET C 48 -46.52 18.57 0.18
C MET C 48 -47.73 17.75 0.63
N LYS C 49 -48.72 17.68 -0.26
CA LYS C 49 -49.95 16.96 0.01
C LYS C 49 -49.68 15.48 0.25
N ASP C 50 -48.85 14.90 -0.61
CA ASP C 50 -48.57 13.46 -0.54
C ASP C 50 -47.77 13.07 0.71
N SER C 51 -46.79 13.89 1.06
CA SER C 51 -45.89 13.59 2.17
C SER C 51 -46.50 13.92 3.52
N GLY C 52 -47.54 14.75 3.53
CA GLY C 52 -48.11 15.23 4.77
C GLY C 52 -47.33 16.41 5.33
N ASN C 53 -46.46 16.97 4.50
CA ASN C 53 -45.62 18.10 4.92
C ASN C 53 -46.32 19.43 4.73
N LYS C 54 -45.77 20.46 5.37
CA LYS C 54 -46.25 21.82 5.21
C LYS C 54 -45.02 22.70 5.02
N PRO C 55 -45.11 23.68 4.11
CA PRO C 55 -43.96 24.56 3.87
C PRO C 55 -43.50 25.18 5.19
N PRO C 56 -42.32 24.77 5.69
CA PRO C 56 -41.86 25.31 6.98
C PRO C 56 -41.56 26.81 6.89
N GLY C 57 -41.37 27.31 5.67
CA GLY C 57 -41.14 28.72 5.47
C GLY C 57 -42.31 29.57 5.92
N LEU C 58 -43.42 28.92 6.25
CA LEU C 58 -44.62 29.60 6.75
C LEU C 58 -44.52 30.02 8.21
N LEU C 59 -43.56 29.44 8.94
CA LEU C 59 -43.18 29.92 10.25
C LEU C 59 -42.29 31.16 10.08
N PRO C 60 -42.79 32.36 10.43
CA PRO C 60 -41.98 33.57 10.22
C PRO C 60 -40.48 33.46 10.64
N ARG C 61 -40.17 32.81 11.74
CA ARG C 61 -38.76 32.62 12.10
C ARG C 61 -37.96 31.91 10.99
N LYS C 62 -38.56 30.89 10.39
CA LYS C 62 -37.93 30.23 9.24
C LYS C 62 -38.03 31.10 7.97
N GLY C 63 -39.09 31.90 7.88
CA GLY C 63 -39.22 32.83 6.76
C GLY C 63 -38.16 33.91 6.80
N LEU C 64 -37.93 34.47 7.99
CA LEU C 64 -36.89 35.47 8.15
C LEU C 64 -35.54 34.84 7.83
N TYR C 65 -35.31 33.63 8.32
CA TYR C 65 -34.04 32.95 8.03
C TYR C 65 -33.88 32.72 6.53
N MET C 66 -34.93 32.25 5.87
CA MET C 66 -34.85 31.99 4.44
C MET C 66 -34.42 33.25 3.70
N ALA C 67 -34.99 34.40 4.07
CA ALA C 67 -34.63 35.64 3.39
C ALA C 67 -33.17 35.99 3.64
N ASN C 68 -32.71 35.84 4.88
CA ASN C 68 -31.29 36.00 5.21
C ASN C 68 -30.41 35.08 4.39
N ASP C 69 -30.76 33.79 4.36
CA ASP C 69 -30.02 32.78 3.62
C ASP C 69 -29.91 33.12 2.13
N LEU C 70 -31.05 33.39 1.49
CA LEU C 70 -31.05 33.64 0.03
C LEU C 70 -30.24 34.87 -0.34
N LYS C 71 -30.22 35.86 0.56
CA LYS C 71 -29.45 37.08 0.32
C LYS C 71 -27.95 36.79 0.24
N LEU C 72 -27.44 35.93 1.12
CA LEU C 72 -26.04 35.52 1.06
C LEU C 72 -25.77 34.64 -0.14
N LEU C 73 -26.66 33.68 -0.38
CA LEU C 73 -26.49 32.77 -1.51
C LEU C 73 -26.56 33.50 -2.83
N ARG C 74 -27.31 34.58 -2.87
CA ARG C 74 -27.36 35.40 -4.09
C ARG C 74 -25.93 35.73 -4.55
N HIS C 75 -25.09 36.15 -3.62
CA HIS C 75 -23.73 36.56 -3.96
C HIS C 75 -22.77 35.38 -4.09
N HIS C 76 -22.94 34.38 -3.25
CA HIS C 76 -22.10 33.19 -3.33
C HIS C 76 -22.28 32.47 -4.67
N LEU C 77 -23.53 32.31 -5.09
CA LEU C 77 -23.84 31.54 -6.29
C LEU C 77 -23.91 32.36 -7.58
N GLN C 78 -23.93 33.69 -7.43
CA GLN C 78 -24.12 34.61 -8.54
C GLN C 78 -25.41 34.27 -9.31
N ILE C 79 -26.51 34.30 -8.58
CA ILE C 79 -27.84 34.08 -9.12
C ILE C 79 -28.65 35.23 -8.56
N PRO C 80 -29.31 35.99 -9.45
CA PRO C 80 -30.02 37.23 -9.07
C PRO C 80 -31.32 36.95 -8.33
N ILE C 81 -31.24 36.16 -7.28
CA ILE C 81 -32.45 35.81 -6.56
C ILE C 81 -32.80 36.90 -5.54
N HIS C 82 -34.05 37.35 -5.56
CA HIS C 82 -34.54 38.39 -4.66
C HIS C 82 -35.87 37.97 -4.01
N PHE C 83 -35.92 38.02 -2.70
CA PHE C 83 -37.14 37.71 -1.97
C PHE C 83 -38.31 38.54 -2.49
N PRO C 84 -39.51 37.94 -2.52
CA PRO C 84 -40.67 38.74 -2.95
C PRO C 84 -41.04 39.79 -1.90
N LYS C 85 -41.80 40.81 -2.30
CA LYS C 85 -42.26 41.85 -1.38
C LYS C 85 -43.22 41.31 -0.33
N ASP C 86 -44.22 40.57 -0.78
CA ASP C 86 -45.25 40.05 0.12
C ASP C 86 -44.76 38.81 0.85
N PHE C 87 -45.62 38.30 1.73
CA PHE C 87 -45.26 37.16 2.55
C PHE C 87 -45.29 35.87 1.74
N LEU C 88 -44.48 34.89 2.14
CA LEU C 88 -44.44 33.61 1.45
C LEU C 88 -45.83 32.97 1.35
N SER C 89 -46.68 33.22 2.35
CA SER C 89 -48.01 32.63 2.36
C SER C 89 -48.79 33.05 1.12
N VAL C 90 -48.59 34.30 0.71
CA VAL C 90 -49.29 34.87 -0.43
C VAL C 90 -48.76 34.31 -1.74
N MET C 91 -47.44 34.17 -1.85
CA MET C 91 -46.87 33.54 -3.04
C MET C 91 -47.35 32.10 -3.15
N LEU C 92 -47.38 31.42 -2.01
CA LEU C 92 -47.89 30.04 -1.97
C LEU C 92 -49.35 29.95 -2.45
N GLU C 93 -50.19 30.87 -1.97
CA GLU C 93 -51.60 30.94 -2.39
C GLU C 93 -51.75 31.09 -3.90
N LYS C 94 -50.98 32.01 -4.48
CA LYS C 94 -51.01 32.23 -5.93
C LYS C 94 -50.56 30.99 -6.70
N GLY C 95 -49.44 30.41 -6.27
CA GLY C 95 -48.99 29.15 -6.81
C GLY C 95 -48.29 29.23 -8.15
N SER C 96 -48.08 28.07 -8.78
CA SER C 96 -47.26 28.01 -9.99
C SER C 96 -47.86 27.02 -10.98
N LEU C 97 -49.13 26.70 -10.78
CA LEU C 97 -49.71 25.58 -11.51
C LEU C 97 -49.59 25.75 -13.03
N SER C 98 -50.04 26.90 -13.54
CA SER C 98 -50.02 27.16 -14.97
C SER C 98 -48.58 27.19 -15.50
N ALA C 99 -47.69 27.77 -14.70
CA ALA C 99 -46.28 27.84 -15.07
C ALA C 99 -45.67 26.46 -15.21
N MET C 100 -45.94 25.59 -14.24
CA MET C 100 -45.39 24.23 -14.28
C MET C 100 -46.03 23.36 -15.38
N ARG C 101 -47.30 23.63 -15.70
CA ARG C 101 -47.98 22.94 -16.79
C ARG C 101 -47.32 23.37 -18.11
N PHE C 102 -47.08 24.67 -18.25
CA PHE C 102 -46.36 25.18 -19.41
C PHE C 102 -44.99 24.54 -19.57
N LEU C 103 -44.25 24.44 -18.49
CA LEU C 103 -42.92 23.85 -18.55
C LEU C 103 -43.02 22.38 -18.93
N THR C 104 -44.05 21.71 -18.44
CA THR C 104 -44.27 20.31 -18.81
C THR C 104 -44.48 20.19 -20.32
N ALA C 105 -45.32 21.07 -20.87
CA ALA C 105 -45.56 21.10 -22.32
C ALA C 105 -44.28 21.36 -23.12
N VAL C 106 -43.45 22.30 -22.66
CA VAL C 106 -42.16 22.53 -23.30
C VAL C 106 -41.34 21.24 -23.27
N ASN C 107 -41.35 20.55 -22.14
CA ASN C 107 -40.56 19.31 -21.99
C ASN C 107 -41.03 18.26 -23.00
N LEU C 108 -42.33 18.22 -23.26
CA LEU C 108 -42.88 17.20 -24.14
C LEU C 108 -42.58 17.49 -25.61
N GLU C 109 -42.59 18.77 -25.99
CA GLU C 109 -42.49 19.15 -27.39
C GLU C 109 -41.14 19.71 -27.81
N HIS C 110 -40.57 20.57 -26.98
CA HIS C 110 -39.30 21.22 -27.29
C HIS C 110 -38.36 21.21 -26.09
N PRO C 111 -37.90 20.02 -25.71
CA PRO C 111 -37.05 19.87 -24.50
C PRO C 111 -35.86 20.83 -24.52
N GLU C 112 -35.35 21.12 -25.71
CA GLU C 112 -34.17 21.97 -25.85
C GLU C 112 -34.38 23.39 -25.29
N MET C 113 -35.63 23.78 -25.04
CA MET C 113 -35.94 25.10 -24.54
C MET C 113 -36.27 25.12 -23.04
N LEU C 114 -36.26 23.95 -22.41
CA LEU C 114 -36.74 23.84 -21.04
C LEU C 114 -35.87 24.61 -20.07
N GLU C 115 -34.56 24.52 -20.27
CA GLU C 115 -33.64 25.19 -19.35
C GLU C 115 -33.88 26.69 -19.39
N LYS C 116 -33.91 27.26 -20.59
CA LYS C 116 -34.15 28.70 -20.70
C LYS C 116 -35.54 29.14 -20.24
N ALA C 117 -36.57 28.37 -20.58
CA ALA C 117 -37.93 28.77 -20.18
C ALA C 117 -38.08 28.74 -18.66
N SER C 118 -37.43 27.77 -18.02
CA SER C 118 -37.54 27.64 -16.57
C SER C 118 -36.83 28.82 -15.92
N ARG C 119 -35.65 29.13 -16.41
CA ARG C 119 -34.89 30.26 -15.87
C ARG C 119 -35.70 31.54 -15.97
N GLU C 120 -36.32 31.78 -17.11
CA GLU C 120 -37.09 33.02 -17.31
C GLU C 120 -38.30 33.14 -16.38
N LEU C 121 -38.91 32.02 -16.05
CA LEU C 121 -40.02 32.04 -15.09
C LEU C 121 -39.51 32.35 -13.67
N TRP C 122 -38.41 31.72 -13.25
CA TRP C 122 -37.80 32.09 -11.98
C TRP C 122 -37.45 33.58 -11.95
N MET C 123 -36.94 34.10 -13.06
CA MET C 123 -36.56 35.50 -13.10
C MET C 123 -37.77 36.39 -12.83
N ARG C 124 -38.97 35.91 -13.16
CA ARG C 124 -40.17 36.68 -12.81
C ARG C 124 -40.49 36.57 -11.34
N VAL C 125 -40.78 35.37 -10.87
CA VAL C 125 -41.29 35.23 -9.51
C VAL C 125 -40.21 35.46 -8.44
N TRP C 126 -38.98 35.05 -8.73
CA TRP C 126 -37.92 35.06 -7.72
C TRP C 126 -36.77 36.03 -7.98
N SER C 127 -36.97 36.94 -8.93
CA SER C 127 -36.01 38.04 -9.09
C SER C 127 -36.69 39.41 -9.12
N ARG C 128 -37.67 39.55 -10.01
CA ARG C 128 -38.32 40.85 -10.25
C ARG C 128 -39.65 40.98 -9.53
N ASN C 129 -40.01 39.99 -8.74
CA ASN C 129 -41.26 40.04 -8.01
C ASN C 129 -42.44 40.26 -8.97
N GLU C 130 -42.43 39.50 -10.08
CA GLU C 130 -43.49 39.55 -11.07
C GLU C 130 -44.41 38.34 -11.02
N ASP C 131 -45.62 38.53 -11.52
CA ASP C 131 -46.62 37.45 -11.58
C ASP C 131 -46.22 36.30 -12.51
N ILE C 132 -46.59 35.07 -12.13
CA ILE C 132 -46.45 33.92 -13.04
C ILE C 132 -47.73 33.09 -13.19
N THR C 133 -48.86 33.65 -12.76
CA THR C 133 -50.13 32.93 -12.81
C THR C 133 -50.95 33.29 -14.05
N GLU C 134 -50.76 34.49 -14.57
CA GLU C 134 -51.54 34.95 -15.72
C GLU C 134 -50.88 34.60 -17.05
N PRO C 135 -51.71 34.31 -18.07
CA PRO C 135 -51.26 33.90 -19.39
C PRO C 135 -50.21 34.83 -19.99
N GLN C 136 -50.48 36.13 -19.95
CA GLN C 136 -49.54 37.12 -20.47
C GLN C 136 -48.16 37.02 -19.79
N SER C 137 -48.14 36.73 -18.50
CA SER C 137 -46.87 36.61 -17.77
C SER C 137 -46.05 35.45 -18.31
N ILE C 138 -46.70 34.30 -18.48
CA ILE C 138 -46.03 33.11 -18.99
C ILE C 138 -45.51 33.34 -20.41
N LEU C 139 -46.32 34.02 -21.23
CA LEU C 139 -45.90 34.30 -22.59
C LEU C 139 -44.68 35.21 -22.64
N ALA C 140 -44.60 36.13 -21.68
CA ALA C 140 -43.50 37.08 -21.62
C ALA C 140 -42.19 36.34 -21.32
N ALA C 141 -42.22 35.49 -20.31
CA ALA C 141 -41.07 34.65 -19.97
C ALA C 141 -40.63 33.79 -21.16
N ALA C 142 -41.58 33.14 -21.81
CA ALA C 142 -41.29 32.30 -22.96
C ALA C 142 -40.58 33.08 -24.08
N GLU C 143 -41.01 34.31 -24.31
CA GLU C 143 -40.43 35.13 -25.37
C GLU C 143 -38.99 35.52 -25.01
N LYS C 144 -38.77 35.87 -23.75
CA LYS C 144 -37.42 36.14 -23.28
C LYS C 144 -36.53 34.92 -23.45
N ALA C 145 -37.12 33.73 -23.33
CA ALA C 145 -36.33 32.50 -23.43
C ALA C 145 -35.91 32.20 -24.88
N GLY C 146 -36.42 32.97 -25.82
CA GLY C 146 -36.04 32.80 -27.23
C GLY C 146 -37.12 32.13 -28.07
N MET C 147 -38.25 31.83 -27.45
CA MET C 147 -39.35 31.16 -28.12
C MET C 147 -40.14 32.14 -28.98
N SER C 148 -40.51 31.71 -30.18
CA SER C 148 -41.34 32.54 -31.06
C SER C 148 -42.72 32.71 -30.43
N ALA C 149 -43.33 33.87 -30.65
CA ALA C 149 -44.63 34.17 -30.06
C ALA C 149 -45.68 33.12 -30.39
N GLU C 150 -45.54 32.50 -31.56
CA GLU C 150 -46.50 31.51 -32.02
C GLU C 150 -46.27 30.16 -31.34
N GLN C 151 -45.01 29.77 -31.23
CA GLN C 151 -44.63 28.55 -30.55
C GLN C 151 -45.11 28.56 -29.09
N ALA C 152 -44.97 29.72 -28.46
CA ALA C 152 -45.33 29.88 -27.06
C ALA C 152 -46.83 29.86 -26.84
N GLN C 153 -47.55 30.57 -27.71
CA GLN C 153 -49.01 30.56 -27.71
C GLN C 153 -49.50 29.12 -27.78
N GLY C 154 -48.97 28.39 -28.75
CA GLY C 154 -49.34 27.01 -28.98
C GLY C 154 -49.13 26.11 -27.77
N LEU C 155 -48.01 26.31 -27.07
CA LEU C 155 -47.74 25.52 -25.87
C LEU C 155 -48.66 25.95 -24.74
N LEU C 156 -48.81 27.26 -24.58
CA LEU C 156 -49.70 27.80 -23.55
C LEU C 156 -51.09 27.18 -23.67
N GLU C 157 -51.51 26.93 -24.90
CA GLU C 157 -52.83 26.39 -25.15
C GLU C 157 -52.98 24.95 -24.68
N LYS C 158 -51.86 24.29 -24.39
CA LYS C 158 -51.90 22.88 -23.99
C LYS C 158 -51.94 22.69 -22.48
N ILE C 159 -51.93 23.80 -21.75
CA ILE C 159 -51.87 23.82 -20.28
C ILE C 159 -52.88 22.90 -19.58
N ALA C 160 -54.10 22.85 -20.09
CA ALA C 160 -55.17 22.12 -19.43
C ALA C 160 -55.59 20.84 -20.16
N THR C 161 -54.79 20.40 -21.12
CA THR C 161 -55.03 19.14 -21.81
C THR C 161 -54.62 17.96 -20.93
N PRO C 162 -55.33 16.84 -21.08
CA PRO C 162 -55.07 15.57 -20.39
C PRO C 162 -53.61 15.12 -20.46
N LYS C 163 -53.00 15.27 -21.63
CA LYS C 163 -51.61 14.83 -21.81
C LYS C 163 -50.68 15.62 -20.88
N VAL C 164 -50.86 16.93 -20.85
CA VAL C 164 -49.97 17.79 -20.05
C VAL C 164 -50.29 17.66 -18.57
N LYS C 165 -51.57 17.73 -18.22
CA LYS C 165 -51.99 17.51 -16.84
C LYS C 165 -51.41 16.22 -16.30
N ASN C 166 -51.51 15.16 -17.09
CA ASN C 166 -51.07 13.84 -16.67
C ASN C 166 -49.55 13.72 -16.50
N GLN C 167 -48.80 14.32 -17.41
CA GLN C 167 -47.35 14.25 -17.34
C GLN C 167 -46.82 14.94 -16.09
N LEU C 168 -47.40 16.08 -15.76
CA LEU C 168 -46.98 16.84 -14.58
C LEU C 168 -47.31 16.04 -13.33
N LYS C 169 -48.52 15.46 -13.30
CA LYS C 169 -48.88 14.59 -12.20
C LYS C 169 -47.90 13.42 -12.06
N GLU C 170 -47.59 12.73 -13.16
CA GLU C 170 -46.71 11.57 -13.11
C GLU C 170 -45.28 11.91 -12.68
N THR C 171 -44.78 13.05 -13.12
CA THR C 171 -43.45 13.48 -12.71
C THR C 171 -43.45 13.78 -11.21
N THR C 172 -44.49 14.47 -10.75
CA THR C 172 -44.65 14.78 -9.34
C THR C 172 -44.78 13.50 -8.49
N GLU C 173 -45.53 12.53 -8.99
CA GLU C 173 -45.65 11.25 -8.30
C GLU C 173 -44.31 10.51 -8.25
N ALA C 174 -43.52 10.62 -9.31
CA ALA C 174 -42.21 9.97 -9.34
C ALA C 174 -41.33 10.53 -8.23
N ALA C 175 -41.39 11.83 -8.01
CA ALA C 175 -40.57 12.47 -6.98
C ALA C 175 -41.01 11.91 -5.62
N CYS C 176 -42.32 11.82 -5.42
CA CYS C 176 -42.87 11.23 -4.19
C CYS C 176 -42.40 9.80 -3.94
N ARG C 177 -42.38 8.97 -4.99
CA ARG C 177 -41.88 7.61 -4.85
C ARG C 177 -40.38 7.54 -4.56
N TYR C 178 -39.64 8.58 -4.95
CA TYR C 178 -38.22 8.64 -4.62
C TYR C 178 -38.00 9.10 -3.19
N GLY C 179 -39.07 9.46 -2.50
CA GLY C 179 -38.99 9.87 -1.11
C GLY C 179 -39.17 11.37 -0.83
N ALA C 180 -39.58 12.14 -1.84
CA ALA C 180 -39.67 13.60 -1.66
C ALA C 180 -40.71 14.06 -0.64
N PHE C 181 -40.31 15.05 0.17
CA PHE C 181 -41.22 15.77 1.06
C PHE C 181 -41.16 17.27 0.75
N GLY C 182 -40.37 17.62 -0.26
CA GLY C 182 -40.23 19.01 -0.67
C GLY C 182 -39.30 19.05 -1.88
N LEU C 183 -38.93 20.25 -2.31
CA LEU C 183 -38.07 20.38 -3.50
C LEU C 183 -36.95 21.39 -3.21
N PRO C 184 -35.85 21.34 -3.98
CA PRO C 184 -35.66 20.40 -5.09
C PRO C 184 -35.23 19.06 -4.54
N ILE C 185 -35.44 18.01 -5.32
CA ILE C 185 -34.68 16.78 -5.08
C ILE C 185 -33.86 16.44 -6.31
N THR C 186 -32.71 15.81 -6.08
CA THR C 186 -31.83 15.36 -7.14
C THR C 186 -31.68 13.85 -6.96
N VAL C 187 -31.85 13.12 -8.06
CA VAL C 187 -31.73 11.67 -8.00
C VAL C 187 -30.60 11.21 -8.90
N ALA C 188 -29.57 10.62 -8.29
CA ALA C 188 -28.41 10.19 -9.03
C ALA C 188 -28.48 8.68 -9.23
N HIS C 189 -28.31 8.24 -10.47
CA HIS C 189 -28.29 6.81 -10.79
C HIS C 189 -26.85 6.45 -11.08
N VAL C 190 -26.20 5.76 -10.13
CA VAL C 190 -24.77 5.49 -10.24
C VAL C 190 -24.43 4.12 -9.64
N ASP C 191 -23.88 3.24 -10.47
CA ASP C 191 -23.45 1.91 -10.04
C ASP C 191 -24.58 1.07 -9.45
N GLY C 192 -25.65 0.94 -10.24
CA GLY C 192 -26.79 0.14 -9.84
C GLY C 192 -27.51 0.68 -8.64
N GLN C 193 -27.07 1.84 -8.15
CA GLN C 193 -27.74 2.45 -7.01
C GLN C 193 -28.43 3.76 -7.40
N THR C 194 -29.45 4.10 -6.61
CA THR C 194 -30.17 5.36 -6.76
C THR C 194 -30.08 6.14 -5.45
N HIS C 195 -29.56 7.35 -5.52
CA HIS C 195 -29.49 8.22 -4.35
C HIS C 195 -30.36 9.45 -4.57
N MET C 196 -31.23 9.76 -3.61
CA MET C 196 -32.05 10.96 -3.65
C MET C 196 -31.48 11.98 -2.66
N LEU C 197 -31.10 13.16 -3.15
CA LEU C 197 -30.53 14.21 -2.31
C LEU C 197 -31.50 15.39 -2.27
N PHE C 198 -31.84 15.87 -1.08
CA PHE C 198 -32.76 17.02 -0.96
C PHE C 198 -32.01 18.34 -0.82
N GLY C 199 -32.46 19.36 -1.55
CA GLY C 199 -31.93 20.71 -1.35
C GLY C 199 -30.89 21.11 -2.38
N SER C 200 -30.47 22.37 -2.32
CA SER C 200 -29.48 22.89 -3.26
C SER C 200 -28.10 22.82 -2.64
N ASP C 201 -28.03 22.34 -1.40
CA ASP C 201 -26.79 22.26 -0.64
C ASP C 201 -26.23 20.84 -0.50
N ARG C 202 -26.56 19.96 -1.43
CA ARG C 202 -25.99 18.62 -1.44
C ARG C 202 -25.24 18.36 -2.75
N MET C 203 -24.86 19.43 -3.43
CA MET C 203 -24.17 19.28 -4.72
C MET C 203 -22.71 18.83 -4.57
N GLU C 204 -22.03 19.29 -3.51
CA GLU C 204 -20.70 18.76 -3.22
C GLU C 204 -20.74 17.27 -2.84
N LEU C 205 -21.76 16.87 -2.09
CA LEU C 205 -21.94 15.45 -1.80
C LEU C 205 -22.20 14.64 -3.09
N LEU C 206 -23.03 15.19 -3.97
CA LEU C 206 -23.27 14.57 -5.28
C LEU C 206 -21.97 14.35 -6.04
N ALA C 207 -21.12 15.37 -6.08
CA ALA C 207 -19.84 15.23 -6.75
C ALA C 207 -19.10 14.03 -6.19
N HIS C 208 -19.14 13.89 -4.86
CA HIS C 208 -18.50 12.77 -4.15
C HIS C 208 -19.06 11.44 -4.61
N LEU C 209 -20.39 11.35 -4.64
CA LEU C 209 -21.07 10.13 -5.08
C LEU C 209 -20.69 9.75 -6.50
N LEU C 210 -20.40 10.76 -7.32
CA LEU C 210 -20.13 10.56 -8.75
C LEU C 210 -18.65 10.37 -9.06
N GLY C 211 -17.79 10.62 -8.08
CA GLY C 211 -16.36 10.60 -8.30
C GLY C 211 -15.88 11.82 -9.06
N GLU C 212 -16.70 12.88 -9.04
CA GLU C 212 -16.36 14.09 -9.78
C GLU C 212 -15.73 15.12 -8.85
N LYS C 213 -15.06 16.10 -9.45
CA LYS C 213 -14.44 17.18 -8.71
C LYS C 213 -15.41 18.35 -8.49
N TRP C 214 -15.60 18.71 -7.23
CA TRP C 214 -16.40 19.88 -6.87
C TRP C 214 -15.51 21.11 -6.97
N MET C 215 -15.92 22.08 -7.78
CA MET C 215 -15.17 23.32 -7.92
C MET C 215 -15.96 24.51 -7.40
N GLY C 216 -16.86 24.26 -6.45
CA GLY C 216 -17.72 25.32 -5.96
C GLY C 216 -18.94 25.49 -6.85
N PRO C 217 -19.85 26.38 -6.45
CA PRO C 217 -21.09 26.60 -7.19
C PRO C 217 -20.87 27.32 -8.52
N ILE C 218 -19.68 27.85 -8.76
CA ILE C 218 -19.37 28.50 -10.05
C ILE C 218 -18.10 27.88 -10.63
N PRO C 219 -18.23 26.70 -11.26
CA PRO C 219 -17.04 26.05 -11.81
C PRO C 219 -16.47 26.87 -12.96
N PRO C 220 -15.15 26.73 -13.20
CA PRO C 220 -14.42 27.51 -14.20
C PRO C 220 -14.74 27.07 -15.62
N ALA C 221 -14.26 27.84 -16.59
CA ALA C 221 -14.44 27.50 -17.99
C ALA C 221 -13.57 26.31 -18.40
N GLY D 2 11.11 -14.09 -35.33
CA GLY D 2 12.07 -14.22 -34.24
C GLY D 2 11.70 -13.40 -33.03
N PRO D 3 11.89 -13.97 -31.83
CA PRO D 3 11.61 -13.25 -30.58
C PRO D 3 12.54 -12.06 -30.43
N LEU D 4 12.10 -11.03 -29.73
CA LEU D 4 12.92 -9.85 -29.50
C LEU D 4 14.14 -10.22 -28.66
N PRO D 5 15.31 -9.65 -28.99
CA PRO D 5 16.48 -9.93 -28.16
C PRO D 5 16.26 -9.55 -26.70
N ARG D 6 16.85 -10.33 -25.81
CA ARG D 6 16.83 -10.03 -24.39
C ARG D 6 17.90 -9.00 -24.09
N THR D 7 17.54 -7.98 -23.33
CA THR D 7 18.50 -6.97 -22.88
C THR D 7 19.37 -7.56 -21.79
N VAL D 8 20.68 -7.43 -21.92
CA VAL D 8 21.57 -7.87 -20.87
C VAL D 8 22.47 -6.67 -20.54
N GLU D 9 22.39 -6.19 -19.30
CA GLU D 9 23.18 -5.05 -18.87
C GLU D 9 24.44 -5.55 -18.16
N LEU D 10 25.59 -4.99 -18.50
CA LEU D 10 26.81 -5.36 -17.80
C LEU D 10 27.38 -4.11 -17.14
N PHE D 11 27.46 -4.14 -15.81
CA PHE D 11 28.02 -3.02 -15.03
C PHE D 11 29.46 -3.39 -14.71
N TYR D 12 30.39 -2.47 -14.97
CA TYR D 12 31.82 -2.78 -14.90
C TYR D 12 32.64 -1.53 -14.61
N ASP D 13 33.88 -1.76 -14.17
CA ASP D 13 34.84 -0.69 -13.90
C ASP D 13 36.19 -1.20 -14.46
N VAL D 14 36.94 -0.36 -15.16
CA VAL D 14 38.21 -0.83 -15.73
C VAL D 14 39.26 -1.07 -14.65
N LEU D 15 39.00 -0.57 -13.44
CA LEU D 15 39.85 -0.87 -12.29
C LEU D 15 39.78 -2.35 -11.92
N SER D 16 38.67 -2.99 -12.28
CA SER D 16 38.39 -4.38 -11.88
C SER D 16 38.76 -5.39 -12.97
N PRO D 17 39.72 -6.28 -12.68
CA PRO D 17 40.14 -7.26 -13.69
C PRO D 17 39.03 -8.30 -13.93
N TYR D 18 38.28 -8.64 -12.90
CA TYR D 18 37.22 -9.63 -13.10
C TYR D 18 36.13 -9.03 -14.00
N SER D 19 35.96 -7.71 -13.95
CA SER D 19 34.99 -7.09 -14.84
C SER D 19 35.43 -7.27 -16.28
N TRP D 20 36.74 -7.17 -16.52
CA TRP D 20 37.26 -7.38 -17.89
C TRP D 20 36.93 -8.79 -18.37
N LEU D 21 37.14 -9.78 -17.51
CA LEU D 21 36.86 -11.16 -17.89
C LEU D 21 35.38 -11.36 -18.30
N GLY D 22 34.45 -10.87 -17.50
CA GLY D 22 33.02 -11.04 -17.82
C GLY D 22 32.64 -10.31 -19.09
N PHE D 23 33.24 -9.13 -19.26
CA PHE D 23 33.03 -8.31 -20.44
C PHE D 23 33.47 -9.05 -21.70
N GLU D 24 34.64 -9.67 -21.67
CA GLU D 24 35.10 -10.37 -22.88
C GLU D 24 34.21 -11.58 -23.20
N ILE D 25 33.79 -12.30 -22.16
CA ILE D 25 32.86 -13.42 -22.39
C ILE D 25 31.54 -12.93 -23.02
N LEU D 26 30.93 -11.92 -22.42
CA LEU D 26 29.68 -11.39 -22.99
C LEU D 26 29.87 -10.83 -24.40
N CYS D 27 30.96 -10.13 -24.65
CA CYS D 27 31.24 -9.67 -26.01
C CYS D 27 31.36 -10.81 -27.03
N ARG D 28 31.96 -11.91 -26.62
CA ARG D 28 32.07 -13.06 -27.52
C ARG D 28 30.72 -13.69 -27.86
N TYR D 29 29.75 -13.57 -26.97
CA TYR D 29 28.44 -14.17 -27.17
C TYR D 29 27.37 -13.23 -27.73
N GLN D 30 27.67 -11.94 -27.80
CA GLN D 30 26.63 -10.96 -28.09
C GLN D 30 26.02 -11.06 -29.50
N ASN D 31 26.76 -11.65 -30.44
CA ASN D 31 26.25 -11.89 -31.79
C ASN D 31 25.92 -13.37 -32.02
N ILE D 32 25.96 -14.16 -30.96
CA ILE D 32 25.65 -15.59 -31.03
C ILE D 32 24.30 -15.83 -30.35
N TRP D 33 24.20 -15.39 -29.11
CA TRP D 33 22.94 -15.43 -28.39
C TRP D 33 22.03 -14.31 -28.83
N ASN D 34 20.74 -14.48 -28.55
CA ASN D 34 19.75 -13.47 -28.94
C ASN D 34 19.62 -12.40 -27.85
N ILE D 35 20.67 -11.57 -27.74
CA ILE D 35 20.72 -10.57 -26.69
C ILE D 35 21.15 -9.22 -27.24
N ASN D 36 20.78 -8.20 -26.49
CA ASN D 36 21.23 -6.84 -26.71
C ASN D 36 22.09 -6.48 -25.53
N LEU D 37 23.40 -6.54 -25.72
CA LEU D 37 24.32 -6.28 -24.62
C LEU D 37 24.43 -4.77 -24.41
N GLN D 38 24.14 -4.31 -23.19
CA GLN D 38 24.23 -2.90 -22.86
C GLN D 38 25.32 -2.67 -21.84
N LEU D 39 26.37 -1.96 -22.22
CA LEU D 39 27.47 -1.69 -21.29
C LEU D 39 27.14 -0.51 -20.38
N ARG D 40 27.45 -0.64 -19.09
CA ARG D 40 27.10 0.34 -18.09
C ARG D 40 28.32 0.70 -17.26
N PRO D 41 29.08 1.70 -17.70
CA PRO D 41 30.28 2.12 -16.98
C PRO D 41 29.92 2.52 -15.55
N SER D 42 30.65 1.97 -14.57
CA SER D 42 30.32 2.16 -13.17
C SER D 42 31.58 2.35 -12.35
N LEU D 43 31.43 2.75 -11.09
CA LEU D 43 32.58 2.94 -10.20
C LEU D 43 32.52 1.97 -9.04
N ILE D 44 33.50 1.08 -8.95
CA ILE D 44 33.48 0.07 -7.90
C ILE D 44 33.49 0.73 -6.52
N THR D 45 34.18 1.86 -6.41
CA THR D 45 34.26 2.52 -5.11
C THR D 45 32.89 3.00 -4.61
N GLY D 46 32.03 3.46 -5.53
CA GLY D 46 30.69 3.87 -5.14
C GLY D 46 29.87 2.69 -4.64
N ILE D 47 30.08 1.53 -5.25
CA ILE D 47 29.36 0.32 -4.87
C ILE D 47 29.80 -0.22 -3.52
N MET D 48 31.10 -0.21 -3.26
CA MET D 48 31.64 -0.59 -1.97
C MET D 48 31.05 0.29 -0.86
N LYS D 49 31.07 1.60 -1.08
CA LYS D 49 30.46 2.56 -0.17
C LYS D 49 29.00 2.25 0.10
N ASP D 50 28.21 2.17 -0.97
CA ASP D 50 26.77 2.00 -0.82
C ASP D 50 26.41 0.72 -0.07
N SER D 51 27.14 -0.35 -0.34
CA SER D 51 26.85 -1.66 0.24
C SER D 51 27.55 -1.91 1.58
N GLY D 52 28.51 -1.07 1.93
CA GLY D 52 29.30 -1.27 3.15
C GLY D 52 30.27 -2.42 3.01
N ASN D 53 30.57 -2.77 1.77
CA ASN D 53 31.53 -3.83 1.48
C ASN D 53 32.93 -3.26 1.44
N LYS D 54 33.93 -4.13 1.49
CA LYS D 54 35.32 -3.72 1.36
C LYS D 54 35.96 -4.53 0.24
N PRO D 55 36.99 -3.97 -0.42
CA PRO D 55 37.70 -4.69 -1.47
C PRO D 55 38.29 -5.96 -0.90
N PRO D 56 37.93 -7.11 -1.48
CA PRO D 56 38.34 -8.44 -1.00
C PRO D 56 39.86 -8.59 -0.91
N GLY D 57 40.59 -8.00 -1.84
CA GLY D 57 42.04 -8.14 -1.86
C GLY D 57 42.70 -7.58 -0.61
N LEU D 58 41.96 -6.82 0.18
CA LEU D 58 42.49 -6.30 1.43
C LEU D 58 42.84 -7.43 2.41
N LEU D 59 42.10 -8.52 2.35
CA LEU D 59 42.46 -9.69 3.15
C LEU D 59 43.57 -10.42 2.41
N PRO D 60 44.74 -10.54 3.05
CA PRO D 60 45.92 -11.15 2.42
C PRO D 60 45.63 -12.49 1.74
N ARG D 61 44.96 -13.42 2.43
CA ARG D 61 44.66 -14.71 1.84
C ARG D 61 43.76 -14.60 0.60
N LYS D 62 42.82 -13.67 0.62
CA LYS D 62 41.96 -13.45 -0.55
C LYS D 62 42.74 -12.78 -1.67
N GLY D 63 43.53 -11.77 -1.34
CA GLY D 63 44.36 -11.11 -2.32
C GLY D 63 45.25 -12.10 -3.04
N LEU D 64 45.87 -12.98 -2.26
CA LEU D 64 46.74 -14.01 -2.85
C LEU D 64 45.95 -14.99 -3.72
N TYR D 65 44.81 -15.45 -3.21
CA TYR D 65 43.96 -16.31 -4.01
C TYR D 65 43.58 -15.63 -5.33
N MET D 66 43.12 -14.38 -5.25
CA MET D 66 42.69 -13.68 -6.45
C MET D 66 43.82 -13.57 -7.46
N ALA D 67 45.01 -13.24 -6.99
CA ALA D 67 46.18 -13.24 -7.86
C ALA D 67 46.38 -14.59 -8.55
N ASN D 68 46.30 -15.69 -7.80
CA ASN D 68 46.44 -17.02 -8.38
C ASN D 68 45.35 -17.39 -9.40
N ASP D 69 44.12 -16.97 -9.11
CA ASP D 69 42.95 -17.27 -9.93
C ASP D 69 43.04 -16.56 -11.28
N LEU D 70 43.36 -15.27 -11.25
CA LEU D 70 43.54 -14.49 -12.47
C LEU D 70 44.65 -15.09 -13.35
N LYS D 71 45.73 -15.56 -12.72
CA LYS D 71 46.79 -16.22 -13.46
C LYS D 71 46.34 -17.49 -14.20
N LEU D 72 45.46 -18.26 -13.56
CA LEU D 72 44.85 -19.41 -14.22
C LEU D 72 43.85 -18.99 -15.31
N LEU D 73 43.01 -18.01 -15.01
CA LEU D 73 41.95 -17.62 -15.94
C LEU D 73 42.51 -17.01 -17.23
N ARG D 74 43.69 -16.45 -17.13
CA ARG D 74 44.35 -15.82 -18.26
C ARG D 74 44.42 -16.81 -19.44
N HIS D 75 44.81 -18.04 -19.16
CA HIS D 75 44.88 -19.07 -20.20
C HIS D 75 43.53 -19.67 -20.57
N HIS D 76 42.69 -19.88 -19.56
CA HIS D 76 41.38 -20.49 -19.79
C HIS D 76 40.50 -19.60 -20.64
N LEU D 77 40.61 -18.29 -20.44
CA LEU D 77 39.74 -17.35 -21.15
C LEU D 77 40.46 -16.66 -22.29
N GLN D 78 41.78 -16.89 -22.38
CA GLN D 78 42.61 -16.22 -23.39
C GLN D 78 42.48 -14.69 -23.35
N ILE D 79 42.84 -14.11 -22.22
CA ILE D 79 42.81 -12.67 -22.00
C ILE D 79 44.18 -12.30 -21.43
N PRO D 80 44.88 -11.35 -22.06
CA PRO D 80 46.30 -11.11 -21.75
C PRO D 80 46.54 -10.30 -20.49
N ILE D 81 46.01 -10.78 -19.38
CA ILE D 81 46.19 -10.09 -18.11
C ILE D 81 47.59 -10.30 -17.55
N HIS D 82 48.12 -9.24 -16.96
CA HIS D 82 49.48 -9.26 -16.40
C HIS D 82 49.52 -8.18 -15.33
N PHE D 83 50.28 -8.42 -14.27
CA PHE D 83 50.42 -7.45 -13.21
C PHE D 83 51.60 -7.84 -12.34
N PRO D 84 52.24 -6.83 -11.71
CA PRO D 84 53.33 -7.07 -10.76
C PRO D 84 52.78 -7.34 -9.36
N LYS D 85 53.60 -7.89 -8.48
CA LYS D 85 53.21 -8.11 -7.09
C LYS D 85 52.66 -6.82 -6.48
N ASP D 86 51.58 -6.94 -5.71
CA ASP D 86 50.96 -5.83 -4.98
C ASP D 86 50.27 -4.77 -5.85
N PHE D 87 49.92 -5.15 -7.09
CA PHE D 87 49.34 -4.22 -8.04
C PHE D 87 47.96 -3.69 -7.64
N LEU D 88 47.12 -4.56 -7.09
CA LEU D 88 45.77 -4.11 -6.70
C LEU D 88 45.87 -3.00 -5.66
N SER D 89 46.80 -3.13 -4.73
CA SER D 89 47.04 -2.08 -3.76
C SER D 89 47.34 -0.76 -4.45
N VAL D 90 48.06 -0.83 -5.57
CA VAL D 90 48.40 0.37 -6.33
C VAL D 90 47.20 0.92 -7.11
N MET D 91 46.40 0.03 -7.67
CA MET D 91 45.22 0.44 -8.42
C MET D 91 44.18 1.10 -7.54
N LEU D 92 43.99 0.54 -6.35
CA LEU D 92 43.11 1.12 -5.34
C LEU D 92 43.43 2.59 -5.11
N GLU D 93 44.70 2.88 -4.90
CA GLU D 93 45.15 4.24 -4.59
C GLU D 93 44.85 5.20 -5.72
N LYS D 94 45.25 4.82 -6.93
CA LYS D 94 45.14 5.72 -8.07
C LYS D 94 43.69 5.86 -8.59
N GLY D 95 42.97 4.75 -8.61
CA GLY D 95 41.57 4.79 -9.01
C GLY D 95 41.38 4.90 -10.51
N SER D 96 40.13 5.02 -10.94
CA SER D 96 39.79 5.01 -12.35
C SER D 96 38.77 6.10 -12.67
N LEU D 97 38.68 7.10 -11.78
CA LEU D 97 37.64 8.10 -11.92
C LEU D 97 37.58 8.78 -13.29
N SER D 98 38.69 9.36 -13.73
CA SER D 98 38.70 10.01 -15.05
C SER D 98 38.38 9.03 -16.17
N ALA D 99 39.00 7.85 -16.12
CA ALA D 99 38.74 6.82 -17.13
C ALA D 99 37.26 6.48 -17.20
N MET D 100 36.63 6.28 -16.03
CA MET D 100 35.22 5.87 -16.04
C MET D 100 34.30 7.03 -16.43
N ARG D 101 34.71 8.25 -16.13
CA ARG D 101 33.94 9.40 -16.60
C ARG D 101 34.07 9.54 -18.12
N PHE D 102 35.25 9.26 -18.64
CA PHE D 102 35.44 9.30 -20.08
C PHE D 102 34.52 8.28 -20.74
N LEU D 103 34.49 7.06 -20.19
CA LEU D 103 33.64 6.02 -20.77
C LEU D 103 32.17 6.39 -20.69
N THR D 104 31.80 7.10 -19.62
CA THR D 104 30.44 7.63 -19.49
C THR D 104 30.13 8.64 -20.61
N ALA D 105 31.06 9.56 -20.88
CA ALA D 105 30.89 10.49 -22.00
C ALA D 105 30.75 9.75 -23.33
N VAL D 106 31.56 8.71 -23.54
CA VAL D 106 31.46 7.88 -24.74
C VAL D 106 30.07 7.27 -24.84
N ASN D 107 29.55 6.78 -23.72
CA ASN D 107 28.24 6.11 -23.71
C ASN D 107 27.12 7.11 -24.05
N LEU D 108 27.27 8.35 -23.59
CA LEU D 108 26.26 9.38 -23.86
C LEU D 108 26.24 9.84 -25.32
N GLU D 109 27.41 9.89 -25.97
CA GLU D 109 27.48 10.47 -27.31
C GLU D 109 27.84 9.50 -28.43
N HIS D 110 28.63 8.48 -28.13
CA HIS D 110 29.05 7.51 -29.13
C HIS D 110 29.10 6.09 -28.57
N PRO D 111 27.95 5.57 -28.11
CA PRO D 111 27.89 4.24 -27.49
C PRO D 111 28.46 3.12 -28.36
N GLU D 112 28.49 3.32 -29.67
CA GLU D 112 29.00 2.28 -30.55
C GLU D 112 30.53 2.09 -30.43
N MET D 113 31.20 3.07 -29.82
CA MET D 113 32.64 3.03 -29.55
C MET D 113 32.96 2.55 -28.13
N LEU D 114 31.92 2.29 -27.33
CA LEU D 114 32.10 2.00 -25.91
C LEU D 114 32.86 0.69 -25.67
N GLU D 115 32.51 -0.35 -26.42
CA GLU D 115 33.22 -1.64 -26.27
C GLU D 115 34.73 -1.52 -26.51
N LYS D 116 35.14 -0.93 -27.62
CA LYS D 116 36.58 -0.86 -27.91
C LYS D 116 37.31 0.07 -26.96
N ALA D 117 36.68 1.20 -26.61
CA ALA D 117 37.30 2.15 -25.67
C ALA D 117 37.53 1.50 -24.32
N SER D 118 36.54 0.73 -23.87
CA SER D 118 36.65 0.01 -22.60
C SER D 118 37.77 -1.03 -22.69
N ARG D 119 37.79 -1.81 -23.77
CA ARG D 119 38.84 -2.80 -23.96
C ARG D 119 40.23 -2.16 -23.93
N GLU D 120 40.39 -1.03 -24.62
CA GLU D 120 41.72 -0.39 -24.65
C GLU D 120 42.17 0.09 -23.28
N LEU D 121 41.24 0.60 -22.48
CA LEU D 121 41.58 1.02 -21.13
C LEU D 121 42.00 -0.16 -20.26
N TRP D 122 41.25 -1.26 -20.30
CA TRP D 122 41.70 -2.46 -19.62
C TRP D 122 43.08 -2.93 -20.09
N MET D 123 43.35 -2.86 -21.39
CA MET D 123 44.66 -3.26 -21.91
C MET D 123 45.78 -2.42 -21.28
N ARG D 124 45.51 -1.13 -21.08
CA ARG D 124 46.49 -0.25 -20.42
C ARG D 124 46.75 -0.69 -18.99
N VAL D 125 45.70 -0.81 -18.19
CA VAL D 125 45.91 -1.04 -16.77
C VAL D 125 46.23 -2.49 -16.44
N TRP D 126 45.54 -3.44 -17.06
CA TRP D 126 45.65 -4.82 -16.63
C TRP D 126 46.39 -5.76 -17.60
N SER D 127 47.01 -5.19 -18.64
CA SER D 127 47.90 -5.96 -19.50
C SER D 127 49.28 -5.31 -19.56
N ARG D 128 49.32 -4.03 -19.88
CA ARG D 128 50.60 -3.34 -19.98
C ARG D 128 50.98 -2.62 -18.69
N ASN D 129 50.02 -2.50 -17.78
CA ASN D 129 50.23 -1.80 -16.52
C ASN D 129 50.73 -0.37 -16.77
N GLU D 130 50.04 0.30 -17.68
CA GLU D 130 50.28 1.71 -17.98
C GLU D 130 49.27 2.55 -17.21
N ASP D 131 49.60 3.81 -17.00
CA ASP D 131 48.72 4.75 -16.32
C ASP D 131 47.37 4.91 -17.03
N ILE D 132 46.31 5.16 -16.25
CA ILE D 132 45.01 5.51 -16.83
C ILE D 132 44.38 6.75 -16.16
N THR D 133 45.18 7.50 -15.39
CA THR D 133 44.66 8.65 -14.68
C THR D 133 44.95 9.96 -15.41
N GLU D 134 45.99 9.98 -16.23
CA GLU D 134 46.38 11.20 -16.95
C GLU D 134 45.62 11.34 -18.27
N PRO D 135 45.31 12.60 -18.66
CA PRO D 135 44.54 12.85 -19.89
C PRO D 135 45.20 12.23 -21.12
N GLN D 136 46.52 12.31 -21.20
CA GLN D 136 47.27 11.75 -22.33
C GLN D 136 47.08 10.24 -22.40
N SER D 137 47.02 9.60 -21.23
CA SER D 137 46.81 8.15 -21.16
C SER D 137 45.45 7.73 -21.72
N ILE D 138 44.41 8.47 -21.34
CA ILE D 138 43.04 8.14 -21.76
C ILE D 138 42.87 8.40 -23.25
N LEU D 139 43.46 9.48 -23.73
CA LEU D 139 43.39 9.82 -25.16
C LEU D 139 44.13 8.80 -26.00
N ALA D 140 45.26 8.29 -25.49
CA ALA D 140 45.98 7.21 -26.15
C ALA D 140 45.12 5.94 -26.32
N ALA D 141 44.41 5.55 -25.27
CA ALA D 141 43.50 4.41 -25.37
C ALA D 141 42.37 4.67 -26.37
N ALA D 142 41.81 5.89 -26.33
CA ALA D 142 40.69 6.24 -27.19
C ALA D 142 41.12 6.21 -28.67
N GLU D 143 42.33 6.70 -28.94
CA GLU D 143 42.82 6.68 -30.31
C GLU D 143 43.13 5.27 -30.77
N LYS D 144 43.71 4.46 -29.89
CA LYS D 144 43.93 3.05 -30.21
C LYS D 144 42.60 2.37 -30.53
N ALA D 145 41.53 2.77 -29.83
CA ALA D 145 40.21 2.21 -30.03
C ALA D 145 39.59 2.61 -31.38
N GLY D 146 40.18 3.61 -32.04
CA GLY D 146 39.72 4.00 -33.36
C GLY D 146 39.09 5.37 -33.47
N MET D 147 39.05 6.12 -32.36
CA MET D 147 38.55 7.49 -32.38
C MET D 147 39.59 8.43 -32.98
N SER D 148 39.14 9.48 -33.65
CA SER D 148 40.07 10.50 -34.10
C SER D 148 40.52 11.31 -32.89
N ALA D 149 41.71 11.92 -32.99
CA ALA D 149 42.22 12.75 -31.92
C ALA D 149 41.16 13.78 -31.53
N GLU D 150 40.44 14.29 -32.51
CA GLU D 150 39.44 15.34 -32.30
C GLU D 150 38.23 14.84 -31.51
N GLN D 151 37.68 13.71 -31.95
CA GLN D 151 36.56 13.08 -31.25
C GLN D 151 36.94 12.78 -29.79
N ALA D 152 38.11 12.19 -29.59
CA ALA D 152 38.58 11.81 -28.27
C ALA D 152 38.77 13.00 -27.34
N GLN D 153 39.46 14.02 -27.80
CA GLN D 153 39.62 15.22 -27.00
C GLN D 153 38.27 15.88 -26.67
N GLY D 154 37.35 15.88 -27.63
CA GLY D 154 36.05 16.48 -27.44
C GLY D 154 35.29 15.77 -26.34
N LEU D 155 35.41 14.45 -26.31
CA LEU D 155 34.77 13.65 -25.28
C LEU D 155 35.45 13.85 -23.92
N LEU D 156 36.77 13.95 -23.93
CA LEU D 156 37.50 14.11 -22.67
C LEU D 156 37.17 15.46 -22.03
N GLU D 157 36.98 16.48 -22.86
CA GLU D 157 36.54 17.78 -22.35
C GLU D 157 35.25 17.65 -21.52
N LYS D 158 34.40 16.69 -21.88
CA LYS D 158 33.13 16.55 -21.18
C LYS D 158 33.18 15.87 -19.82
N ILE D 159 34.32 15.28 -19.45
CA ILE D 159 34.41 14.73 -18.10
C ILE D 159 34.44 15.83 -17.03
N ALA D 160 34.59 17.09 -17.46
CA ALA D 160 34.51 18.22 -16.55
C ALA D 160 33.07 18.65 -16.28
N THR D 161 32.11 18.03 -16.97
CA THR D 161 30.72 18.48 -16.91
C THR D 161 29.90 17.73 -15.85
N PRO D 162 29.01 18.46 -15.17
CA PRO D 162 28.16 17.81 -14.17
C PRO D 162 27.29 16.73 -14.78
N LYS D 163 26.89 16.90 -16.04
CA LYS D 163 26.03 15.89 -16.65
C LYS D 163 26.76 14.54 -16.69
N VAL D 164 28.02 14.54 -17.12
CA VAL D 164 28.79 13.31 -17.20
C VAL D 164 29.09 12.79 -15.80
N LYS D 165 29.54 13.68 -14.92
CA LYS D 165 29.85 13.24 -13.56
C LYS D 165 28.63 12.60 -12.88
N ASN D 166 27.46 13.20 -13.09
CA ASN D 166 26.21 12.71 -12.49
C ASN D 166 25.73 11.41 -13.10
N GLN D 167 25.93 11.27 -14.40
CA GLN D 167 25.52 10.05 -15.11
C GLN D 167 26.32 8.84 -14.62
N LEU D 168 27.62 9.02 -14.41
CA LEU D 168 28.42 7.93 -13.85
C LEU D 168 27.92 7.54 -12.45
N LYS D 169 27.60 8.56 -11.65
CA LYS D 169 27.03 8.31 -10.33
C LYS D 169 25.68 7.58 -10.42
N GLU D 170 24.83 8.02 -11.34
CA GLU D 170 23.52 7.37 -11.49
C GLU D 170 23.63 5.91 -11.96
N THR D 171 24.53 5.65 -12.91
CA THR D 171 24.74 4.29 -13.39
C THR D 171 25.26 3.39 -12.29
N THR D 172 26.19 3.93 -11.51
CA THR D 172 26.71 3.21 -10.36
C THR D 172 25.58 2.96 -9.34
N GLU D 173 24.71 3.94 -9.12
CA GLU D 173 23.57 3.74 -8.22
C GLU D 173 22.59 2.69 -8.77
N ALA D 174 22.38 2.68 -10.08
CA ALA D 174 21.52 1.65 -10.70
C ALA D 174 22.07 0.25 -10.42
N ALA D 175 23.38 0.09 -10.47
CA ALA D 175 23.99 -1.20 -10.10
C ALA D 175 23.63 -1.58 -8.66
N CYS D 176 23.81 -0.64 -7.74
CA CYS D 176 23.43 -0.85 -6.33
C CYS D 176 21.95 -1.23 -6.17
N ARG D 177 21.07 -0.58 -6.92
CA ARG D 177 19.64 -0.89 -6.82
C ARG D 177 19.29 -2.27 -7.34
N TYR D 178 20.14 -2.81 -8.22
CA TYR D 178 20.00 -4.19 -8.67
C TYR D 178 20.62 -5.17 -7.70
N GLY D 179 21.18 -4.67 -6.60
CA GLY D 179 21.73 -5.54 -5.58
C GLY D 179 23.25 -5.67 -5.49
N ALA D 180 23.97 -4.84 -6.25
CA ALA D 180 25.42 -4.99 -6.35
C ALA D 180 26.14 -4.73 -5.02
N PHE D 181 27.16 -5.53 -4.74
CA PHE D 181 28.09 -5.27 -3.64
C PHE D 181 29.53 -5.29 -4.18
N GLY D 182 29.66 -5.44 -5.49
CA GLY D 182 30.94 -5.48 -6.16
C GLY D 182 30.69 -5.60 -7.65
N LEU D 183 31.75 -5.77 -8.44
CA LEU D 183 31.62 -5.83 -9.89
C LEU D 183 32.46 -7.00 -10.41
N PRO D 184 32.11 -7.51 -11.60
CA PRO D 184 30.99 -7.08 -12.44
C PRO D 184 29.64 -7.62 -11.98
N ILE D 185 28.56 -6.95 -12.35
CA ILE D 185 27.25 -7.60 -12.27
C ILE D 185 26.64 -7.59 -13.65
N THR D 186 25.88 -8.64 -13.92
CA THR D 186 25.21 -8.79 -15.19
C THR D 186 23.73 -8.89 -14.91
N VAL D 187 22.91 -8.09 -15.60
CA VAL D 187 21.47 -8.10 -15.34
C VAL D 187 20.73 -8.51 -16.60
N ALA D 188 20.00 -9.62 -16.52
CA ALA D 188 19.29 -10.15 -17.66
C ALA D 188 17.79 -9.85 -17.52
N HIS D 189 17.20 -9.36 -18.60
CA HIS D 189 15.78 -9.06 -18.62
C HIS D 189 15.18 -10.11 -19.54
N VAL D 190 14.47 -11.07 -18.96
CA VAL D 190 13.97 -12.17 -19.78
C VAL D 190 12.61 -12.67 -19.27
N ASP D 191 11.71 -12.97 -20.20
CA ASP D 191 10.38 -13.48 -19.85
C ASP D 191 9.71 -12.63 -18.76
N GLY D 192 9.83 -11.31 -18.87
CA GLY D 192 9.24 -10.40 -17.92
C GLY D 192 9.93 -10.33 -16.56
N GLN D 193 11.05 -11.03 -16.40
CA GLN D 193 11.76 -11.04 -15.13
C GLN D 193 13.16 -10.42 -15.23
N THR D 194 13.69 -9.97 -14.11
CA THR D 194 15.03 -9.40 -14.05
C THR D 194 15.88 -10.27 -13.11
N HIS D 195 17.04 -10.72 -13.60
CA HIS D 195 17.97 -11.52 -12.80
C HIS D 195 19.32 -10.83 -12.76
N MET D 196 19.85 -10.60 -11.56
CA MET D 196 21.20 -10.02 -11.41
C MET D 196 22.16 -11.15 -11.04
N LEU D 197 23.27 -11.26 -11.76
CA LEU D 197 24.31 -12.27 -11.52
C LEU D 197 25.62 -11.56 -11.22
N PHE D 198 26.27 -11.94 -10.13
CA PHE D 198 27.56 -11.31 -9.78
C PHE D 198 28.74 -12.17 -10.25
N GLY D 199 29.74 -11.54 -10.85
CA GLY D 199 30.97 -12.22 -11.21
C GLY D 199 31.11 -12.58 -12.70
N SER D 200 32.32 -12.92 -13.10
CA SER D 200 32.57 -13.28 -14.49
C SER D 200 32.32 -14.77 -14.66
N ASP D 201 31.92 -15.43 -13.57
CA ASP D 201 31.80 -16.88 -13.56
C ASP D 201 30.33 -17.32 -13.48
N ARG D 202 29.43 -16.46 -13.92
CA ARG D 202 28.03 -16.84 -13.93
C ARG D 202 27.46 -16.84 -15.34
N MET D 203 28.32 -16.83 -16.36
CA MET D 203 27.84 -16.81 -17.74
C MET D 203 27.17 -18.10 -18.21
N GLU D 204 27.60 -19.26 -17.69
CA GLU D 204 26.89 -20.51 -18.01
C GLU D 204 25.48 -20.50 -17.41
N LEU D 205 25.35 -19.99 -16.20
CA LEU D 205 24.04 -19.84 -15.60
C LEU D 205 23.23 -18.83 -16.41
N LEU D 206 23.88 -17.76 -16.86
CA LEU D 206 23.17 -16.82 -17.73
C LEU D 206 22.64 -17.54 -18.98
N ALA D 207 23.44 -18.40 -19.58
CA ALA D 207 22.98 -19.12 -20.79
C ALA D 207 21.74 -19.95 -20.46
N HIS D 208 21.75 -20.59 -19.29
CA HIS D 208 20.60 -21.37 -18.84
C HIS D 208 19.33 -20.51 -18.74
N LEU D 209 19.46 -19.34 -18.12
CA LEU D 209 18.34 -18.44 -17.92
C LEU D 209 17.77 -17.95 -19.24
N LEU D 210 18.62 -17.80 -20.23
CA LEU D 210 18.20 -17.28 -21.53
C LEU D 210 17.72 -18.38 -22.45
N GLY D 211 17.96 -19.63 -22.04
CA GLY D 211 17.71 -20.77 -22.89
C GLY D 211 18.63 -20.79 -24.08
N GLU D 212 19.88 -20.35 -23.89
CA GLU D 212 20.89 -20.35 -24.94
C GLU D 212 21.90 -21.45 -24.67
N LYS D 213 22.67 -21.83 -25.69
CA LYS D 213 23.65 -22.89 -25.55
C LYS D 213 24.99 -22.33 -25.03
N TRP D 214 25.49 -22.87 -23.92
CA TRP D 214 26.81 -22.49 -23.40
C TRP D 214 27.88 -23.31 -24.13
N MET D 215 28.83 -22.62 -24.72
CA MET D 215 29.91 -23.31 -25.42
C MET D 215 31.27 -22.95 -24.81
N GLY D 216 31.26 -22.64 -23.51
CA GLY D 216 32.48 -22.26 -22.82
C GLY D 216 32.81 -20.79 -23.01
N PRO D 217 33.91 -20.33 -22.41
CA PRO D 217 34.29 -18.91 -22.41
C PRO D 217 34.85 -18.43 -23.75
N ILE D 218 35.12 -19.37 -24.66
CA ILE D 218 35.58 -19.00 -26.00
C ILE D 218 34.73 -19.75 -27.02
N PRO D 219 33.52 -19.23 -27.27
CA PRO D 219 32.63 -20.00 -28.15
C PRO D 219 33.22 -20.05 -29.56
N PRO D 220 32.91 -21.10 -30.32
CA PRO D 220 33.46 -21.28 -31.67
C PRO D 220 32.83 -20.32 -32.66
N ALA D 221 33.52 -20.09 -33.78
CA ALA D 221 33.02 -19.18 -34.81
C ALA D 221 32.08 -19.91 -35.77
N GLY E 2 1.50 17.35 -20.08
CA GLY E 2 1.21 16.56 -18.91
C GLY E 2 0.86 17.39 -17.69
N PRO E 3 0.21 16.78 -16.70
CA PRO E 3 -0.20 17.47 -15.47
C PRO E 3 0.99 17.80 -14.58
N LEU E 4 0.83 18.78 -13.71
CA LEU E 4 1.83 19.11 -12.72
C LEU E 4 2.09 17.88 -11.85
N PRO E 5 3.31 17.75 -11.31
CA PRO E 5 3.63 16.57 -10.49
C PRO E 5 2.59 16.42 -9.40
N ARG E 6 2.33 15.18 -8.98
CA ARG E 6 1.34 14.95 -7.95
C ARG E 6 2.05 14.87 -6.61
N THR E 7 1.57 15.63 -5.63
CA THR E 7 2.12 15.52 -4.29
C THR E 7 1.68 14.19 -3.67
N VAL E 8 2.65 13.46 -3.12
CA VAL E 8 2.39 12.22 -2.41
C VAL E 8 3.10 12.30 -1.06
N GLU E 9 2.31 12.32 0.02
CA GLU E 9 2.89 12.40 1.36
C GLU E 9 2.99 11.01 1.95
N LEU E 10 4.11 10.73 2.60
CA LEU E 10 4.29 9.44 3.27
C LEU E 10 4.49 9.68 4.76
N PHE E 11 3.57 9.15 5.57
CA PHE E 11 3.67 9.28 7.02
C PHE E 11 4.28 7.98 7.58
N TYR E 12 5.32 8.10 8.41
CA TYR E 12 6.09 6.93 8.80
C TYR E 12 6.71 7.13 10.16
N ASP E 13 7.10 6.03 10.79
CA ASP E 13 7.77 6.05 12.08
C ASP E 13 8.83 4.98 11.98
N VAL E 14 10.06 5.28 12.40
CA VAL E 14 11.14 4.30 12.25
C VAL E 14 10.93 3.11 13.18
N LEU E 15 10.02 3.24 14.13
CA LEU E 15 9.66 2.11 14.99
C LEU E 15 8.91 1.04 14.19
N SER E 16 8.28 1.47 13.10
CA SER E 16 7.46 0.57 12.28
C SER E 16 8.24 -0.06 11.13
N PRO E 17 8.37 -1.41 11.14
CA PRO E 17 9.04 -2.08 10.01
C PRO E 17 8.26 -1.96 8.70
N TYR E 18 6.94 -2.07 8.72
CA TYR E 18 6.19 -1.91 7.45
C TYR E 18 6.30 -0.51 6.87
N SER E 19 6.45 0.50 7.74
CA SER E 19 6.73 1.87 7.27
C SER E 19 8.02 1.93 6.46
N TRP E 20 9.05 1.22 6.90
CA TRP E 20 10.29 1.15 6.15
C TRP E 20 10.06 0.56 4.75
N LEU E 21 9.25 -0.49 4.66
CA LEU E 21 9.00 -1.11 3.36
C LEU E 21 8.30 -0.17 2.39
N GLY E 22 7.28 0.54 2.87
CA GLY E 22 6.55 1.48 2.06
C GLY E 22 7.46 2.63 1.67
N PHE E 23 8.26 3.07 2.63
CA PHE E 23 9.23 4.14 2.40
C PHE E 23 10.18 3.80 1.25
N GLU E 24 10.76 2.60 1.26
CA GLU E 24 11.74 2.24 0.24
C GLU E 24 11.09 2.14 -1.16
N ILE E 25 9.89 1.58 -1.23
CA ILE E 25 9.22 1.48 -2.54
C ILE E 25 8.98 2.88 -3.14
N LEU E 26 8.42 3.78 -2.33
CA LEU E 26 8.17 5.13 -2.80
C LEU E 26 9.44 5.87 -3.16
N CYS E 27 10.49 5.72 -2.35
CA CYS E 27 11.79 6.32 -2.67
C CYS E 27 12.31 5.84 -4.02
N ARG E 28 12.06 4.57 -4.33
CA ARG E 28 12.51 3.99 -5.61
C ARG E 28 11.75 4.54 -6.82
N TYR E 29 10.53 4.97 -6.58
CA TYR E 29 9.70 5.48 -7.67
C TYR E 29 9.68 7.01 -7.74
N GLN E 30 10.30 7.67 -6.77
CA GLN E 30 10.10 9.12 -6.66
C GLN E 30 10.65 9.89 -7.84
N ASN E 31 11.60 9.32 -8.56
CA ASN E 31 12.16 9.97 -9.74
C ASN E 31 11.68 9.36 -11.07
N ILE E 32 10.86 8.32 -10.99
CA ILE E 32 10.37 7.65 -12.18
C ILE E 32 8.93 8.11 -12.44
N TRP E 33 8.13 8.15 -11.39
CA TRP E 33 6.79 8.65 -11.50
C TRP E 33 6.80 10.17 -11.45
N ASN E 34 5.72 10.77 -11.94
CA ASN E 34 5.52 12.21 -11.91
C ASN E 34 4.96 12.65 -10.56
N ILE E 35 5.77 12.51 -9.52
CA ILE E 35 5.32 12.81 -8.18
C ILE E 35 6.32 13.67 -7.43
N ASN E 36 5.82 14.33 -6.40
CA ASN E 36 6.62 15.10 -5.47
C ASN E 36 6.48 14.42 -4.12
N LEU E 37 7.44 13.56 -3.80
CA LEU E 37 7.36 12.78 -2.57
C LEU E 37 7.72 13.64 -1.36
N GLN E 38 6.79 13.71 -0.40
CA GLN E 38 7.00 14.50 0.80
C GLN E 38 6.99 13.59 2.01
N LEU E 39 8.14 13.47 2.67
CA LEU E 39 8.26 12.60 3.84
C LEU E 39 7.74 13.30 5.09
N ARG E 40 6.98 12.56 5.89
CA ARG E 40 6.28 13.14 7.06
C ARG E 40 6.55 12.31 8.32
N PRO E 41 7.62 12.65 9.04
CA PRO E 41 7.94 11.90 10.27
C PRO E 41 6.78 11.99 11.27
N SER E 42 6.34 10.84 11.78
CA SER E 42 5.16 10.74 12.64
C SER E 42 5.42 9.75 13.76
N LEU E 43 4.55 9.74 14.78
CA LEU E 43 4.69 8.79 15.88
C LEU E 43 3.56 7.80 15.86
N ILE E 44 3.88 6.51 15.75
CA ILE E 44 2.83 5.50 15.68
C ILE E 44 2.03 5.54 16.98
N THR E 45 2.70 5.80 18.10
CA THR E 45 2.06 5.88 19.40
C THR E 45 0.92 6.89 19.45
N GLY E 46 1.14 8.06 18.85
CA GLY E 46 0.11 9.08 18.79
C GLY E 46 -1.08 8.65 17.97
N ILE E 47 -0.83 8.00 16.84
CA ILE E 47 -1.89 7.49 15.96
C ILE E 47 -2.72 6.40 16.63
N MET E 48 -2.06 5.48 17.34
CA MET E 48 -2.78 4.42 18.04
C MET E 48 -3.71 5.04 19.08
N LYS E 49 -3.20 6.03 19.79
CA LYS E 49 -3.99 6.69 20.83
C LYS E 49 -5.19 7.44 20.27
N ASP E 50 -4.99 8.16 19.17
CA ASP E 50 -6.04 8.98 18.61
C ASP E 50 -7.16 8.13 18.00
N SER E 51 -6.78 6.98 17.45
CA SER E 51 -7.71 6.13 16.72
C SER E 51 -8.33 5.05 17.60
N GLY E 52 -7.83 4.92 18.82
CA GLY E 52 -8.26 3.86 19.71
C GLY E 52 -7.80 2.48 19.27
N ASN E 53 -6.86 2.43 18.33
CA ASN E 53 -6.34 1.16 17.83
C ASN E 53 -5.28 0.61 18.78
N LYS E 54 -4.91 -0.63 18.59
CA LYS E 54 -3.83 -1.22 19.36
C LYS E 54 -2.88 -1.91 18.39
N PRO E 55 -1.59 -2.02 18.77
CA PRO E 55 -0.62 -2.70 17.92
C PRO E 55 -1.08 -4.12 17.60
N PRO E 56 -1.07 -4.49 16.32
CA PRO E 56 -1.59 -5.79 15.87
C PRO E 56 -0.76 -6.95 16.40
N GLY E 57 0.54 -6.75 16.55
CA GLY E 57 1.44 -7.78 17.05
C GLY E 57 1.10 -8.21 18.47
N LEU E 58 0.21 -7.47 19.12
CA LEU E 58 -0.23 -7.82 20.45
C LEU E 58 -1.00 -9.15 20.44
N LEU E 59 -1.70 -9.40 19.34
CA LEU E 59 -2.40 -10.67 19.18
C LEU E 59 -1.40 -11.72 18.72
N PRO E 60 -1.22 -12.78 19.53
CA PRO E 60 -0.24 -13.82 19.21
C PRO E 60 -0.26 -14.27 17.74
N ARG E 61 -1.42 -14.62 17.22
CA ARG E 61 -1.51 -15.11 15.84
C ARG E 61 -1.11 -14.07 14.79
N LYS E 62 -1.42 -12.80 15.07
CA LYS E 62 -1.00 -11.72 14.19
C LYS E 62 0.50 -11.47 14.30
N GLY E 63 1.02 -11.46 15.53
CA GLY E 63 2.45 -11.28 15.75
C GLY E 63 3.26 -12.31 15.01
N LEU E 64 2.83 -13.56 15.10
CA LEU E 64 3.51 -14.64 14.41
C LEU E 64 3.48 -14.44 12.89
N TYR E 65 2.31 -14.09 12.39
CA TYR E 65 2.16 -13.88 10.95
C TYR E 65 3.06 -12.74 10.48
N MET E 66 3.10 -11.65 11.23
CA MET E 66 3.92 -10.50 10.81
C MET E 66 5.40 -10.82 10.74
N ALA E 67 5.90 -11.57 11.73
CA ALA E 67 7.27 -12.07 11.66
C ALA E 67 7.52 -12.86 10.37
N ASN E 68 6.63 -13.79 10.04
CA ASN E 68 6.80 -14.58 8.83
C ASN E 68 6.72 -13.72 7.57
N ASP E 69 5.79 -12.77 7.59
CA ASP E 69 5.55 -11.89 6.46
C ASP E 69 6.80 -11.04 6.19
N LEU E 70 7.33 -10.42 7.23
CA LEU E 70 8.53 -9.60 7.08
C LEU E 70 9.69 -10.44 6.57
N LYS E 71 9.78 -11.69 7.02
CA LYS E 71 10.84 -12.55 6.52
C LYS E 71 10.75 -12.82 5.03
N LEU E 72 9.54 -12.96 4.51
CA LEU E 72 9.38 -13.12 3.05
C LEU E 72 9.62 -11.79 2.32
N LEU E 73 9.13 -10.70 2.89
CA LEU E 73 9.23 -9.42 2.23
C LEU E 73 10.67 -8.94 2.12
N ARG E 74 11.50 -9.35 3.07
CA ARG E 74 12.92 -9.05 3.02
C ARG E 74 13.47 -9.37 1.62
N HIS E 75 13.12 -10.54 1.10
CA HIS E 75 13.62 -10.98 -0.20
C HIS E 75 12.85 -10.44 -1.38
N HIS E 76 11.53 -10.37 -1.24
CA HIS E 76 10.71 -9.81 -2.30
C HIS E 76 11.04 -8.34 -2.57
N LEU E 77 11.29 -7.58 -1.51
CA LEU E 77 11.50 -6.13 -1.66
C LEU E 77 12.98 -5.75 -1.65
N GLN E 78 13.83 -6.71 -1.30
CA GLN E 78 15.27 -6.48 -1.18
C GLN E 78 15.57 -5.38 -0.17
N ILE E 79 15.08 -5.59 1.04
CA ILE E 79 15.33 -4.68 2.16
C ILE E 79 15.81 -5.53 3.33
N PRO E 80 16.96 -5.15 3.94
CA PRO E 80 17.68 -6.01 4.88
C PRO E 80 17.08 -6.06 6.28
N ILE E 81 15.78 -6.29 6.36
CA ILE E 81 15.15 -6.33 7.68
C ILE E 81 15.56 -7.62 8.41
N HIS E 82 15.74 -7.51 9.72
CA HIS E 82 16.32 -8.62 10.48
C HIS E 82 15.99 -8.33 11.92
N PHE E 83 15.70 -9.37 12.67
CA PHE E 83 15.29 -9.18 14.05
C PHE E 83 15.40 -10.49 14.80
N PRO E 84 15.68 -10.39 16.11
CA PRO E 84 15.71 -11.55 16.99
C PRO E 84 14.29 -11.91 17.41
N LYS E 85 14.07 -13.14 17.84
CA LYS E 85 12.76 -13.58 18.30
C LYS E 85 12.24 -12.65 19.40
N ASP E 86 10.94 -12.39 19.39
CA ASP E 86 10.31 -11.54 20.41
C ASP E 86 10.88 -10.12 20.42
N PHE E 87 10.95 -9.51 19.25
CA PHE E 87 11.59 -8.20 19.11
C PHE E 87 10.60 -7.04 19.24
N LEU E 88 9.39 -7.24 18.72
CA LEU E 88 8.37 -6.20 18.80
C LEU E 88 8.14 -5.77 20.25
N SER E 89 8.08 -6.75 21.14
CA SER E 89 7.80 -6.50 22.55
C SER E 89 8.71 -5.41 23.13
N VAL E 90 10.00 -5.48 22.82
CA VAL E 90 10.93 -4.49 23.36
C VAL E 90 11.00 -3.21 22.53
N MET E 91 10.39 -3.24 21.34
CA MET E 91 10.29 -2.03 20.53
C MET E 91 9.29 -1.07 21.14
N LEU E 92 8.09 -1.59 21.40
CA LEU E 92 7.02 -0.81 22.01
C LEU E 92 7.46 -0.25 23.36
N GLU E 93 8.39 -0.95 24.01
CA GLU E 93 8.91 -0.53 25.30
C GLU E 93 9.80 0.70 25.14
N LYS E 94 10.82 0.59 24.29
CA LYS E 94 11.80 1.65 24.16
C LYS E 94 11.28 2.84 23.35
N GLY E 95 10.57 2.56 22.26
CA GLY E 95 9.97 3.61 21.46
C GLY E 95 10.96 4.29 20.55
N SER E 96 10.53 5.40 19.95
CA SER E 96 11.30 6.07 18.91
C SER E 96 11.16 7.58 19.03
N LEU E 97 10.72 8.04 20.19
CA LEU E 97 10.42 9.45 20.39
C LEU E 97 11.59 10.38 20.00
N SER E 98 12.77 10.13 20.56
CA SER E 98 13.92 10.99 20.28
C SER E 98 14.34 10.91 18.81
N ALA E 99 14.33 9.71 18.24
CA ALA E 99 14.68 9.54 16.85
C ALA E 99 13.72 10.32 15.95
N MET E 100 12.43 10.22 16.24
CA MET E 100 11.43 10.88 15.39
C MET E 100 11.42 12.40 15.59
N ARG E 101 11.79 12.87 16.79
CA ARG E 101 11.95 14.30 17.02
C ARG E 101 13.18 14.78 16.25
N PHE E 102 14.23 13.95 16.22
CA PHE E 102 15.42 14.29 15.44
C PHE E 102 15.08 14.43 13.96
N LEU E 103 14.32 13.48 13.42
CA LEU E 103 13.94 13.52 12.00
C LEU E 103 13.09 14.75 11.73
N THR E 104 12.30 15.14 12.72
CA THR E 104 11.50 16.35 12.62
C THR E 104 12.41 17.58 12.52
N ALA E 105 13.44 17.65 13.36
CA ALA E 105 14.42 18.72 13.26
C ALA E 105 15.12 18.73 11.89
N VAL E 106 15.52 17.56 11.42
CA VAL E 106 16.10 17.44 10.08
C VAL E 106 15.15 17.99 9.01
N ASN E 107 13.89 17.59 9.07
CA ASN E 107 12.89 18.06 8.11
C ASN E 107 12.80 19.59 8.14
N LEU E 108 12.84 20.17 9.33
CA LEU E 108 12.70 21.62 9.46
C LEU E 108 13.92 22.38 8.93
N GLU E 109 15.11 21.80 9.05
CA GLU E 109 16.33 22.54 8.74
C GLU E 109 17.18 22.02 7.57
N HIS E 110 17.21 20.71 7.39
CA HIS E 110 17.99 20.11 6.30
C HIS E 110 17.20 18.99 5.65
N PRO E 111 16.03 19.32 5.07
CA PRO E 111 15.12 18.31 4.53
C PRO E 111 15.78 17.44 3.46
N GLU E 112 16.83 17.93 2.84
CA GLU E 112 17.52 17.13 1.81
C GLU E 112 18.26 15.94 2.42
N MET E 113 18.41 15.95 3.75
CA MET E 113 19.06 14.85 4.47
C MET E 113 18.03 13.87 5.06
N LEU E 114 16.74 14.19 4.95
CA LEU E 114 15.70 13.44 5.63
C LEU E 114 15.60 11.97 5.18
N GLU E 115 15.67 11.73 3.87
CA GLU E 115 15.60 10.36 3.38
C GLU E 115 16.74 9.49 3.94
N LYS E 116 17.97 9.94 3.79
CA LYS E 116 19.10 9.12 4.25
C LYS E 116 19.11 8.96 5.78
N ALA E 117 18.80 10.02 6.51
CA ALA E 117 18.77 9.97 7.98
C ALA E 117 17.71 8.96 8.43
N SER E 118 16.56 8.97 7.77
CA SER E 118 15.50 8.02 8.09
C SER E 118 15.96 6.59 7.85
N ARG E 119 16.57 6.35 6.69
CA ARG E 119 17.03 5.02 6.34
C ARG E 119 18.08 4.51 7.32
N GLU E 120 19.02 5.38 7.69
CA GLU E 120 20.04 4.96 8.65
C GLU E 120 19.45 4.58 10.01
N LEU E 121 18.39 5.28 10.44
CA LEU E 121 17.72 4.92 11.69
C LEU E 121 17.04 3.54 11.61
N TRP E 122 16.34 3.26 10.50
CA TRP E 122 15.77 1.92 10.29
C TRP E 122 16.87 0.86 10.24
N MET E 123 18.00 1.19 9.63
CA MET E 123 19.09 0.21 9.56
C MET E 123 19.57 -0.18 10.96
N ARG E 124 19.54 0.77 11.90
CA ARG E 124 19.91 0.46 13.29
C ARG E 124 18.88 -0.45 13.92
N VAL E 125 17.63 0.02 13.94
CA VAL E 125 16.62 -0.64 14.75
C VAL E 125 16.08 -1.93 14.12
N TRP E 126 15.92 -1.93 12.80
CA TRP E 126 15.29 -3.06 12.10
C TRP E 126 16.20 -3.84 11.18
N SER E 127 17.49 -3.54 11.21
CA SER E 127 18.45 -4.39 10.52
C SER E 127 19.50 -4.93 11.47
N ARG E 128 20.23 -4.02 12.12
CA ARG E 128 21.29 -4.44 13.03
C ARG E 128 20.84 -4.55 14.47
N ASN E 129 19.59 -4.17 14.71
CA ASN E 129 19.00 -4.28 16.04
C ASN E 129 19.83 -3.55 17.10
N GLU E 130 20.24 -2.34 16.73
CA GLU E 130 20.95 -1.41 17.57
C GLU E 130 19.99 -0.41 18.19
N ASP E 131 20.39 0.16 19.33
CA ASP E 131 19.55 1.10 20.02
C ASP E 131 19.32 2.36 19.18
N ILE E 132 18.16 2.98 19.32
CA ILE E 132 17.91 4.27 18.69
C ILE E 132 17.40 5.30 19.68
N THR E 133 17.59 5.05 20.97
CA THR E 133 17.09 5.96 21.99
C THR E 133 18.14 6.92 22.55
N GLU E 134 19.40 6.47 22.57
CA GLU E 134 20.49 7.27 23.14
C GLU E 134 21.02 8.29 22.13
N PRO E 135 21.45 9.46 22.63
CA PRO E 135 21.97 10.54 21.79
C PRO E 135 23.06 10.06 20.85
N GLN E 136 24.02 9.30 21.37
CA GLN E 136 25.11 8.76 20.55
C GLN E 136 24.62 7.86 19.42
N SER E 137 23.54 7.12 19.67
CA SER E 137 23.00 6.21 18.65
C SER E 137 22.44 7.04 17.50
N ILE E 138 21.68 8.08 17.84
CA ILE E 138 21.07 8.91 16.80
C ILE E 138 22.17 9.66 16.03
N LEU E 139 23.17 10.13 16.75
CA LEU E 139 24.27 10.83 16.12
C LEU E 139 25.03 9.90 15.17
N ALA E 140 25.18 8.64 15.55
CA ALA E 140 25.84 7.67 14.69
C ALA E 140 25.08 7.49 13.36
N ALA E 141 23.76 7.37 13.44
CA ALA E 141 22.97 7.22 12.21
C ALA E 141 23.09 8.48 11.35
N ALA E 142 23.10 9.64 12.00
CA ALA E 142 23.19 10.92 11.28
C ALA E 142 24.51 11.03 10.53
N GLU E 143 25.60 10.60 11.15
CA GLU E 143 26.89 10.68 10.50
C GLU E 143 27.02 9.67 9.35
N LYS E 144 26.45 8.49 9.53
CA LYS E 144 26.35 7.51 8.45
C LYS E 144 25.57 8.08 7.26
N ALA E 145 24.61 8.95 7.54
CA ALA E 145 23.76 9.53 6.50
C ALA E 145 24.47 10.66 5.76
N GLY E 146 25.58 11.11 6.31
CA GLY E 146 26.40 12.11 5.64
C GLY E 146 26.45 13.48 6.27
N MET E 147 25.82 13.63 7.43
CA MET E 147 25.86 14.90 8.16
C MET E 147 27.19 15.06 8.87
N SER E 148 27.68 16.30 8.97
CA SER E 148 28.86 16.59 9.76
C SER E 148 28.52 16.42 11.23
N ALA E 149 29.53 16.16 12.06
CA ALA E 149 29.31 16.03 13.50
C ALA E 149 28.61 17.27 14.06
N GLU E 150 29.04 18.45 13.63
CA GLU E 150 28.48 19.70 14.13
C GLU E 150 27.03 19.87 13.68
N GLN E 151 26.77 19.55 12.42
CA GLN E 151 25.43 19.60 11.88
C GLN E 151 24.49 18.69 12.68
N ALA E 152 24.92 17.45 12.92
CA ALA E 152 24.10 16.47 13.63
C ALA E 152 23.84 16.86 15.09
N GLN E 153 24.89 17.30 15.79
CA GLN E 153 24.71 17.71 17.18
C GLN E 153 23.79 18.92 17.32
N GLY E 154 23.88 19.84 16.36
CA GLY E 154 23.06 21.03 16.38
C GLY E 154 21.59 20.70 16.21
N LEU E 155 21.29 19.72 15.38
CA LEU E 155 19.92 19.30 15.20
C LEU E 155 19.45 18.50 16.43
N LEU E 156 20.35 17.73 17.00
CA LEU E 156 19.96 16.92 18.16
C LEU E 156 19.63 17.82 19.35
N GLU E 157 20.33 18.94 19.49
CA GLU E 157 20.00 19.91 20.54
C GLU E 157 18.58 20.43 20.38
N LYS E 158 18.13 20.51 19.13
CA LYS E 158 16.79 21.00 18.83
C LYS E 158 15.66 20.08 19.30
N ILE E 159 15.95 18.81 19.56
CA ILE E 159 14.86 17.94 20.01
C ILE E 159 14.36 18.32 21.42
N ALA E 160 15.08 19.20 22.08
CA ALA E 160 14.68 19.63 23.41
C ALA E 160 13.72 20.81 23.33
N THR E 161 13.43 21.28 22.12
CA THR E 161 12.63 22.48 21.92
C THR E 161 11.15 22.18 21.73
N PRO E 162 10.29 23.00 22.35
CA PRO E 162 8.84 22.91 22.13
C PRO E 162 8.48 22.95 20.64
N LYS E 163 9.21 23.74 19.84
CA LYS E 163 8.86 23.86 18.43
C LYS E 163 8.99 22.52 17.70
N VAL E 164 10.10 21.82 17.95
CA VAL E 164 10.30 20.51 17.34
C VAL E 164 9.32 19.48 17.90
N LYS E 165 9.18 19.43 19.22
CA LYS E 165 8.24 18.52 19.86
C LYS E 165 6.83 18.73 19.30
N ASN E 166 6.48 19.99 19.07
CA ASN E 166 5.15 20.31 18.60
C ASN E 166 4.93 19.98 17.13
N GLN E 167 5.97 20.15 16.32
CA GLN E 167 5.85 19.84 14.91
C GLN E 167 5.63 18.34 14.70
N LEU E 168 6.31 17.51 15.50
CA LEU E 168 6.11 16.06 15.41
C LEU E 168 4.67 15.69 15.74
N LYS E 169 4.16 16.28 16.82
CA LYS E 169 2.76 16.11 17.20
C LYS E 169 1.79 16.51 16.09
N GLU E 170 1.99 17.69 15.50
CA GLU E 170 1.08 18.19 14.46
C GLU E 170 1.16 17.37 13.18
N THR E 171 2.33 16.83 12.88
CA THR E 171 2.46 15.96 11.71
C THR E 171 1.71 14.65 11.95
N THR E 172 1.83 14.14 13.16
CA THR E 172 1.14 12.92 13.56
C THR E 172 -0.37 13.15 13.53
N GLU E 173 -0.81 14.31 14.03
CA GLU E 173 -2.22 14.68 13.97
C GLU E 173 -2.72 14.82 12.53
N ALA E 174 -1.87 15.33 11.65
CA ALA E 174 -2.26 15.39 10.24
C ALA E 174 -2.53 14.00 9.67
N ALA E 175 -1.74 13.01 10.07
CA ALA E 175 -1.97 11.65 9.61
C ALA E 175 -3.34 11.17 10.09
N CYS E 176 -3.66 11.44 11.36
CA CYS E 176 -4.96 11.11 11.90
C CYS E 176 -6.09 11.80 11.11
N ARG E 177 -5.90 13.06 10.75
CA ARG E 177 -6.95 13.77 10.01
C ARG E 177 -7.15 13.22 8.61
N TYR E 178 -6.12 12.55 8.09
CA TYR E 178 -6.25 11.87 6.80
C TYR E 178 -6.88 10.49 7.00
N GLY E 179 -7.18 10.14 8.24
CA GLY E 179 -7.86 8.88 8.55
C GLY E 179 -6.99 7.76 9.09
N ALA E 180 -5.74 8.05 9.44
CA ALA E 180 -4.82 6.99 9.89
C ALA E 180 -5.26 6.28 11.16
N PHE E 181 -5.05 4.95 11.19
CA PHE E 181 -5.21 4.15 12.40
C PHE E 181 -3.93 3.38 12.65
N GLY E 182 -2.93 3.62 11.81
CA GLY E 182 -1.68 2.89 11.87
C GLY E 182 -0.77 3.43 10.80
N LEU E 183 0.45 2.91 10.68
CA LEU E 183 1.41 3.38 9.68
C LEU E 183 1.97 2.21 8.88
N PRO E 184 2.47 2.46 7.66
CA PRO E 184 2.56 3.77 7.01
C PRO E 184 1.20 4.17 6.41
N ILE E 185 1.00 5.46 6.21
CA ILE E 185 -0.04 5.88 5.28
C ILE E 185 0.56 6.72 4.20
N THR E 186 -0.02 6.62 3.00
CA THR E 186 0.44 7.38 1.85
C THR E 186 -0.75 8.20 1.38
N VAL E 187 -0.54 9.50 1.15
CA VAL E 187 -1.65 10.39 0.76
C VAL E 187 -1.34 11.05 -0.58
N ALA E 188 -2.13 10.71 -1.60
CA ALA E 188 -1.85 11.20 -2.93
C ALA E 188 -2.87 12.28 -3.25
N HIS E 189 -2.38 13.41 -3.74
CA HIS E 189 -3.23 14.51 -4.17
C HIS E 189 -3.25 14.51 -5.69
N VAL E 190 -4.36 14.12 -6.26
CA VAL E 190 -4.42 13.88 -7.70
C VAL E 190 -5.76 14.34 -8.30
N ASP E 191 -5.67 15.08 -9.40
CA ASP E 191 -6.87 15.58 -10.07
C ASP E 191 -7.81 16.28 -9.08
N GLY E 192 -7.22 17.03 -8.15
CA GLY E 192 -7.99 17.79 -7.19
C GLY E 192 -8.58 17.00 -6.04
N GLN E 193 -8.29 15.71 -5.96
CA GLN E 193 -8.84 14.87 -4.90
C GLN E 193 -7.72 14.27 -4.03
N THR E 194 -8.06 13.91 -2.81
CA THR E 194 -7.10 13.35 -1.86
C THR E 194 -7.44 11.89 -1.60
N HIS E 195 -6.43 11.02 -1.69
CA HIS E 195 -6.62 9.60 -1.45
C HIS E 195 -5.65 9.13 -0.41
N MET E 196 -6.13 8.46 0.63
CA MET E 196 -5.23 7.92 1.65
C MET E 196 -5.14 6.41 1.50
N LEU E 197 -3.91 5.88 1.52
CA LEU E 197 -3.68 4.46 1.36
C LEU E 197 -2.86 3.95 2.53
N PHE E 198 -3.31 2.87 3.15
CA PHE E 198 -2.64 2.34 4.32
C PHE E 198 -1.77 1.14 3.94
N GLY E 199 -0.52 1.13 4.41
CA GLY E 199 0.33 -0.03 4.29
C GLY E 199 1.36 0.09 3.18
N SER E 200 2.35 -0.81 3.21
CA SER E 200 3.38 -0.88 2.19
C SER E 200 2.88 -1.60 0.96
N ASP E 201 1.71 -2.22 1.07
CA ASP E 201 1.18 -3.08 0.00
C ASP E 201 0.08 -2.45 -0.84
N ARG E 202 0.10 -1.13 -0.96
CA ARG E 202 -0.90 -0.46 -1.80
C ARG E 202 -0.21 0.39 -2.88
N MET E 203 1.06 0.12 -3.13
CA MET E 203 1.80 0.95 -4.09
C MET E 203 1.39 0.65 -5.54
N GLU E 204 0.96 -0.58 -5.82
CA GLU E 204 0.48 -0.85 -7.18
C GLU E 204 -0.85 -0.13 -7.41
N LEU E 205 -1.66 -0.04 -6.35
CA LEU E 205 -2.92 0.67 -6.45
C LEU E 205 -2.65 2.17 -6.62
N LEU E 206 -1.64 2.66 -5.90
CA LEU E 206 -1.23 4.05 -6.07
C LEU E 206 -0.84 4.33 -7.53
N ALA E 207 -0.09 3.41 -8.12
CA ALA E 207 0.31 3.58 -9.53
C ALA E 207 -0.94 3.74 -10.38
N HIS E 208 -1.94 2.92 -10.09
CA HIS E 208 -3.18 2.93 -10.86
C HIS E 208 -3.87 4.28 -10.71
N LEU E 209 -3.94 4.75 -9.47
CA LEU E 209 -4.60 6.01 -9.17
C LEU E 209 -3.89 7.16 -9.89
N LEU E 210 -2.57 7.06 -10.01
CA LEU E 210 -1.76 8.12 -10.62
C LEU E 210 -1.67 8.00 -12.14
N GLY E 211 -2.16 6.90 -12.70
CA GLY E 211 -1.99 6.62 -14.13
C GLY E 211 -0.53 6.34 -14.49
N GLU E 212 0.22 5.76 -13.56
CA GLU E 212 1.65 5.50 -13.75
C GLU E 212 1.88 4.00 -13.89
N LYS E 213 3.04 3.61 -14.43
CA LYS E 213 3.32 2.20 -14.66
C LYS E 213 3.90 1.53 -13.42
N TRP E 214 3.29 0.42 -12.99
CA TRP E 214 3.84 -0.35 -11.90
C TRP E 214 4.84 -1.33 -12.47
N MET E 215 6.06 -1.31 -11.94
CA MET E 215 7.11 -2.23 -12.38
C MET E 215 7.63 -3.10 -11.26
N GLY E 216 6.77 -3.37 -10.27
CA GLY E 216 7.19 -4.15 -9.13
C GLY E 216 7.83 -3.27 -8.06
N PRO E 217 8.18 -3.88 -6.93
CA PRO E 217 8.78 -3.17 -5.81
C PRO E 217 10.23 -2.75 -6.10
N ILE E 218 10.84 -3.30 -7.13
CA ILE E 218 12.21 -2.97 -7.49
C ILE E 218 12.29 -2.49 -8.93
N PRO E 219 11.79 -1.28 -9.20
CA PRO E 219 11.76 -0.83 -10.60
C PRO E 219 13.19 -0.56 -11.11
N PRO E 220 13.41 -0.71 -12.42
CA PRO E 220 14.66 -0.27 -13.05
C PRO E 220 14.83 1.24 -13.04
N ALA E 221 16.01 1.73 -13.40
CA ALA E 221 16.27 3.16 -13.48
C ALA E 221 16.01 3.70 -14.89
N GLY F 2 -3.38 41.50 8.20
CA GLY F 2 -4.75 41.75 7.79
C GLY F 2 -5.65 42.13 8.96
N PRO F 3 -6.91 41.69 8.91
CA PRO F 3 -7.92 41.96 9.95
C PRO F 3 -7.80 41.03 11.16
N LEU F 4 -8.36 41.46 12.28
CA LEU F 4 -8.43 40.62 13.48
C LEU F 4 -9.18 39.32 13.16
N PRO F 5 -8.78 38.21 13.80
CA PRO F 5 -9.50 36.97 13.55
C PRO F 5 -10.99 37.16 13.84
N ARG F 6 -11.82 36.58 13.00
CA ARG F 6 -13.26 36.69 13.16
C ARG F 6 -13.80 35.69 14.18
N THR F 7 -14.63 36.16 15.10
CA THR F 7 -15.31 35.29 16.05
C THR F 7 -16.38 34.47 15.33
N VAL F 8 -16.34 33.15 15.52
CA VAL F 8 -17.38 32.28 14.97
C VAL F 8 -17.90 31.41 16.10
N GLU F 9 -19.18 31.55 16.42
CA GLU F 9 -19.81 30.83 17.51
C GLU F 9 -20.56 29.65 16.93
N LEU F 10 -20.39 28.46 17.52
CA LEU F 10 -21.18 27.31 17.07
C LEU F 10 -22.07 26.85 18.20
N PHE F 11 -23.38 26.89 17.97
CA PHE F 11 -24.33 26.41 18.97
C PHE F 11 -24.71 24.98 18.62
N TYR F 12 -24.62 24.07 19.58
CA TYR F 12 -24.80 22.65 19.29
C TYR F 12 -25.35 21.88 20.48
N ASP F 13 -25.85 20.67 20.20
CA ASP F 13 -26.38 19.78 21.22
C ASP F 13 -25.93 18.39 20.80
N VAL F 14 -25.38 17.61 21.72
CA VAL F 14 -24.91 16.27 21.37
C VAL F 14 -26.06 15.31 21.04
N LEU F 15 -27.29 15.74 21.28
CA LEU F 15 -28.45 14.95 20.86
C LEU F 15 -28.65 15.03 19.35
N SER F 16 -27.99 15.99 18.70
CA SER F 16 -28.22 16.27 17.29
C SER F 16 -27.08 15.75 16.42
N PRO F 17 -27.37 14.80 15.52
CA PRO F 17 -26.26 14.32 14.69
C PRO F 17 -25.74 15.36 13.71
N TYR F 18 -26.62 16.21 13.19
CA TYR F 18 -26.15 17.25 12.27
C TYR F 18 -25.27 18.27 12.98
N SER F 19 -25.51 18.49 14.28
CA SER F 19 -24.63 19.34 15.07
C SER F 19 -23.23 18.77 15.10
N TRP F 20 -23.13 17.46 15.24
CA TRP F 20 -21.84 16.79 15.21
C TRP F 20 -21.11 17.05 13.88
N LEU F 21 -21.85 16.98 12.78
CA LEU F 21 -21.24 17.16 11.47
C LEU F 21 -20.67 18.58 11.34
N GLY F 22 -21.47 19.59 11.73
CA GLY F 22 -21.01 20.96 11.62
C GLY F 22 -19.85 21.23 12.55
N PHE F 23 -19.96 20.74 13.78
CA PHE F 23 -18.87 20.80 14.77
C PHE F 23 -17.54 20.30 14.18
N GLU F 24 -17.53 19.11 13.58
CA GLU F 24 -16.26 18.55 13.09
C GLU F 24 -15.68 19.40 11.98
N ILE F 25 -16.52 19.86 11.06
CA ILE F 25 -16.01 20.68 9.97
C ILE F 25 -15.36 21.94 10.52
N LEU F 26 -16.08 22.65 11.39
CA LEU F 26 -15.53 23.87 11.96
C LEU F 26 -14.28 23.60 12.78
N CYS F 27 -14.27 22.51 13.55
CA CYS F 27 -13.05 22.16 14.29
C CYS F 27 -11.88 21.94 13.35
N ARG F 28 -12.15 21.40 12.16
CA ARG F 28 -11.10 21.12 11.18
C ARG F 28 -10.52 22.39 10.57
N TYR F 29 -11.32 23.46 10.55
CA TYR F 29 -10.87 24.73 9.98
C TYR F 29 -10.39 25.76 11.01
N GLN F 30 -10.60 25.46 12.28
CA GLN F 30 -10.38 26.47 13.33
C GLN F 30 -8.94 27.03 13.39
N ASN F 31 -7.97 26.25 12.94
CA ASN F 31 -6.57 26.71 12.89
C ASN F 31 -6.10 27.09 11.48
N ILE F 32 -6.95 26.85 10.50
CA ILE F 32 -6.64 27.15 9.10
C ILE F 32 -7.17 28.54 8.72
N TRP F 33 -8.45 28.75 8.96
CA TRP F 33 -9.07 30.05 8.71
C TRP F 33 -8.68 31.04 9.78
N ASN F 34 -8.80 32.33 9.48
CA ASN F 34 -8.49 33.38 10.45
C ASN F 34 -9.68 33.64 11.36
N ILE F 35 -9.99 32.66 12.21
CA ILE F 35 -11.16 32.71 13.07
C ILE F 35 -10.86 32.33 14.51
N ASN F 36 -11.72 32.80 15.41
CA ASN F 36 -11.72 32.36 16.79
C ASN F 36 -13.00 31.56 17.06
N LEU F 37 -12.89 30.23 17.01
CA LEU F 37 -14.05 29.37 17.17
C LEU F 37 -14.48 29.30 18.63
N GLN F 38 -15.73 29.67 18.90
CA GLN F 38 -16.28 29.63 20.26
C GLN F 38 -17.39 28.58 20.35
N LEU F 39 -17.15 27.49 21.07
CA LEU F 39 -18.18 26.45 21.21
C LEU F 39 -19.24 26.86 22.20
N ARG F 40 -20.51 26.66 21.86
CA ARG F 40 -21.62 27.09 22.72
C ARG F 40 -22.62 25.97 23.00
N PRO F 41 -22.40 25.20 24.08
CA PRO F 41 -23.30 24.09 24.40
C PRO F 41 -24.72 24.61 24.60
N SER F 42 -25.66 24.02 23.86
CA SER F 42 -27.04 24.49 23.85
C SER F 42 -28.00 23.33 23.96
N LEU F 43 -29.27 23.63 24.22
CA LEU F 43 -30.27 22.59 24.36
C LEU F 43 -31.31 22.68 23.24
N ILE F 44 -31.28 21.72 22.32
CA ILE F 44 -32.19 21.73 21.17
C ILE F 44 -33.66 21.77 21.62
N THR F 45 -33.95 21.10 22.72
CA THR F 45 -35.31 21.05 23.23
C THR F 45 -35.79 22.45 23.67
N GLY F 46 -34.87 23.26 24.17
CA GLY F 46 -35.18 24.64 24.52
C GLY F 46 -35.45 25.49 23.29
N ILE F 47 -34.62 25.29 22.25
CA ILE F 47 -34.79 26.00 20.99
C ILE F 47 -36.16 25.69 20.38
N MET F 48 -36.53 24.42 20.35
CA MET F 48 -37.82 24.02 19.79
C MET F 48 -38.97 24.66 20.54
N LYS F 49 -38.85 24.69 21.86
CA LYS F 49 -39.91 25.24 22.70
C LYS F 49 -40.09 26.71 22.41
N ASP F 50 -38.99 27.45 22.43
CA ASP F 50 -39.05 28.91 22.23
C ASP F 50 -39.57 29.30 20.85
N SER F 51 -39.11 28.64 19.81
CA SER F 51 -39.50 28.97 18.44
C SER F 51 -40.84 28.35 18.02
N GLY F 52 -41.33 27.39 18.80
CA GLY F 52 -42.54 26.67 18.45
C GLY F 52 -42.33 25.57 17.41
N ASN F 53 -41.08 25.42 16.98
CA ASN F 53 -40.74 24.40 15.99
C ASN F 53 -40.86 23.01 16.57
N LYS F 54 -40.94 22.00 15.69
CA LYS F 54 -40.89 20.61 16.10
C LYS F 54 -39.83 19.84 15.31
N PRO F 55 -39.28 18.77 15.90
CA PRO F 55 -38.20 17.99 15.29
C PRO F 55 -38.60 17.48 13.92
N PRO F 56 -37.74 17.69 12.91
CA PRO F 56 -38.04 17.31 11.52
C PRO F 56 -38.34 15.83 11.37
N GLY F 57 -37.54 14.99 12.04
CA GLY F 57 -37.61 13.56 11.86
C GLY F 57 -38.98 12.97 12.16
N LEU F 58 -39.86 13.74 12.78
CA LEU F 58 -41.17 13.23 13.15
C LEU F 58 -42.01 12.85 11.92
N LEU F 59 -42.00 13.69 10.88
CA LEU F 59 -42.62 13.34 9.61
C LEU F 59 -41.86 12.15 9.04
N PRO F 60 -42.57 11.04 8.78
CA PRO F 60 -41.89 9.79 8.40
C PRO F 60 -40.97 9.96 7.20
N ARG F 61 -41.43 10.66 6.16
CA ARG F 61 -40.58 10.81 4.97
C ARG F 61 -39.30 11.55 5.28
N LYS F 62 -39.38 12.53 6.18
CA LYS F 62 -38.18 13.28 6.55
C LYS F 62 -37.26 12.43 7.40
N GLY F 63 -37.82 11.65 8.30
CA GLY F 63 -37.01 10.79 9.15
C GLY F 63 -36.26 9.75 8.34
N LEU F 64 -36.97 9.16 7.39
CA LEU F 64 -36.35 8.22 6.46
C LEU F 64 -35.24 8.90 5.68
N TYR F 65 -35.52 10.09 5.17
CA TYR F 65 -34.52 10.83 4.37
C TYR F 65 -33.27 11.10 5.21
N MET F 66 -33.48 11.57 6.43
CA MET F 66 -32.37 11.92 7.30
C MET F 66 -31.48 10.71 7.59
N ALA F 67 -32.10 9.55 7.79
CA ALA F 67 -31.33 8.32 7.97
C ALA F 67 -30.41 8.07 6.77
N ASN F 68 -30.96 8.17 5.56
CA ASN F 68 -30.18 7.98 4.34
C ASN F 68 -29.08 9.00 4.17
N ASP F 69 -29.41 10.26 4.45
CA ASP F 69 -28.48 11.38 4.32
C ASP F 69 -27.29 11.15 5.24
N LEU F 70 -27.55 10.86 6.50
CA LEU F 70 -26.50 10.65 7.48
C LEU F 70 -25.63 9.46 7.06
N LYS F 71 -26.23 8.42 6.50
CA LYS F 71 -25.44 7.30 6.00
C LYS F 71 -24.50 7.70 4.87
N LEU F 72 -24.93 8.59 3.98
CA LEU F 72 -24.02 9.12 2.96
C LEU F 72 -22.96 10.05 3.55
N LEU F 73 -23.37 10.88 4.51
CA LEU F 73 -22.47 11.89 5.06
C LEU F 73 -21.35 11.26 5.90
N ARG F 74 -21.64 10.12 6.51
CA ARG F 74 -20.63 9.38 7.25
C ARG F 74 -19.35 9.23 6.42
N HIS F 75 -19.51 8.84 5.16
CA HIS F 75 -18.34 8.67 4.28
C HIS F 75 -17.80 9.97 3.70
N HIS F 76 -18.69 10.84 3.28
CA HIS F 76 -18.26 12.12 2.71
C HIS F 76 -17.48 12.95 3.73
N LEU F 77 -17.94 12.96 4.98
CA LEU F 77 -17.32 13.77 6.03
C LEU F 77 -16.29 13.03 6.88
N GLN F 78 -16.25 11.70 6.75
CA GLN F 78 -15.37 10.85 7.55
C GLN F 78 -15.65 11.03 9.03
N ILE F 79 -16.92 10.81 9.38
CA ILE F 79 -17.37 10.87 10.75
C ILE F 79 -18.18 9.60 11.00
N PRO F 80 -17.78 8.82 12.02
CA PRO F 80 -18.31 7.47 12.25
C PRO F 80 -19.74 7.42 12.80
N ILE F 81 -20.64 8.15 12.17
CA ILE F 81 -22.01 8.14 12.65
C ILE F 81 -22.61 6.75 12.41
N HIS F 82 -23.40 6.28 13.36
CA HIS F 82 -23.93 4.93 13.28
C HIS F 82 -25.16 4.87 14.17
N PHE F 83 -26.17 4.14 13.74
CA PHE F 83 -27.41 4.08 14.50
C PHE F 83 -28.23 2.87 14.09
N PRO F 84 -29.06 2.36 15.01
CA PRO F 84 -30.00 1.28 14.72
C PRO F 84 -31.32 1.86 14.21
N LYS F 85 -32.23 1.00 13.79
CA LYS F 85 -33.52 1.46 13.28
C LYS F 85 -34.32 2.18 14.36
N ASP F 86 -35.05 3.22 13.96
CA ASP F 86 -35.88 3.96 14.90
C ASP F 86 -35.08 4.43 16.12
N PHE F 87 -34.03 5.21 15.86
CA PHE F 87 -33.17 5.69 16.92
C PHE F 87 -33.54 7.12 17.32
N LEU F 88 -34.25 7.80 16.42
CA LEU F 88 -34.68 9.18 16.66
C LEU F 88 -35.69 9.26 17.80
N SER F 89 -36.61 8.30 17.84
CA SER F 89 -37.62 8.25 18.89
C SER F 89 -36.97 8.03 20.25
N VAL F 90 -35.98 7.14 20.28
CA VAL F 90 -35.22 6.89 21.50
C VAL F 90 -34.63 8.20 22.02
N MET F 91 -33.84 8.85 21.18
CA MET F 91 -33.18 10.10 21.55
C MET F 91 -34.15 11.14 22.13
N LEU F 92 -35.20 11.48 21.38
CA LEU F 92 -36.19 12.43 21.85
C LEU F 92 -36.61 12.10 23.28
N GLU F 93 -36.98 10.85 23.51
CA GLU F 93 -37.43 10.38 24.82
C GLU F 93 -36.41 10.62 25.93
N LYS F 94 -35.18 10.17 25.72
CA LYS F 94 -34.18 10.22 26.77
C LYS F 94 -33.49 11.58 26.91
N GLY F 95 -33.32 12.28 25.78
CA GLY F 95 -32.79 13.63 25.81
C GLY F 95 -31.31 13.69 26.16
N SER F 96 -30.81 14.91 26.38
CA SER F 96 -29.38 15.11 26.59
C SER F 96 -29.10 16.16 27.68
N LEU F 97 -30.05 16.35 28.59
CA LEU F 97 -29.94 17.48 29.52
C LEU F 97 -28.67 17.41 30.37
N SER F 98 -28.43 16.27 31.00
CA SER F 98 -27.28 16.13 31.88
C SER F 98 -25.97 16.30 31.12
N ALA F 99 -25.89 15.72 29.93
CA ALA F 99 -24.71 15.82 29.10
C ALA F 99 -24.41 17.28 28.76
N MET F 100 -25.42 18.00 28.30
CA MET F 100 -25.26 19.40 27.95
C MET F 100 -24.96 20.28 29.18
N ARG F 101 -25.57 19.95 30.31
CA ARG F 101 -25.17 20.61 31.56
C ARG F 101 -23.71 20.32 31.90
N PHE F 102 -23.27 19.08 31.72
CA PHE F 102 -21.89 18.73 31.98
C PHE F 102 -20.94 19.51 31.07
N LEU F 103 -21.28 19.61 29.77
CA LEU F 103 -20.45 20.36 28.84
C LEU F 103 -20.41 21.85 29.23
N THR F 104 -21.50 22.34 29.79
CA THR F 104 -21.55 23.72 30.25
C THR F 104 -20.55 23.89 31.41
N ALA F 105 -20.51 22.92 32.30
CA ALA F 105 -19.57 22.98 33.42
C ALA F 105 -18.13 22.88 32.92
N VAL F 106 -17.90 22.10 31.88
CA VAL F 106 -16.58 22.02 31.28
C VAL F 106 -16.21 23.38 30.69
N ASN F 107 -17.16 24.00 30.00
CA ASN F 107 -16.91 25.28 29.37
C ASN F 107 -16.55 26.36 30.38
N LEU F 108 -17.19 26.30 31.55
CA LEU F 108 -16.97 27.27 32.61
C LEU F 108 -15.60 27.15 33.28
N GLU F 109 -15.13 25.92 33.46
CA GLU F 109 -13.96 25.64 34.30
C GLU F 109 -12.73 25.09 33.56
N HIS F 110 -12.94 24.30 32.50
CA HIS F 110 -11.83 23.75 31.72
C HIS F 110 -12.17 23.79 30.23
N PRO F 111 -12.27 25.00 29.67
CA PRO F 111 -12.71 25.15 28.28
C PRO F 111 -11.75 24.48 27.28
N GLU F 112 -10.52 24.22 27.70
CA GLU F 112 -9.56 23.57 26.81
C GLU F 112 -9.95 22.11 26.57
N MET F 113 -10.88 21.61 27.39
CA MET F 113 -11.32 20.24 27.28
C MET F 113 -12.67 20.12 26.57
N LEU F 114 -13.29 21.26 26.26
CA LEU F 114 -14.65 21.26 25.74
C LEU F 114 -14.78 20.50 24.42
N GLU F 115 -13.89 20.78 23.47
CA GLU F 115 -13.95 20.10 22.17
C GLU F 115 -13.93 18.55 22.28
N LYS F 116 -12.97 18.02 23.04
CA LYS F 116 -12.85 16.57 23.16
C LYS F 116 -13.99 15.96 23.97
N ALA F 117 -14.41 16.65 25.03
CA ALA F 117 -15.52 16.15 25.84
C ALA F 117 -16.79 16.05 25.00
N SER F 118 -17.05 17.06 24.19
CA SER F 118 -18.21 17.05 23.30
C SER F 118 -18.11 15.88 22.32
N ARG F 119 -16.96 15.75 21.68
CA ARG F 119 -16.76 14.68 20.69
C ARG F 119 -17.01 13.31 21.33
N GLU F 120 -16.53 13.10 22.56
CA GLU F 120 -16.69 11.78 23.19
C GLU F 120 -18.14 11.46 23.52
N LEU F 121 -18.93 12.49 23.83
CA LEU F 121 -20.35 12.29 24.08
C LEU F 121 -21.09 11.92 22.79
N TRP F 122 -20.76 12.59 21.69
CA TRP F 122 -21.28 12.20 20.40
C TRP F 122 -20.89 10.76 20.06
N MET F 123 -19.63 10.41 20.32
CA MET F 123 -19.18 9.05 20.04
C MET F 123 -20.01 8.00 20.77
N ARG F 124 -20.44 8.33 22.00
CA ARG F 124 -21.36 7.45 22.73
C ARG F 124 -22.72 7.38 22.05
N VAL F 125 -23.36 8.53 21.89
CA VAL F 125 -24.75 8.53 21.45
C VAL F 125 -24.94 8.24 19.96
N TRP F 126 -24.06 8.80 19.12
CA TRP F 126 -24.29 8.73 17.67
C TRP F 126 -23.27 7.87 16.92
N SER F 127 -22.47 7.10 17.67
CA SER F 127 -21.57 6.14 17.04
C SER F 127 -21.67 4.72 17.63
N ARG F 128 -21.53 4.60 18.95
CA ARG F 128 -21.64 3.29 19.61
C ARG F 128 -23.06 3.06 20.13
N ASN F 129 -23.85 4.14 20.10
CA ASN F 129 -25.23 4.08 20.51
C ASN F 129 -25.33 3.64 21.98
N GLU F 130 -24.49 4.26 22.80
CA GLU F 130 -24.46 4.05 24.25
C GLU F 130 -25.19 5.19 24.96
N ASP F 131 -25.68 4.91 26.16
CA ASP F 131 -26.43 5.90 26.94
C ASP F 131 -25.57 7.13 27.28
N ILE F 132 -26.22 8.29 27.35
CA ILE F 132 -25.55 9.52 27.81
C ILE F 132 -26.37 10.25 28.88
N THR F 133 -27.25 9.53 29.57
CA THR F 133 -28.11 10.13 30.58
C THR F 133 -27.63 9.79 31.98
N GLU F 134 -26.99 8.64 32.11
CA GLU F 134 -26.55 8.17 33.42
C GLU F 134 -25.22 8.79 33.79
N PRO F 135 -25.05 9.09 35.09
CA PRO F 135 -23.80 9.65 35.62
C PRO F 135 -22.60 8.87 35.13
N GLN F 136 -22.67 7.55 35.21
CA GLN F 136 -21.59 6.67 34.80
C GLN F 136 -21.23 6.88 33.33
N SER F 137 -22.26 7.02 32.50
CA SER F 137 -22.07 7.23 31.06
C SER F 137 -21.27 8.49 30.79
N ILE F 138 -21.69 9.59 31.40
CA ILE F 138 -21.03 10.88 31.22
C ILE F 138 -19.60 10.81 31.69
N LEU F 139 -19.37 10.16 32.83
CA LEU F 139 -18.04 10.05 33.39
C LEU F 139 -17.07 9.28 32.49
N ALA F 140 -17.53 8.19 31.88
CA ALA F 140 -16.73 7.43 30.92
C ALA F 140 -16.28 8.29 29.72
N ALA F 141 -17.22 9.09 29.18
CA ALA F 141 -16.89 9.96 28.07
C ALA F 141 -15.82 10.95 28.50
N ALA F 142 -16.00 11.55 29.67
CA ALA F 142 -15.08 12.55 30.20
C ALA F 142 -13.69 11.98 30.37
N GLU F 143 -13.61 10.74 30.83
CA GLU F 143 -12.32 10.11 31.01
C GLU F 143 -11.70 9.76 29.66
N LYS F 144 -12.51 9.26 28.73
CA LYS F 144 -12.02 9.00 27.38
C LYS F 144 -11.50 10.31 26.77
N ALA F 145 -12.07 11.43 27.21
CA ALA F 145 -11.67 12.74 26.70
C ALA F 145 -10.34 13.23 27.32
N GLY F 146 -9.85 12.53 28.33
CA GLY F 146 -8.56 12.88 28.92
C GLY F 146 -8.64 13.48 30.32
N MET F 147 -9.85 13.68 30.83
CA MET F 147 -10.02 14.23 32.16
C MET F 147 -9.72 13.21 33.26
N SER F 148 -9.22 13.68 34.40
CA SER F 148 -9.00 12.78 35.52
C SER F 148 -10.34 12.38 36.13
N ALA F 149 -10.39 11.21 36.75
CA ALA F 149 -11.60 10.74 37.40
C ALA F 149 -12.06 11.76 38.44
N GLU F 150 -11.10 12.43 39.07
CA GLU F 150 -11.40 13.44 40.08
C GLU F 150 -12.10 14.66 39.47
N GLN F 151 -11.57 15.14 38.35
CA GLN F 151 -12.16 16.28 37.64
C GLN F 151 -13.55 15.99 37.10
N ALA F 152 -13.69 14.90 36.35
CA ALA F 152 -14.97 14.55 35.77
C ALA F 152 -16.03 14.45 36.87
N GLN F 153 -15.70 13.73 37.93
CA GLN F 153 -16.64 13.61 39.04
C GLN F 153 -16.98 14.98 39.65
N GLY F 154 -15.97 15.81 39.87
CA GLY F 154 -16.19 17.16 40.33
C GLY F 154 -17.13 17.95 39.44
N LEU F 155 -16.83 17.99 38.15
CA LEU F 155 -17.66 18.72 37.20
C LEU F 155 -19.06 18.14 37.15
N LEU F 156 -19.19 16.84 37.37
CA LEU F 156 -20.50 16.20 37.30
C LEU F 156 -21.38 16.68 38.44
N GLU F 157 -20.80 16.83 39.61
CA GLU F 157 -21.51 17.34 40.78
C GLU F 157 -22.04 18.74 40.53
N LYS F 158 -21.38 19.46 39.63
CA LYS F 158 -21.77 20.84 39.32
C LYS F 158 -23.00 20.97 38.44
N ILE F 159 -23.42 19.91 37.74
CA ILE F 159 -24.59 20.03 36.87
C ILE F 159 -25.85 20.10 37.71
N ALA F 160 -25.70 19.88 39.01
CA ALA F 160 -26.80 20.03 39.95
C ALA F 160 -26.78 21.40 40.63
N THR F 161 -26.13 22.37 40.00
CA THR F 161 -25.97 23.71 40.59
C THR F 161 -26.62 24.80 39.76
N PRO F 162 -27.17 25.82 40.42
CA PRO F 162 -27.91 26.86 39.70
C PRO F 162 -27.07 27.56 38.61
N LYS F 163 -25.79 27.80 38.85
CA LYS F 163 -24.99 28.53 37.87
C LYS F 163 -24.83 27.74 36.57
N VAL F 164 -24.61 26.44 36.69
CA VAL F 164 -24.43 25.60 35.52
C VAL F 164 -25.74 25.48 34.76
N LYS F 165 -26.82 25.19 35.48
CA LYS F 165 -28.14 25.12 34.86
C LYS F 165 -28.50 26.44 34.18
N ASN F 166 -28.22 27.55 34.84
CA ASN F 166 -28.58 28.84 34.25
C ASN F 166 -27.76 29.17 33.02
N GLN F 167 -26.48 28.84 33.06
CA GLN F 167 -25.59 29.10 31.95
C GLN F 167 -26.06 28.38 30.68
N LEU F 168 -26.49 27.12 30.84
CA LEU F 168 -26.96 26.36 29.69
C LEU F 168 -28.22 27.01 29.10
N LYS F 169 -29.10 27.48 29.98
CA LYS F 169 -30.31 28.18 29.56
C LYS F 169 -29.98 29.48 28.85
N GLU F 170 -29.07 30.26 29.41
CA GLU F 170 -28.71 31.54 28.80
C GLU F 170 -28.02 31.37 27.43
N THR F 171 -27.20 30.34 27.30
CA THR F 171 -26.54 30.06 26.01
C THR F 171 -27.58 29.68 24.96
N THR F 172 -28.56 28.91 25.37
CA THR F 172 -29.64 28.51 24.47
C THR F 172 -30.50 29.72 24.08
N GLU F 173 -30.74 30.62 25.03
CA GLU F 173 -31.53 31.84 24.77
C GLU F 173 -30.80 32.74 23.79
N ALA F 174 -29.48 32.76 23.88
CA ALA F 174 -28.68 33.53 22.92
C ALA F 174 -28.87 32.96 21.52
N ALA F 175 -28.92 31.65 21.38
CA ALA F 175 -29.16 31.05 20.06
C ALA F 175 -30.52 31.52 19.53
N CYS F 176 -31.53 31.50 20.40
CA CYS F 176 -32.86 31.99 20.01
C CYS F 176 -32.86 33.45 19.55
N ARG F 177 -32.13 34.30 20.26
CA ARG F 177 -32.04 35.72 19.90
C ARG F 177 -31.32 35.93 18.57
N TYR F 178 -30.40 35.03 18.25
CA TYR F 178 -29.76 35.02 16.92
C TYR F 178 -30.69 34.48 15.84
N GLY F 179 -31.86 33.98 16.23
CA GLY F 179 -32.85 33.54 15.27
C GLY F 179 -33.00 32.02 15.11
N ALA F 180 -32.39 31.24 15.99
CA ALA F 180 -32.43 29.78 15.85
C ALA F 180 -33.84 29.20 15.92
N PHE F 181 -34.09 28.19 15.09
CA PHE F 181 -35.31 27.37 15.16
C PHE F 181 -34.88 25.91 15.25
N GLY F 182 -33.57 25.70 15.25
CA GLY F 182 -33.01 24.37 15.38
C GLY F 182 -31.52 24.47 15.49
N LEU F 183 -30.83 23.32 15.53
CA LEU F 183 -29.36 23.27 15.60
C LEU F 183 -28.80 22.35 14.52
N PRO F 184 -27.53 22.55 14.14
CA PRO F 184 -26.63 23.57 14.70
C PRO F 184 -26.87 24.94 14.07
N ILE F 185 -26.51 25.99 14.80
CA ILE F 185 -26.35 27.28 14.16
C ILE F 185 -24.93 27.80 14.36
N THR F 186 -24.43 28.47 13.34
CA THR F 186 -23.12 29.09 13.38
C THR F 186 -23.36 30.58 13.24
N VAL F 187 -22.74 31.37 14.10
CA VAL F 187 -22.90 32.82 14.03
C VAL F 187 -21.52 33.45 13.80
N ALA F 188 -21.35 34.09 12.65
CA ALA F 188 -20.06 34.67 12.30
C ALA F 188 -20.08 36.18 12.45
N HIS F 189 -19.08 36.73 13.15
CA HIS F 189 -18.94 38.18 13.31
C HIS F 189 -17.86 38.71 12.38
N VAL F 190 -18.27 39.40 11.32
CA VAL F 190 -17.31 39.81 10.30
C VAL F 190 -17.62 41.18 9.69
N ASP F 191 -16.58 42.01 9.55
CA ASP F 191 -16.70 43.33 8.93
C ASP F 191 -17.81 44.16 9.58
N GLY F 192 -17.99 44.00 10.89
CA GLY F 192 -19.02 44.75 11.60
C GLY F 192 -20.41 44.14 11.55
N GLN F 193 -20.56 43.07 10.75
CA GLN F 193 -21.86 42.42 10.62
C GLN F 193 -21.91 41.04 11.27
N THR F 194 -23.11 40.61 11.63
CA THR F 194 -23.34 39.30 12.21
C THR F 194 -24.19 38.44 11.26
N HIS F 195 -23.73 37.22 10.99
CA HIS F 195 -24.50 36.30 10.12
C HIS F 195 -24.79 35.01 10.86
N MET F 196 -26.07 34.61 10.92
CA MET F 196 -26.41 33.31 11.49
C MET F 196 -26.65 32.30 10.36
N LEU F 197 -25.96 31.16 10.40
CA LEU F 197 -26.12 30.13 9.37
C LEU F 197 -26.66 28.85 10.01
N PHE F 198 -27.72 28.29 9.44
CA PHE F 198 -28.30 27.06 9.99
C PHE F 198 -27.80 25.81 9.26
N GLY F 199 -27.40 24.79 10.02
CA GLY F 199 -27.09 23.49 9.43
C GLY F 199 -25.61 23.21 9.31
N SER F 200 -25.27 21.96 9.03
CA SER F 200 -23.88 21.58 8.81
C SER F 200 -23.51 21.82 7.35
N ASP F 201 -24.47 22.26 6.55
CA ASP F 201 -24.27 22.37 5.11
C ASP F 201 -24.18 23.83 4.65
N ARG F 202 -23.67 24.71 5.50
CA ARG F 202 -23.48 26.11 5.14
C ARG F 202 -22.02 26.53 5.37
N MET F 203 -21.13 25.56 5.57
CA MET F 203 -19.74 25.88 5.83
C MET F 203 -19.00 26.44 4.60
N GLU F 204 -19.38 26.00 3.39
CA GLU F 204 -18.78 26.60 2.20
C GLU F 204 -19.22 28.05 2.05
N LEU F 205 -20.47 28.33 2.37
CA LEU F 205 -20.97 29.70 2.36
C LEU F 205 -20.23 30.53 3.42
N LEU F 206 -19.97 29.92 4.57
CA LEU F 206 -19.19 30.61 5.60
C LEU F 206 -17.81 31.01 5.08
N ALA F 207 -17.13 30.08 4.39
CA ALA F 207 -15.84 30.39 3.77
C ALA F 207 -15.95 31.65 2.91
N HIS F 208 -16.98 31.69 2.07
CA HIS F 208 -17.24 32.85 1.18
C HIS F 208 -17.39 34.17 1.97
N LEU F 209 -18.28 34.16 2.95
CA LEU F 209 -18.47 35.30 3.85
C LEU F 209 -17.18 35.79 4.50
N LEU F 210 -16.30 34.87 4.85
CA LEU F 210 -15.08 35.19 5.57
C LEU F 210 -13.96 35.57 4.61
N GLY F 211 -14.16 35.34 3.33
CA GLY F 211 -13.10 35.46 2.36
C GLY F 211 -11.99 34.44 2.57
N GLU F 212 -12.37 33.24 3.02
CA GLU F 212 -11.43 32.14 3.24
C GLU F 212 -11.59 31.09 2.15
N LYS F 213 -10.58 30.25 1.96
CA LYS F 213 -10.68 29.21 0.93
C LYS F 213 -11.38 27.95 1.45
N TRP F 214 -12.42 27.53 0.74
CA TRP F 214 -13.07 26.26 1.04
C TRP F 214 -12.26 25.16 0.40
N MET F 215 -11.89 24.17 1.20
CA MET F 215 -11.13 23.02 0.72
C MET F 215 -11.87 21.71 0.98
N GLY F 216 -13.19 21.81 1.09
CA GLY F 216 -14.02 20.64 1.35
C GLY F 216 -14.18 20.39 2.84
N PRO F 217 -14.97 19.37 3.20
CA PRO F 217 -15.24 19.03 4.62
C PRO F 217 -14.02 18.41 5.33
N ILE F 218 -13.03 17.96 4.57
CA ILE F 218 -11.81 17.40 5.15
C ILE F 218 -10.58 18.13 4.60
N PRO F 219 -10.34 19.34 5.10
CA PRO F 219 -9.21 20.11 4.56
C PRO F 219 -7.88 19.54 5.05
N PRO F 220 -6.81 19.72 4.27
CA PRO F 220 -5.43 19.39 4.70
C PRO F 220 -4.96 20.31 5.83
N ALA F 221 -3.91 19.90 6.53
CA ALA F 221 -3.32 20.74 7.58
C ALA F 221 -2.46 21.85 6.97
#